data_4AY9
#
_entry.id   4AY9
#
_cell.length_a   70.716
_cell.length_b   95.478
_cell.length_c   95.675
_cell.angle_alpha   60.30
_cell.angle_beta   80.02
_cell.angle_gamma   75.35
#
_symmetry.space_group_name_H-M   'P 1'
#
loop_
_entity.id
_entity.type
_entity.pdbx_description
1 polymer 'GLYCOPROTEIN HORMONES, ALPHA POLYPEPTIDE'
2 polymer 'FOLLITROPIN SUBUNIT BETA'
3 polymer 'FOLLICLE-STIMULATING HORMONE RECEPTOR'
4 non-polymer 2-acetamido-2-deoxy-beta-D-glucopyranose
5 water water
#
loop_
_entity_poly.entity_id
_entity_poly.type
_entity_poly.pdbx_seq_one_letter_code
_entity_poly.pdbx_strand_id
1 'polypeptide(L)'
;APDVQDCPECTLQENPLFSQPGAPILQCMGCCFSRAYPTPLRSKKTMLVQKNVTSESTCCVAKSYNRVTVMGGFKVENHT
ACHCSTCYYHKS
;
A,D,G
2 'polypeptide(L)'
;NSCELTNITIAIEKEECRFCISINTTWCAGYCYTRDLVYKDPARPKIQKTCTFKELVYETVRVPGCAHHADSLYTYPVAT
QCHCGKCDSDSTDCTVRGLGPSYCSFGEMKE
;
B,E,H
3 'polypeptide(L)'
;GCHHRICHCSNRVFLCQESKVTEIPSDLPRNAIELRFVLTKLRVIQKGAFSGFGDLEKIEISQNDVLEVIEADVFSNLPK
LHEIRIEKANNLLYINPEAFQNLPNLQYLLISNTGIKHLPDVHKIHSLQKVLLDIQDNINIHTIERNSFVGLSFESVILW
LNKNGIQEIHNSAFNGTQLDELNLSDNNNLEELPNDVFHGASGPVILDISRTRIHSLPSYGLENLKKLRARSTYNLKKLP
TLEKLVALMEASLTYPSHCCAFANWRRQISELHPICNKSILRQEVDYMTQARGQRSSLAEDNESSYSRGFDMTYTEFD
(TYS)DLCNEVVDVTCSPKPDAFNPCEDIMGYNILR
;
X,Y,Z
#
loop_
_chem_comp.id
_chem_comp.type
_chem_comp.name
_chem_comp.formula
NAG D-saccharide, beta linking 2-acetamido-2-deoxy-beta-D-glucopyranose 'C8 H15 N O6'
#
# COMPACT_ATOMS: atom_id res chain seq x y z
N GLN A 5 -7.62 -20.33 42.85
CA GLN A 5 -8.46 -21.17 41.95
C GLN A 5 -9.92 -20.83 42.18
N ASP A 6 -10.32 -20.71 43.44
CA ASP A 6 -11.56 -20.05 43.78
C ASP A 6 -11.40 -18.62 43.30
N CYS A 7 -12.20 -18.20 42.32
CA CYS A 7 -12.15 -16.82 41.84
C CYS A 7 -13.37 -16.08 42.40
N PRO A 8 -13.17 -15.33 43.49
CA PRO A 8 -14.28 -14.72 44.22
C PRO A 8 -15.14 -13.87 43.31
N GLU A 9 -16.46 -13.90 43.50
CA GLU A 9 -17.35 -13.13 42.67
C GLU A 9 -17.10 -11.63 42.83
N CYS A 10 -17.38 -10.89 41.78
CA CYS A 10 -17.24 -9.44 41.76
C CYS A 10 -18.14 -8.87 42.86
N THR A 11 -17.55 -8.05 43.74
CA THR A 11 -18.27 -7.58 44.91
C THR A 11 -17.56 -6.40 45.59
N LEU A 12 -18.30 -5.70 46.45
CA LEU A 12 -17.79 -4.50 47.12
C LEU A 12 -16.74 -4.85 48.15
N GLN A 13 -15.68 -4.05 48.23
CA GLN A 13 -14.67 -4.28 49.25
C GLN A 13 -13.91 -3.02 49.61
N GLU A 14 -12.88 -3.19 50.42
CA GLU A 14 -12.32 -2.06 51.16
C GLU A 14 -10.99 -1.63 50.60
N ASN A 15 -10.95 -0.40 50.10
CA ASN A 15 -9.74 0.14 49.47
C ASN A 15 -8.64 0.40 50.51
N PRO A 16 -7.53 -0.33 50.40
CA PRO A 16 -6.48 -0.22 51.40
C PRO A 16 -5.94 1.21 51.53
N LEU A 17 -5.65 1.87 50.42
CA LEU A 17 -5.23 3.26 50.51
C LEU A 17 -6.34 4.09 51.16
N PHE A 18 -6.95 4.92 50.33
CA PHE A 18 -7.97 5.89 50.70
C PHE A 18 -8.86 5.62 51.93
N SER A 19 -8.81 4.41 52.49
CA SER A 19 -9.67 4.07 53.62
C SER A 19 -9.13 4.57 54.96
N GLN A 20 -10.04 5.04 55.81
CA GLN A 20 -9.71 5.35 57.19
C GLN A 20 -10.71 4.66 58.10
N PRO A 21 -10.33 4.41 59.36
CA PRO A 21 -11.26 3.84 60.32
C PRO A 21 -12.51 4.70 60.46
N GLY A 22 -13.68 4.08 60.35
CA GLY A 22 -14.94 4.81 60.46
C GLY A 22 -15.30 5.49 59.16
N ALA A 23 -14.32 5.61 58.26
CA ALA A 23 -14.57 6.17 56.94
C ALA A 23 -13.83 5.36 55.87
N PRO A 24 -14.32 4.14 55.60
CA PRO A 24 -13.74 3.35 54.55
C PRO A 24 -14.24 3.83 53.20
N ILE A 25 -13.56 3.49 52.12
CA ILE A 25 -14.17 3.66 50.80
C ILE A 25 -14.25 2.33 50.07
N LEU A 26 -15.43 2.08 49.53
CA LEU A 26 -15.74 0.80 48.93
C LEU A 26 -15.50 0.78 47.42
N GLN A 27 -14.93 -0.33 46.96
CA GLN A 27 -14.50 -0.50 45.59
C GLN A 27 -14.95 -1.85 45.04
N CYS A 28 -15.60 -1.85 43.88
CA CYS A 28 -15.91 -3.10 43.19
C CYS A 28 -14.63 -3.85 42.82
N MET A 29 -14.59 -5.14 43.14
CA MET A 29 -13.50 -5.98 42.68
C MET A 29 -13.88 -7.44 42.85
N GLY A 30 -13.29 -8.32 42.05
CA GLY A 30 -13.76 -9.69 41.94
C GLY A 30 -13.52 -10.31 40.58
N CYS A 31 -14.35 -11.27 40.23
CA CYS A 31 -14.14 -12.07 39.04
C CYS A 31 -15.42 -12.11 38.24
N CYS A 32 -15.26 -12.20 36.92
CA CYS A 32 -16.37 -12.25 36.00
C CYS A 32 -16.04 -13.22 34.89
N PHE A 33 -17.07 -13.77 34.27
CA PHE A 33 -16.89 -14.76 33.21
C PHE A 33 -16.54 -14.13 31.87
N SER A 34 -15.55 -14.74 31.20
CA SER A 34 -15.13 -14.31 29.87
C SER A 34 -14.63 -15.52 29.09
N ARG A 35 -14.80 -15.50 27.78
CA ARG A 35 -14.41 -16.64 26.96
C ARG A 35 -13.98 -16.23 25.56
N ALA A 36 -13.45 -17.20 24.80
CA ALA A 36 -13.06 -16.99 23.42
C ALA A 36 -13.38 -18.21 22.56
N TYR A 37 -13.59 -17.99 21.29
CA TYR A 37 -13.96 -19.06 20.37
C TYR A 37 -13.89 -18.55 18.94
N PRO A 38 -13.78 -19.45 17.97
CA PRO A 38 -13.65 -18.98 16.60
C PRO A 38 -14.87 -18.20 16.13
N THR A 39 -14.61 -17.08 15.46
CA THR A 39 -15.65 -16.24 14.90
C THR A 39 -16.47 -17.01 13.88
N PRO A 40 -17.77 -17.15 14.12
CA PRO A 40 -18.62 -17.87 13.18
C PRO A 40 -18.67 -17.12 11.85
N LEU A 41 -18.84 -17.84 10.75
CA LEU A 41 -18.82 -17.19 9.44
C LEU A 41 -19.82 -16.05 9.37
N ARG A 42 -21.03 -16.31 9.83
CA ARG A 42 -22.10 -15.33 9.73
C ARG A 42 -21.63 -13.98 10.26
N SER A 43 -20.78 -14.00 11.27
CA SER A 43 -20.23 -12.76 11.80
C SER A 43 -19.20 -12.20 10.84
N LYS A 44 -18.38 -13.07 10.27
CA LYS A 44 -17.32 -12.64 9.36
C LYS A 44 -17.90 -11.86 8.18
N LYS A 45 -19.12 -12.20 7.77
CA LYS A 45 -19.81 -11.47 6.72
C LYS A 45 -19.97 -10.00 7.07
N THR A 46 -20.08 -9.69 8.35
CA THR A 46 -20.39 -8.33 8.79
C THR A 46 -19.15 -7.52 9.14
N MET A 47 -17.97 -8.11 9.04
CA MET A 47 -16.75 -7.41 9.45
C MET A 47 -15.94 -6.94 8.24
N LEU A 48 -15.60 -5.66 8.23
CA LEU A 48 -14.74 -5.12 7.19
C LEU A 48 -13.30 -5.51 7.47
N VAL A 49 -12.96 -5.65 8.75
CA VAL A 49 -11.64 -6.10 9.13
C VAL A 49 -11.77 -7.46 9.80
N GLN A 50 -11.30 -8.51 9.13
CA GLN A 50 -11.54 -9.87 9.60
C GLN A 50 -10.81 -10.17 10.90
N LYS A 51 -11.54 -10.78 11.82
CA LYS A 51 -11.01 -11.31 13.06
C LYS A 51 -11.58 -12.71 13.21
N ASN A 52 -10.71 -13.72 13.14
CA ASN A 52 -11.14 -15.12 13.20
C ASN A 52 -11.38 -15.61 14.61
N VAL A 53 -10.90 -14.86 15.58
CA VAL A 53 -11.17 -15.17 16.97
C VAL A 53 -12.12 -14.13 17.54
N THR A 54 -13.16 -14.61 18.20
CA THR A 54 -14.10 -13.74 18.90
C THR A 54 -13.85 -13.90 20.40
N SER A 55 -13.99 -12.81 21.14
CA SER A 55 -13.80 -12.85 22.57
C SER A 55 -14.95 -12.15 23.27
N GLU A 56 -15.63 -12.86 24.16
CA GLU A 56 -16.74 -12.29 24.92
C GLU A 56 -16.24 -12.06 26.32
N SER A 57 -16.26 -10.83 26.78
CA SER A 57 -15.80 -10.60 28.14
C SER A 57 -16.66 -9.60 28.91
N THR A 58 -16.54 -9.70 30.22
CA THR A 58 -17.23 -8.81 31.11
C THR A 58 -16.31 -8.56 32.31
N CYS A 59 -16.40 -7.36 32.87
CA CYS A 59 -15.51 -6.92 33.91
C CYS A 59 -16.25 -6.48 35.17
N CYS A 60 -15.54 -6.43 36.30
CA CYS A 60 -16.14 -6.06 37.57
C CYS A 60 -16.13 -4.55 37.74
N VAL A 61 -17.29 -3.92 37.60
CA VAL A 61 -17.35 -2.46 37.70
C VAL A 61 -18.51 -1.96 38.58
N ALA A 62 -18.34 -0.74 39.08
CA ALA A 62 -19.35 -0.07 39.89
C ALA A 62 -20.65 0.17 39.14
N LYS A 63 -21.74 -0.39 39.64
CA LYS A 63 -23.06 -0.10 39.09
C LYS A 63 -23.54 1.27 39.55
N SER A 64 -23.03 1.72 40.69
CA SER A 64 -23.33 3.06 41.21
C SER A 64 -22.29 3.45 42.23
N TYR A 65 -22.18 4.74 42.52
CA TYR A 65 -21.18 5.22 43.46
C TYR A 65 -21.47 6.65 43.94
N ASN A 66 -20.83 7.06 45.02
CA ASN A 66 -20.92 8.42 45.50
C ASN A 66 -19.54 9.08 45.49
N ARG A 67 -19.46 10.27 44.91
CA ARG A 67 -18.22 11.03 44.89
C ARG A 67 -17.91 11.63 46.25
N VAL A 68 -16.70 11.38 46.76
CA VAL A 68 -16.29 11.97 48.02
C VAL A 68 -14.88 12.53 47.93
N THR A 69 -14.53 13.40 48.86
CA THR A 69 -13.17 13.91 48.97
C THR A 69 -12.57 13.46 50.29
N VAL A 70 -11.36 12.90 50.23
CA VAL A 70 -10.76 12.31 51.40
C VAL A 70 -9.28 12.71 51.53
N MET A 71 -8.67 12.30 52.64
CA MET A 71 -7.21 12.32 52.81
C MET A 71 -6.52 13.68 52.68
N GLY A 72 -7.21 14.68 52.15
CA GLY A 72 -6.58 15.97 51.94
C GLY A 72 -6.93 16.62 50.62
N GLY A 73 -7.86 16.03 49.89
CA GLY A 73 -8.33 16.63 48.64
C GLY A 73 -8.51 15.68 47.47
N PHE A 74 -8.26 14.39 47.68
CA PHE A 74 -8.42 13.42 46.61
C PHE A 74 -9.89 13.14 46.31
N LYS A 75 -10.28 13.44 45.08
CA LYS A 75 -11.60 13.09 44.61
C LYS A 75 -11.61 11.61 44.26
N VAL A 76 -12.38 10.83 45.01
CA VAL A 76 -12.46 9.41 44.72
C VAL A 76 -13.91 9.03 44.66
N GLU A 77 -14.21 7.89 44.04
CA GLU A 77 -15.55 7.39 44.13
C GLU A 77 -15.63 6.33 45.22
N ASN A 78 -16.78 6.31 45.87
CA ASN A 78 -17.05 5.37 46.92
C ASN A 78 -18.14 4.49 46.36
N HIS A 79 -17.79 3.27 46.00
CA HIS A 79 -18.71 2.41 45.24
C HIS A 79 -19.81 1.83 46.10
N THR A 80 -21.05 2.04 45.67
CA THR A 80 -22.20 1.54 46.42
C THR A 80 -22.78 0.22 45.86
N ALA A 81 -22.38 -0.16 44.66
CA ALA A 81 -22.84 -1.44 44.08
C ALA A 81 -21.94 -1.92 42.93
N CYS A 82 -21.99 -3.23 42.65
CA CYS A 82 -21.07 -3.87 41.71
C CYS A 82 -21.79 -4.84 40.78
N HIS A 83 -21.38 -4.89 39.51
CA HIS A 83 -21.81 -5.96 38.61
C HIS A 83 -20.74 -6.26 37.55
N CYS A 84 -20.96 -7.35 36.83
CA CYS A 84 -20.10 -7.73 35.72
C CYS A 84 -20.69 -7.11 34.47
N SER A 85 -19.96 -6.16 33.89
CA SER A 85 -20.48 -5.40 32.77
C SER A 85 -19.38 -5.09 31.76
N THR A 86 -19.67 -4.18 30.83
CA THR A 86 -18.81 -3.94 29.71
C THR A 86 -17.36 -3.63 30.07
N CYS A 87 -16.43 -4.40 29.49
CA CYS A 87 -15.01 -4.10 29.61
C CYS A 87 -14.61 -2.99 28.65
N TYR A 88 -14.04 -1.92 29.18
CA TYR A 88 -13.60 -0.78 28.39
C TYR A 88 -12.10 -0.89 28.14
N TYR A 89 -11.36 -1.43 29.12
CA TYR A 89 -9.90 -1.34 29.11
C TYR A 89 -9.15 -2.66 28.90
N HIS A 90 -9.82 -3.65 28.30
CA HIS A 90 -9.23 -4.97 28.15
C HIS A 90 -8.51 -5.25 26.84
N LYS A 91 -8.20 -4.20 26.05
CA LYS A 91 -7.66 -4.39 24.71
C LYS A 91 -6.26 -3.83 24.54
N SER A 92 -5.57 -4.34 23.52
CA SER A 92 -4.20 -3.92 23.23
C SER A 92 -4.06 -2.39 23.05
N ASN B 1 -7.25 -15.81 37.78
CA ASN B 1 -7.39 -17.11 38.48
C ASN B 1 -7.79 -18.23 37.51
N SER B 2 -9.06 -18.60 37.46
CA SER B 2 -9.49 -19.71 36.60
C SER B 2 -9.86 -19.30 35.18
N CYS B 3 -8.92 -19.49 34.26
CA CYS B 3 -9.17 -19.37 32.83
C CYS B 3 -8.49 -20.56 32.20
N GLU B 4 -9.25 -21.55 31.76
CA GLU B 4 -8.65 -22.80 31.35
C GLU B 4 -9.14 -23.33 30.01
N LEU B 5 -8.24 -24.07 29.34
CA LEU B 5 -8.59 -24.74 28.12
C LEU B 5 -9.83 -25.55 28.39
N THR B 6 -10.80 -25.47 27.50
CA THR B 6 -12.00 -26.27 27.63
C THR B 6 -12.52 -26.64 26.25
N ASN B 7 -13.00 -27.87 26.11
CA ASN B 7 -13.56 -28.32 24.86
C ASN B 7 -14.79 -27.57 24.53
N ILE B 8 -14.92 -27.23 23.27
CA ILE B 8 -16.16 -26.65 22.81
C ILE B 8 -16.52 -27.24 21.46
N THR B 9 -17.71 -26.91 21.01
CA THR B 9 -18.22 -27.38 19.74
C THR B 9 -18.49 -26.18 18.86
N ILE B 10 -17.93 -26.15 17.66
CA ILE B 10 -18.15 -25.01 16.78
C ILE B 10 -18.94 -25.40 15.55
N ALA B 11 -19.37 -24.39 14.81
CA ALA B 11 -20.21 -24.61 13.65
C ALA B 11 -19.53 -24.05 12.41
N ILE B 12 -19.27 -24.91 11.44
CA ILE B 12 -18.69 -24.50 10.19
C ILE B 12 -19.81 -24.42 9.17
N GLU B 13 -20.10 -23.20 8.75
CA GLU B 13 -21.25 -22.91 7.90
C GLU B 13 -20.86 -23.05 6.44
N LYS B 14 -21.48 -23.99 5.73
CA LYS B 14 -21.30 -24.06 4.29
C LYS B 14 -22.47 -23.35 3.64
N GLU B 15 -22.23 -22.13 3.17
CA GLU B 15 -23.32 -21.26 2.77
C GLU B 15 -24.05 -21.78 1.54
N GLU B 16 -23.29 -22.34 0.60
CA GLU B 16 -23.88 -22.82 -0.65
C GLU B 16 -24.71 -24.09 -0.45
N CYS B 17 -24.43 -24.84 0.63
CA CYS B 17 -25.18 -26.08 0.87
C CYS B 17 -26.23 -25.97 1.97
N ARG B 18 -26.46 -24.76 2.46
CA ARG B 18 -27.53 -24.51 3.43
C ARG B 18 -27.49 -25.44 4.64
N PHE B 19 -26.28 -25.79 5.08
CA PHE B 19 -26.11 -26.52 6.32
C PHE B 19 -24.77 -26.21 6.97
N CYS B 20 -24.66 -26.59 8.23
CA CYS B 20 -23.43 -26.39 8.99
C CYS B 20 -23.00 -27.73 9.55
N ILE B 21 -21.71 -27.89 9.80
CA ILE B 21 -21.24 -29.10 10.45
C ILE B 21 -20.61 -28.73 11.78
N SER B 22 -20.66 -29.66 12.72
CA SER B 22 -20.17 -29.40 14.07
C SER B 22 -18.80 -30.03 14.24
N ILE B 23 -17.94 -29.38 14.99
CA ILE B 23 -16.61 -29.90 15.24
C ILE B 23 -16.20 -29.61 16.66
N ASN B 24 -15.68 -30.62 17.35
CA ASN B 24 -15.15 -30.39 18.67
C ASN B 24 -13.74 -29.86 18.55
N THR B 25 -13.45 -28.83 19.33
CA THR B 25 -12.12 -28.27 19.38
C THR B 25 -11.89 -27.70 20.76
N THR B 26 -10.77 -27.02 20.94
CA THR B 26 -10.36 -26.57 22.26
C THR B 26 -10.16 -25.07 22.33
N TRP B 27 -10.91 -24.41 23.22
CA TRP B 27 -10.79 -22.96 23.35
C TRP B 27 -10.74 -22.52 24.82
N CYS B 28 -10.85 -21.21 25.05
CA CYS B 28 -10.72 -20.66 26.40
C CYS B 28 -12.07 -20.32 27.00
N ALA B 29 -12.18 -20.47 28.31
CA ALA B 29 -13.34 -20.01 29.06
C ALA B 29 -13.01 -19.98 30.54
N GLY B 30 -13.69 -19.14 31.30
CA GLY B 30 -13.43 -19.08 32.73
C GLY B 30 -13.60 -17.72 33.35
N TYR B 31 -12.91 -17.51 34.46
CA TYR B 31 -13.05 -16.29 35.26
C TYR B 31 -11.71 -15.59 35.48
N CYS B 32 -11.73 -14.28 35.31
CA CYS B 32 -10.56 -13.45 35.55
C CYS B 32 -10.92 -12.41 36.60
N TYR B 33 -9.91 -11.78 37.17
CA TYR B 33 -10.08 -10.85 38.28
C TYR B 33 -9.86 -9.43 37.83
N THR B 34 -10.83 -8.57 38.12
CA THR B 34 -10.70 -7.17 37.78
C THR B 34 -11.13 -6.24 38.93
N ARG B 35 -10.46 -5.09 39.02
CA ARG B 35 -10.84 -4.01 39.94
C ARG B 35 -11.40 -2.87 39.13
N ASP B 36 -12.27 -2.09 39.75
CA ASP B 36 -12.72 -0.85 39.15
C ASP B 36 -12.15 0.28 40.00
N LEU B 37 -11.17 1.00 39.45
CA LEU B 37 -10.45 2.02 40.18
C LEU B 37 -11.37 3.06 40.82
N VAL B 38 -11.00 3.43 42.04
CA VAL B 38 -11.75 4.41 42.82
C VAL B 38 -11.24 5.82 42.54
N TYR B 39 -9.93 5.95 42.34
CA TYR B 39 -9.32 7.24 42.01
C TYR B 39 -9.10 7.35 40.50
N LYS B 40 -9.80 8.28 39.85
CA LYS B 40 -9.78 8.36 38.39
C LYS B 40 -8.69 9.27 37.81
N ASP B 41 -7.46 9.11 38.27
CA ASP B 41 -6.30 9.79 37.68
C ASP B 41 -6.12 9.37 36.23
N PRO B 42 -5.86 10.35 35.33
CA PRO B 42 -5.68 10.08 33.90
C PRO B 42 -4.47 9.18 33.62
N ALA B 43 -3.46 9.24 34.49
CA ALA B 43 -2.26 8.44 34.32
C ALA B 43 -2.36 7.04 34.93
N ARG B 44 -3.49 6.76 35.59
CA ARG B 44 -3.88 5.38 35.97
C ARG B 44 -2.71 4.52 36.48
N PRO B 45 -2.59 3.26 36.00
CA PRO B 45 -3.26 2.49 34.95
C PRO B 45 -4.63 1.87 35.22
N LYS B 46 -5.50 1.97 34.21
CA LYS B 46 -6.75 1.24 34.11
C LYS B 46 -6.52 0.07 33.16
N ILE B 47 -6.40 -1.14 33.71
CA ILE B 47 -6.21 -2.31 32.86
C ILE B 47 -7.16 -3.38 33.31
N GLN B 48 -7.79 -4.04 32.33
CA GLN B 48 -8.63 -5.18 32.64
C GLN B 48 -8.18 -6.39 31.84
N LYS B 49 -8.24 -7.56 32.47
CA LYS B 49 -7.87 -8.78 31.80
C LYS B 49 -9.13 -9.54 31.46
N THR B 50 -9.03 -10.42 30.47
CA THR B 50 -10.14 -11.27 30.09
C THR B 50 -9.55 -12.65 29.80
N CYS B 51 -10.40 -13.66 29.66
CA CYS B 51 -9.90 -15.01 29.42
C CYS B 51 -9.82 -15.29 27.92
N THR B 52 -8.60 -15.37 27.39
CA THR B 52 -8.41 -15.57 25.96
C THR B 52 -7.19 -16.45 25.62
N PHE B 53 -6.94 -16.65 24.34
CA PHE B 53 -5.85 -17.53 23.91
C PHE B 53 -4.48 -16.88 24.10
N LYS B 54 -3.54 -17.61 24.71
CA LYS B 54 -2.15 -17.16 24.80
C LYS B 54 -1.36 -17.65 23.59
N GLU B 55 -1.73 -18.83 23.08
CA GLU B 55 -1.16 -19.34 21.84
C GLU B 55 -2.26 -20.07 21.10
N LEU B 56 -2.17 -20.07 19.77
CA LEU B 56 -3.07 -20.88 18.96
C LEU B 56 -2.41 -21.43 17.69
N VAL B 57 -3.00 -22.49 17.14
CA VAL B 57 -2.57 -23.05 15.86
C VAL B 57 -3.83 -23.17 15.00
N TYR B 58 -3.65 -23.18 13.68
CA TYR B 58 -4.78 -23.38 12.79
C TYR B 58 -4.86 -24.84 12.36
N GLU B 59 -6.07 -25.35 12.26
CA GLU B 59 -6.29 -26.70 11.76
C GLU B 59 -7.23 -26.62 10.57
N THR B 60 -7.08 -27.55 9.64
CA THR B 60 -7.88 -27.54 8.44
C THR B 60 -8.78 -28.76 8.41
N VAL B 61 -9.96 -28.60 7.83
CA VAL B 61 -10.95 -29.65 7.88
C VAL B 61 -11.76 -29.73 6.58
N ARG B 62 -12.16 -30.95 6.23
CA ARG B 62 -12.92 -31.21 5.01
C ARG B 62 -14.40 -31.00 5.25
N VAL B 63 -15.01 -30.14 4.45
CA VAL B 63 -16.42 -29.84 4.62
C VAL B 63 -17.22 -30.40 3.46
N PRO B 64 -18.12 -31.35 3.75
CA PRO B 64 -18.94 -31.98 2.75
C PRO B 64 -19.68 -30.95 1.91
N GLY B 65 -19.82 -31.24 0.62
CA GLY B 65 -20.68 -30.46 -0.24
C GLY B 65 -22.00 -31.19 -0.39
N CYS B 66 -22.90 -30.61 -1.17
CA CYS B 66 -24.18 -31.23 -1.47
C CYS B 66 -24.24 -31.46 -2.96
N ALA B 67 -25.35 -31.99 -3.45
CA ALA B 67 -25.54 -32.11 -4.88
C ALA B 67 -25.31 -30.74 -5.51
N HIS B 68 -24.49 -30.70 -6.56
CA HIS B 68 -24.23 -29.46 -7.31
C HIS B 68 -23.29 -28.49 -6.61
N HIS B 69 -22.62 -28.94 -5.55
CA HIS B 69 -21.49 -28.18 -5.01
C HIS B 69 -20.41 -29.10 -4.49
N ALA B 70 -19.17 -28.81 -4.87
CA ALA B 70 -18.02 -29.60 -4.46
C ALA B 70 -17.83 -29.47 -2.95
N ASP B 71 -17.24 -30.49 -2.34
CA ASP B 71 -16.82 -30.38 -0.96
C ASP B 71 -15.69 -29.36 -0.93
N SER B 72 -15.32 -28.88 0.25
CA SER B 72 -14.32 -27.84 0.35
C SER B 72 -13.49 -27.96 1.62
N LEU B 73 -12.58 -27.01 1.80
CA LEU B 73 -11.73 -26.98 2.98
C LEU B 73 -11.95 -25.71 3.78
N TYR B 74 -12.05 -25.84 5.09
CA TYR B 74 -12.17 -24.70 5.97
C TYR B 74 -11.07 -24.75 7.03
N THR B 75 -10.38 -23.63 7.21
CA THR B 75 -9.31 -23.55 8.19
C THR B 75 -9.75 -22.69 9.36
N TYR B 76 -9.57 -23.20 10.57
CA TYR B 76 -10.04 -22.49 11.75
C TYR B 76 -9.00 -22.56 12.86
N PRO B 77 -9.03 -21.57 13.77
CA PRO B 77 -8.03 -21.46 14.82
C PRO B 77 -8.39 -22.32 16.02
N VAL B 78 -7.36 -22.85 16.67
CA VAL B 78 -7.49 -23.75 17.79
C VAL B 78 -6.53 -23.29 18.86
N ALA B 79 -6.96 -23.29 20.11
CA ALA B 79 -6.17 -22.71 21.19
C ALA B 79 -5.26 -23.75 21.82
N THR B 80 -3.97 -23.42 21.91
CA THR B 80 -2.98 -24.26 22.55
C THR B 80 -2.92 -23.93 24.04
N GLN B 81 -2.80 -22.64 24.34
CA GLN B 81 -2.59 -22.16 25.70
C GLN B 81 -3.64 -21.09 26.00
N CYS B 82 -4.04 -20.98 27.27
CA CYS B 82 -5.05 -20.01 27.67
C CYS B 82 -4.53 -19.16 28.82
N HIS B 83 -4.92 -17.89 28.87
CA HIS B 83 -4.56 -17.08 30.02
C HIS B 83 -5.45 -15.85 30.22
N CYS B 84 -5.31 -15.26 31.41
CA CYS B 84 -6.00 -14.01 31.74
C CYS B 84 -5.11 -12.85 31.33
N GLY B 85 -5.49 -12.17 30.26
CA GLY B 85 -4.65 -11.10 29.76
C GLY B 85 -5.41 -10.14 28.87
N LYS B 86 -4.65 -9.32 28.13
CA LYS B 86 -5.26 -8.38 27.24
C LYS B 86 -5.83 -9.11 26.05
N CYS B 87 -7.01 -8.70 25.64
CA CYS B 87 -7.63 -9.20 24.43
C CYS B 87 -6.89 -8.58 23.25
N ASP B 88 -6.32 -9.39 22.37
CA ASP B 88 -5.48 -8.86 21.30
C ASP B 88 -6.29 -8.54 20.06
N SER B 89 -6.46 -7.25 19.79
CA SER B 89 -7.40 -6.80 18.75
C SER B 89 -6.89 -6.93 17.30
N ASP B 90 -5.59 -7.16 17.11
CA ASP B 90 -5.08 -7.49 15.77
C ASP B 90 -5.72 -8.78 15.29
N SER B 91 -5.80 -9.78 16.17
CA SER B 91 -6.35 -11.09 15.82
C SER B 91 -7.81 -11.27 16.21
N THR B 92 -8.23 -10.58 17.27
CA THR B 92 -9.47 -10.91 17.93
C THR B 92 -10.53 -9.82 17.90
N ASP B 93 -11.78 -10.26 17.84
CA ASP B 93 -12.93 -9.36 17.96
C ASP B 93 -13.31 -9.24 19.43
N CYS B 94 -12.91 -8.15 20.06
CA CYS B 94 -13.10 -7.98 21.50
C CYS B 94 -14.47 -7.33 21.78
N THR B 95 -15.43 -8.13 22.21
CA THR B 95 -16.79 -7.64 22.42
C THR B 95 -17.39 -8.17 23.73
N VAL B 96 -18.64 -7.81 23.97
CA VAL B 96 -19.35 -8.29 25.14
C VAL B 96 -19.93 -9.65 24.81
N ARG B 97 -20.79 -9.70 23.80
CA ARG B 97 -21.26 -10.99 23.29
C ARG B 97 -21.05 -11.10 21.77
N GLY B 98 -20.68 -12.30 21.34
CA GLY B 98 -20.71 -12.63 19.91
C GLY B 98 -21.91 -13.54 19.66
N LEU B 99 -21.99 -14.13 18.47
CA LEU B 99 -23.13 -14.98 18.16
C LEU B 99 -23.03 -16.34 18.84
N GLY B 100 -21.89 -16.60 19.47
CA GLY B 100 -21.64 -17.91 20.09
C GLY B 100 -20.96 -18.86 19.10
N PRO B 101 -20.09 -19.74 19.63
CA PRO B 101 -19.23 -20.59 18.80
C PRO B 101 -19.99 -21.53 17.88
N SER B 102 -21.15 -22.02 18.31
CA SER B 102 -21.88 -23.01 17.55
C SER B 102 -23.03 -22.40 16.77
N TYR B 103 -22.98 -21.09 16.54
CA TYR B 103 -24.05 -20.45 15.78
C TYR B 103 -24.07 -20.93 14.34
N CYS B 104 -25.27 -21.19 13.83
CA CYS B 104 -25.47 -21.59 12.44
C CYS B 104 -26.72 -20.93 11.89
N SER B 105 -26.63 -20.40 10.68
CA SER B 105 -27.75 -19.69 10.06
C SER B 105 -28.90 -20.62 9.67
N PHE B 106 -28.63 -21.92 9.63
CA PHE B 106 -29.63 -22.88 9.17
C PHE B 106 -30.07 -23.84 10.28
N GLY B 107 -29.64 -23.56 11.51
CA GLY B 107 -30.00 -24.40 12.65
C GLY B 107 -30.25 -23.61 13.92
N VAL C 4 -25.59 39.39 -11.12
CA VAL C 4 -25.67 40.80 -10.63
C VAL C 4 -24.35 41.33 -10.05
N GLN C 5 -23.23 40.70 -10.42
CA GLN C 5 -21.92 41.19 -9.96
C GLN C 5 -21.10 41.88 -11.05
N ASP C 6 -21.68 42.02 -12.24
CA ASP C 6 -21.02 42.73 -13.35
C ASP C 6 -19.61 42.23 -13.63
N CYS C 7 -19.52 41.07 -14.30
CA CYS C 7 -18.26 40.49 -14.70
C CYS C 7 -18.12 40.71 -16.20
N PRO C 8 -17.23 41.62 -16.61
CA PRO C 8 -17.11 42.01 -18.01
C PRO C 8 -16.80 40.82 -18.91
N GLU C 9 -17.41 40.77 -20.09
CA GLU C 9 -17.16 39.66 -21.01
C GLU C 9 -15.72 39.63 -21.49
N CYS C 10 -15.24 38.42 -21.76
CA CYS C 10 -13.89 38.20 -22.20
C CYS C 10 -13.65 38.96 -23.51
N THR C 11 -12.66 39.86 -23.52
CA THR C 11 -12.47 40.74 -24.65
C THR C 11 -11.08 41.36 -24.68
N LEU C 12 -10.63 41.79 -25.86
CA LEU C 12 -9.29 42.35 -26.03
C LEU C 12 -9.10 43.60 -25.21
N GLN C 13 -7.92 43.76 -24.61
CA GLN C 13 -7.60 44.99 -23.91
C GLN C 13 -6.13 45.30 -23.88
N GLU C 14 -5.78 46.35 -23.15
CA GLU C 14 -4.47 46.94 -23.30
C GLU C 14 -3.56 46.54 -22.14
N ASN C 15 -2.46 45.89 -22.48
CA ASN C 15 -1.48 45.48 -21.49
C ASN C 15 -0.72 46.66 -20.90
N PRO C 16 -0.83 46.86 -19.58
CA PRO C 16 -0.17 48.00 -18.93
C PRO C 16 1.35 47.97 -19.06
N LEU C 17 1.97 46.82 -18.85
CA LEU C 17 3.38 46.70 -19.17
C LEU C 17 3.49 46.79 -20.68
N PHE C 18 4.62 46.35 -21.22
CA PHE C 18 4.73 46.04 -22.65
C PHE C 18 4.11 47.06 -23.62
N SER C 19 3.16 47.85 -23.16
CA SER C 19 2.45 48.79 -24.05
C SER C 19 3.14 50.15 -24.10
N GLN C 20 3.29 50.68 -25.31
CA GLN C 20 3.80 52.02 -25.50
C GLN C 20 2.79 52.81 -26.32
N PRO C 21 2.84 54.14 -26.21
CA PRO C 21 1.99 54.99 -27.04
C PRO C 21 2.22 54.73 -28.52
N GLY C 22 1.15 54.52 -29.27
CA GLY C 22 1.25 54.24 -30.70
C GLY C 22 1.58 52.78 -30.97
N ALA C 23 2.08 52.09 -29.95
CA ALA C 23 2.38 50.66 -30.05
C ALA C 23 1.88 49.91 -28.83
N PRO C 24 0.56 49.84 -28.66
CA PRO C 24 0.05 49.07 -27.54
C PRO C 24 0.17 47.58 -27.85
N ILE C 25 0.01 46.72 -26.85
CA ILE C 25 -0.20 45.30 -27.14
C ILE C 25 -1.50 44.83 -26.51
N LEU C 26 -2.24 44.05 -27.27
CA LEU C 26 -3.58 43.66 -26.88
C LEU C 26 -3.62 42.25 -26.28
N GLN C 27 -4.39 42.11 -25.21
CA GLN C 27 -4.41 40.89 -24.43
C GLN C 27 -5.83 40.50 -24.09
N CYS C 28 -6.23 39.28 -24.42
CA CYS C 28 -7.54 38.78 -24.05
C CYS C 28 -7.70 38.77 -22.54
N MET C 29 -8.77 39.39 -22.04
CA MET C 29 -9.09 39.26 -20.62
C MET C 29 -10.58 39.54 -20.37
N GLY C 30 -11.10 39.02 -19.27
CA GLY C 30 -12.53 39.08 -19.03
C GLY C 30 -13.11 37.89 -18.27
N CYS C 31 -14.39 37.62 -18.52
CA CYS C 31 -15.10 36.63 -17.74
C CYS C 31 -15.74 35.59 -18.64
N CYS C 32 -15.79 34.35 -18.14
CA CYS C 32 -16.38 33.25 -18.85
C CYS C 32 -17.24 32.44 -17.90
N PHE C 33 -18.16 31.65 -18.44
CA PHE C 33 -19.08 30.89 -17.62
C PHE C 33 -18.48 29.56 -17.20
N SER C 34 -18.62 29.26 -15.91
CA SER C 34 -18.23 27.96 -15.38
C SER C 34 -19.22 27.52 -14.33
N ARG C 35 -19.27 26.22 -14.06
CA ARG C 35 -20.19 25.70 -13.07
C ARG C 35 -19.75 24.34 -12.55
N ALA C 36 -20.36 23.91 -11.44
CA ALA C 36 -20.07 22.59 -10.84
C ALA C 36 -21.33 21.93 -10.35
N TYR C 37 -21.43 20.62 -10.54
CA TYR C 37 -22.59 19.85 -10.11
C TYR C 37 -22.18 18.41 -9.81
N PRO C 38 -23.02 17.65 -9.11
CA PRO C 38 -22.65 16.26 -8.85
C PRO C 38 -22.49 15.46 -10.14
N THR C 39 -21.51 14.58 -10.16
CA THR C 39 -21.26 13.74 -11.32
C THR C 39 -22.39 12.74 -11.48
N PRO C 40 -23.03 12.70 -12.64
CA PRO C 40 -24.12 11.76 -12.84
C PRO C 40 -23.57 10.33 -12.91
N LEU C 41 -24.37 9.36 -12.47
CA LEU C 41 -23.90 7.98 -12.40
C LEU C 41 -23.35 7.50 -13.73
N ARG C 42 -24.09 7.77 -14.80
CA ARG C 42 -23.69 7.32 -16.12
C ARG C 42 -22.23 7.70 -16.40
N SER C 43 -21.80 8.85 -15.88
CA SER C 43 -20.40 9.25 -16.05
C SER C 43 -19.49 8.42 -15.15
N LYS C 44 -19.91 8.22 -13.91
CA LYS C 44 -19.11 7.45 -12.96
C LYS C 44 -18.75 6.07 -13.52
N LYS C 45 -19.66 5.49 -14.31
CA LYS C 45 -19.39 4.22 -14.96
C LYS C 45 -18.11 4.27 -15.79
N THR C 46 -17.79 5.47 -16.30
CA THR C 46 -16.69 5.61 -17.24
C THR C 46 -15.38 6.03 -16.59
N MET C 47 -15.39 6.25 -15.28
CA MET C 47 -14.20 6.74 -14.60
C MET C 47 -13.50 5.65 -13.80
N LEU C 48 -12.20 5.49 -14.02
CA LEU C 48 -11.41 4.55 -13.25
C LEU C 48 -11.07 5.16 -11.88
N VAL C 49 -11.03 6.48 -11.83
CA VAL C 49 -10.81 7.19 -10.57
C VAL C 49 -12.04 8.03 -10.30
N GLN C 50 -12.87 7.61 -9.34
CA GLN C 50 -14.14 8.26 -9.11
C GLN C 50 -13.96 9.69 -8.68
N LYS C 51 -14.74 10.57 -9.28
CA LYS C 51 -14.87 11.95 -8.86
C LYS C 51 -16.35 12.22 -8.79
N ASN C 52 -16.87 12.58 -7.62
CA ASN C 52 -18.31 12.77 -7.44
C ASN C 52 -18.77 14.14 -7.82
N VAL C 53 -17.82 15.06 -7.95
CA VAL C 53 -18.15 16.39 -8.38
C VAL C 53 -17.60 16.60 -9.79
N THR C 54 -18.42 17.18 -10.65
CA THR C 54 -18.00 17.50 -12.00
C THR C 54 -18.02 19.00 -12.17
N SER C 55 -17.00 19.50 -12.86
CA SER C 55 -16.83 20.92 -13.06
C SER C 55 -16.66 21.22 -14.54
N GLU C 56 -17.53 22.08 -15.07
CA GLU C 56 -17.44 22.54 -16.46
C GLU C 56 -16.92 23.95 -16.47
N SER C 57 -15.80 24.20 -17.11
CA SER C 57 -15.32 25.56 -17.15
C SER C 57 -14.76 25.97 -18.50
N THR C 58 -14.66 27.27 -18.66
CA THR C 58 -14.12 27.84 -19.87
C THR C 58 -13.34 29.09 -19.44
N CYS C 59 -12.31 29.43 -20.20
CA CYS C 59 -11.38 30.48 -19.80
C CYS C 59 -11.16 31.48 -20.95
N CYS C 60 -10.77 32.71 -20.62
CA CYS C 60 -10.64 33.74 -21.63
C CYS C 60 -9.28 33.67 -22.28
N VAL C 61 -9.23 33.22 -23.53
CA VAL C 61 -7.95 33.02 -24.21
C VAL C 61 -7.93 33.53 -25.65
N ALA C 62 -6.73 33.86 -26.13
CA ALA C 62 -6.53 34.39 -27.48
C ALA C 62 -6.88 33.36 -28.52
N LYS C 63 -7.83 33.69 -29.39
CA LYS C 63 -8.21 32.81 -30.49
C LYS C 63 -7.23 32.98 -31.64
N SER C 64 -6.50 34.10 -31.63
CA SER C 64 -5.43 34.33 -32.58
C SER C 64 -4.53 35.43 -32.06
N TYR C 65 -3.30 35.51 -32.57
CA TYR C 65 -2.37 36.53 -32.10
C TYR C 65 -1.17 36.67 -33.04
N ASN C 66 -0.46 37.79 -32.93
CA ASN C 66 0.75 37.99 -33.70
C ASN C 66 1.96 38.15 -32.79
N ARG C 67 3.01 37.40 -33.07
CA ARG C 67 4.24 37.48 -32.29
C ARG C 67 5.00 38.76 -32.58
N VAL C 68 5.34 39.52 -31.54
CA VAL C 68 6.13 40.72 -31.70
C VAL C 68 7.24 40.82 -30.66
N THR C 69 8.26 41.60 -30.98
CA THR C 69 9.33 41.89 -30.04
C THR C 69 9.25 43.36 -29.65
N VAL C 70 9.28 43.65 -28.35
CA VAL C 70 9.13 45.02 -27.88
C VAL C 70 10.16 45.38 -26.81
N MET C 71 10.10 46.63 -26.36
CA MET C 71 10.79 47.08 -25.14
C MET C 71 12.30 46.88 -25.08
N GLY C 72 12.84 46.01 -25.94
CA GLY C 72 14.27 45.72 -25.87
C GLY C 72 14.62 44.26 -26.13
N GLY C 73 13.61 43.46 -26.46
CA GLY C 73 13.87 42.06 -26.83
C GLY C 73 12.86 41.06 -26.29
N PHE C 74 11.81 41.53 -25.65
CA PHE C 74 10.80 40.64 -25.10
C PHE C 74 9.87 40.09 -26.17
N LYS C 75 9.91 38.78 -26.37
CA LYS C 75 8.96 38.11 -27.25
C LYS C 75 7.61 38.04 -26.55
N VAL C 76 6.65 38.79 -27.04
CA VAL C 76 5.31 38.73 -26.49
C VAL C 76 4.33 38.49 -27.62
N GLU C 77 3.15 37.98 -27.29
CA GLU C 77 2.10 37.90 -28.27
C GLU C 77 1.19 39.11 -28.17
N ASN C 78 0.70 39.54 -29.32
CA ASN C 78 -0.18 40.70 -29.46
C ASN C 78 -1.51 40.13 -29.92
N HIS C 79 -2.46 40.02 -28.99
CA HIS C 79 -3.67 39.23 -29.24
C HIS C 79 -4.62 39.92 -30.19
N THR C 80 -5.00 39.22 -31.25
CA THR C 80 -5.87 39.82 -32.23
C THR C 80 -7.34 39.42 -32.05
N ALA C 81 -7.61 38.41 -31.24
CA ALA C 81 -9.00 37.98 -31.02
C ALA C 81 -9.14 37.09 -29.78
N CYS C 82 -10.34 37.08 -29.20
CA CYS C 82 -10.57 36.45 -27.91
C CYS C 82 -11.82 35.58 -27.89
N HIS C 83 -11.76 34.46 -27.18
CA HIS C 83 -12.98 33.68 -26.90
C HIS C 83 -12.86 32.90 -25.61
N CYS C 84 -13.99 32.36 -25.16
CA CYS C 84 -14.00 31.52 -23.98
C CYS C 84 -13.83 30.08 -24.44
N SER C 85 -12.71 29.49 -24.05
CA SER C 85 -12.36 28.17 -24.54
C SER C 85 -11.75 27.31 -23.42
N THR C 86 -11.01 26.29 -23.80
CA THR C 86 -10.54 25.30 -22.85
C THR C 86 -9.61 25.88 -21.79
N CYS C 87 -9.91 25.59 -20.52
CA CYS C 87 -9.01 25.93 -19.43
C CYS C 87 -7.90 24.89 -19.32
N TYR C 88 -6.65 25.35 -19.36
CA TYR C 88 -5.49 24.49 -19.24
C TYR C 88 -4.93 24.51 -17.82
N TYR C 89 -5.03 25.67 -17.19
CA TYR C 89 -4.28 25.93 -15.96
C TYR C 89 -5.13 26.12 -14.71
N HIS C 90 -6.32 25.55 -14.67
CA HIS C 90 -7.22 25.79 -13.54
C HIS C 90 -7.21 24.70 -12.50
N LYS C 91 -6.35 23.70 -12.67
CA LYS C 91 -6.43 22.49 -11.86
C LYS C 91 -5.50 22.49 -10.66
N SER C 92 -5.74 21.53 -9.79
CA SER C 92 -5.25 21.54 -8.42
C SER C 92 -3.92 22.29 -8.24
N ASN D 1 -15.25 36.87 -9.46
CA ASN D 1 -16.47 37.73 -9.38
C ASN D 1 -17.77 36.93 -9.19
N SER D 2 -18.67 36.99 -10.17
CA SER D 2 -20.08 36.61 -10.04
C SER D 2 -20.47 35.16 -9.64
N CYS D 3 -19.51 34.32 -9.24
CA CYS D 3 -19.78 32.91 -8.93
C CYS D 3 -20.64 32.74 -7.67
N GLU D 4 -21.86 32.21 -7.82
CA GLU D 4 -22.75 32.13 -6.66
C GLU D 4 -23.57 30.84 -6.53
N LEU D 5 -23.90 30.52 -5.27
CA LEU D 5 -24.76 29.38 -4.96
C LEU D 5 -26.05 29.54 -5.72
N THR D 6 -26.43 28.52 -6.45
CA THR D 6 -27.67 28.57 -7.21
C THR D 6 -28.35 27.21 -7.17
N ASN D 7 -29.66 27.23 -7.01
CA ASN D 7 -30.43 26.01 -7.00
C ASN D 7 -30.33 25.30 -8.32
N ILE D 8 -30.15 24.00 -8.26
CA ILE D 8 -30.24 23.22 -9.47
C ILE D 8 -31.02 21.96 -9.23
N THR D 9 -31.23 21.22 -10.30
CA THR D 9 -32.00 20.01 -10.28
C THR D 9 -31.09 18.91 -10.78
N ILE D 10 -31.00 17.81 -10.06
CA ILE D 10 -30.14 16.72 -10.48
C ILE D 10 -30.91 15.44 -10.67
N ALA D 11 -30.28 14.50 -11.37
CA ALA D 11 -30.91 13.25 -11.73
C ALA D 11 -30.22 12.06 -11.07
N ILE D 12 -30.93 11.40 -10.17
CA ILE D 12 -30.43 10.18 -9.57
C ILE D 12 -30.95 9.00 -10.39
N GLU D 13 -30.03 8.32 -11.05
CA GLU D 13 -30.38 7.24 -11.95
C GLU D 13 -30.46 5.93 -11.18
N LYS D 14 -31.62 5.29 -11.17
CA LYS D 14 -31.70 3.93 -10.63
C LYS D 14 -31.65 2.95 -11.78
N GLU D 15 -30.49 2.32 -11.97
CA GLU D 15 -30.21 1.58 -13.18
C GLU D 15 -31.10 0.33 -13.31
N GLU D 16 -31.36 -0.34 -12.19
CA GLU D 16 -32.15 -1.56 -12.21
C GLU D 16 -33.63 -1.31 -12.46
N CYS D 17 -34.10 -0.09 -12.20
CA CYS D 17 -35.52 0.23 -12.38
C CYS D 17 -35.80 1.03 -13.64
N ARG D 18 -34.76 1.32 -14.42
CA ARG D 18 -34.93 2.00 -15.71
C ARG D 18 -35.63 3.34 -15.58
N PHE D 19 -35.38 4.06 -14.49
CA PHE D 19 -35.85 5.43 -14.36
C PHE D 19 -34.89 6.25 -13.52
N CYS D 20 -35.13 7.56 -13.47
CA CYS D 20 -34.32 8.46 -12.67
C CYS D 20 -35.27 9.32 -11.87
N ILE D 21 -34.83 9.84 -10.74
CA ILE D 21 -35.64 10.78 -9.99
C ILE D 21 -34.93 12.12 -9.93
N SER D 22 -35.71 13.20 -9.84
CA SER D 22 -35.17 14.54 -9.81
C SER D 22 -35.12 15.06 -8.39
N ILE D 23 -34.07 15.80 -8.07
CA ILE D 23 -33.94 16.37 -6.75
C ILE D 23 -33.39 17.77 -6.86
N ASN D 24 -33.99 18.70 -6.13
CA ASN D 24 -33.42 20.02 -6.05
C ASN D 24 -32.33 20.05 -5.01
N THR D 25 -31.25 20.75 -5.35
CA THR D 25 -30.17 20.94 -4.41
C THR D 25 -29.43 22.20 -4.81
N THR D 26 -28.29 22.45 -4.19
CA THR D 26 -27.62 23.73 -4.33
C THR D 26 -26.20 23.54 -4.84
N TRP D 27 -25.86 24.21 -5.94
CA TRP D 27 -24.52 24.10 -6.47
C TRP D 27 -23.97 25.43 -6.98
N CYS D 28 -22.82 25.40 -7.65
CA CYS D 28 -22.15 26.64 -8.07
C CYS D 28 -22.32 26.90 -9.56
N ALA D 29 -22.48 28.17 -9.90
CA ALA D 29 -22.57 28.60 -11.29
C ALA D 29 -22.28 30.08 -11.36
N GLY D 30 -21.73 30.53 -12.48
CA GLY D 30 -21.44 31.94 -12.63
C GLY D 30 -20.23 32.24 -13.49
N TYR D 31 -19.65 33.41 -13.25
CA TYR D 31 -18.59 33.93 -14.10
C TYR D 31 -17.37 34.25 -13.27
N CYS D 32 -16.20 33.92 -13.81
CA CYS D 32 -14.94 34.19 -13.14
C CYS D 32 -14.02 34.91 -14.14
N TYR D 33 -13.00 35.57 -13.62
CA TYR D 33 -12.16 36.44 -14.43
C TYR D 33 -10.80 35.82 -14.73
N THR D 34 -10.49 35.67 -16.00
CA THR D 34 -9.20 35.14 -16.39
C THR D 34 -8.48 36.05 -17.37
N ARG D 35 -7.15 35.96 -17.37
CA ARG D 35 -6.29 36.63 -18.35
C ARG D 35 -5.56 35.56 -19.12
N ASP D 36 -5.18 35.88 -20.35
CA ASP D 36 -4.33 35.00 -21.13
C ASP D 36 -3.00 35.70 -21.34
N LEU D 37 -1.97 35.24 -20.63
CA LEU D 37 -0.66 35.89 -20.60
C LEU D 37 -0.08 36.16 -21.98
N VAL D 38 0.44 37.37 -22.13
CA VAL D 38 1.06 37.83 -23.35
C VAL D 38 2.54 37.45 -23.42
N TYR D 39 3.20 37.43 -22.27
CA TYR D 39 4.61 37.00 -22.18
C TYR D 39 4.71 35.58 -21.65
N LYS D 40 5.14 34.64 -22.48
CA LYS D 40 5.10 33.22 -22.09
C LYS D 40 6.38 32.73 -21.41
N ASP D 41 6.67 33.27 -20.23
CA ASP D 41 7.82 32.85 -19.44
C ASP D 41 7.48 31.56 -18.68
N PRO D 42 8.39 30.56 -18.73
CA PRO D 42 8.12 29.25 -18.16
C PRO D 42 7.88 29.32 -16.65
N ALA D 43 8.41 30.37 -16.04
CA ALA D 43 8.26 30.58 -14.61
C ALA D 43 7.08 31.49 -14.32
N ARG D 44 6.21 31.67 -15.31
CA ARG D 44 5.01 32.52 -15.21
C ARG D 44 4.82 33.16 -13.82
N PRO D 45 3.62 33.00 -13.18
CA PRO D 45 2.50 32.06 -13.19
C PRO D 45 1.36 32.21 -14.20
N LYS D 46 0.96 31.06 -14.74
CA LYS D 46 -0.24 30.87 -15.52
C LYS D 46 -1.26 30.21 -14.62
N ILE D 47 -2.25 30.97 -14.15
CA ILE D 47 -3.28 30.40 -13.28
C ILE D 47 -4.65 30.84 -13.76
N GLN D 48 -5.59 29.91 -13.77
CA GLN D 48 -6.94 30.22 -14.16
C GLN D 48 -7.89 29.73 -13.10
N LYS D 49 -8.88 30.55 -12.79
CA LYS D 49 -9.86 30.18 -11.79
C LYS D 49 -11.15 29.80 -12.50
N THR D 50 -11.98 29.04 -11.82
CA THR D 50 -13.26 28.64 -12.35
C THR D 50 -14.23 28.68 -11.18
N CYS D 51 -15.52 28.59 -11.47
CA CYS D 51 -16.50 28.67 -10.41
C CYS D 51 -16.77 27.28 -9.87
N THR D 52 -16.38 27.02 -8.62
CA THR D 52 -16.61 25.71 -8.05
C THR D 52 -16.84 25.76 -6.55
N PHE D 53 -17.05 24.59 -5.93
CA PHE D 53 -17.40 24.54 -4.50
C PHE D 53 -16.23 24.86 -3.60
N LYS D 54 -16.43 25.76 -2.64
CA LYS D 54 -15.40 26.01 -1.62
C LYS D 54 -15.58 25.07 -0.46
N GLU D 55 -16.82 24.69 -0.19
CA GLU D 55 -17.14 23.71 0.84
C GLU D 55 -18.37 22.93 0.40
N LEU D 56 -18.45 21.67 0.79
CA LEU D 56 -19.62 20.86 0.50
C LEU D 56 -19.92 19.85 1.60
N VAL D 57 -21.15 19.39 1.65
CA VAL D 57 -21.55 18.35 2.59
C VAL D 57 -22.29 17.30 1.78
N TYR D 58 -22.32 16.06 2.25
CA TYR D 58 -23.06 15.02 1.57
C TYR D 58 -24.45 14.87 2.19
N GLU D 59 -25.45 14.65 1.34
CA GLU D 59 -26.79 14.35 1.81
C GLU D 59 -27.23 13.02 1.23
N THR D 60 -28.09 12.32 1.96
CA THR D 60 -28.52 10.99 1.55
C THR D 60 -30.01 11.04 1.29
N VAL D 61 -30.45 10.22 0.36
CA VAL D 61 -31.82 10.28 -0.10
C VAL D 61 -32.36 8.90 -0.47
N ARG D 62 -33.64 8.69 -0.20
CA ARG D 62 -34.31 7.43 -0.48
C ARG D 62 -34.71 7.39 -1.94
N VAL D 63 -34.32 6.31 -2.63
CA VAL D 63 -34.64 6.17 -4.04
C VAL D 63 -35.58 5.00 -4.28
N PRO D 64 -36.81 5.29 -4.71
CA PRO D 64 -37.83 4.29 -4.92
C PRO D 64 -37.33 3.13 -5.77
N GLY D 65 -37.77 1.92 -5.46
CA GLY D 65 -37.53 0.78 -6.32
C GLY D 65 -38.79 0.50 -7.12
N CYS D 66 -38.72 -0.49 -7.99
CA CYS D 66 -39.88 -0.88 -8.78
C CYS D 66 -40.23 -2.30 -8.36
N ALA D 67 -41.20 -2.90 -9.03
CA ALA D 67 -41.50 -4.29 -8.78
C ALA D 67 -40.23 -5.11 -8.97
N HIS D 68 -39.92 -5.97 -8.01
CA HIS D 68 -38.78 -6.87 -8.10
C HIS D 68 -37.42 -6.19 -7.86
N HIS D 69 -37.45 -4.99 -7.31
CA HIS D 69 -36.21 -4.38 -6.81
C HIS D 69 -36.50 -3.51 -5.59
N ALA D 70 -35.71 -3.70 -4.55
CA ALA D 70 -35.87 -2.95 -3.33
C ALA D 70 -35.58 -1.48 -3.59
N ASP D 71 -36.16 -0.61 -2.77
CA ASP D 71 -35.77 0.79 -2.77
C ASP D 71 -34.35 0.84 -2.24
N SER D 72 -33.66 1.95 -2.45
CA SER D 72 -32.27 2.05 -2.01
C SER D 72 -31.92 3.45 -1.54
N LEU D 73 -30.66 3.63 -1.17
CA LEU D 73 -30.17 4.90 -0.70
C LEU D 73 -29.11 5.40 -1.64
N TYR D 74 -29.12 6.69 -1.92
CA TYR D 74 -28.08 7.32 -2.72
C TYR D 74 -27.57 8.53 -1.97
N THR D 75 -26.25 8.67 -1.93
CA THR D 75 -25.62 9.76 -1.23
C THR D 75 -24.90 10.65 -2.21
N TYR D 76 -25.21 11.94 -2.18
CA TYR D 76 -24.69 12.88 -3.15
C TYR D 76 -24.18 14.14 -2.46
N PRO D 77 -23.21 14.82 -3.09
CA PRO D 77 -22.62 16.02 -2.55
C PRO D 77 -23.50 17.25 -2.77
N VAL D 78 -23.46 18.18 -1.83
CA VAL D 78 -24.22 19.40 -1.89
C VAL D 78 -23.29 20.53 -1.50
N ALA D 79 -23.41 21.67 -2.16
CA ALA D 79 -22.44 22.76 -1.96
C ALA D 79 -22.89 23.72 -0.87
N THR D 80 -21.97 24.03 0.03
CA THR D 80 -22.23 24.97 1.12
C THR D 80 -21.79 26.37 0.74
N GLN D 81 -20.62 26.43 0.11
CA GLN D 81 -19.98 27.71 -0.18
C GLN D 81 -19.40 27.62 -1.57
N CYS D 82 -19.45 28.71 -2.32
CA CYS D 82 -18.96 28.73 -3.70
C CYS D 82 -17.88 29.78 -3.83
N HIS D 83 -16.93 29.55 -4.73
CA HIS D 83 -15.96 30.59 -5.04
C HIS D 83 -15.26 30.40 -6.37
N CYS D 84 -14.53 31.43 -6.77
CA CYS D 84 -13.74 31.41 -8.00
C CYS D 84 -12.33 31.03 -7.61
N GLY D 85 -11.96 29.80 -7.93
CA GLY D 85 -10.68 29.30 -7.52
C GLY D 85 -10.27 28.13 -8.39
N LYS D 86 -9.26 27.41 -7.95
CA LYS D 86 -8.82 26.29 -8.72
C LYS D 86 -9.82 25.15 -8.56
N CYS D 87 -9.99 24.40 -9.64
CA CYS D 87 -10.75 23.17 -9.64
C CYS D 87 -9.92 22.11 -8.94
N ASP D 88 -10.48 21.49 -7.91
CA ASP D 88 -9.72 20.52 -7.12
C ASP D 88 -9.90 19.10 -7.64
N SER D 89 -8.83 18.57 -8.21
CA SER D 89 -8.91 17.35 -9.00
C SER D 89 -8.86 16.07 -8.18
N ASP D 90 -8.58 16.19 -6.89
CA ASP D 90 -8.76 15.07 -5.98
C ASP D 90 -10.25 14.72 -5.92
N SER D 91 -11.10 15.74 -5.81
CA SER D 91 -12.54 15.53 -5.65
C SER D 91 -13.34 15.65 -6.93
N THR D 92 -12.83 16.44 -7.87
CA THR D 92 -13.65 16.89 -8.97
C THR D 92 -13.14 16.47 -10.34
N ASP D 93 -14.08 16.22 -11.24
CA ASP D 93 -13.79 16.00 -12.65
C ASP D 93 -13.70 17.35 -13.36
N CYS D 94 -12.48 17.76 -13.73
CA CYS D 94 -12.24 19.08 -14.28
C CYS D 94 -12.25 19.06 -15.81
N THR D 95 -13.38 19.43 -16.40
CA THR D 95 -13.54 19.30 -17.84
C THR D 95 -14.13 20.54 -18.47
N VAL D 96 -14.34 20.48 -19.77
CA VAL D 96 -15.04 21.54 -20.48
C VAL D 96 -16.54 21.34 -20.30
N ARG D 97 -17.06 20.21 -20.77
CA ARG D 97 -18.46 19.89 -20.55
C ARG D 97 -18.63 18.50 -19.96
N GLY D 98 -19.54 18.37 -19.02
CA GLY D 98 -19.99 17.07 -18.56
C GLY D 98 -21.32 16.77 -19.22
N LEU D 99 -21.99 15.71 -18.81
CA LEU D 99 -23.28 15.36 -19.38
C LEU D 99 -24.38 16.28 -18.87
N GLY D 100 -24.05 17.11 -17.87
CA GLY D 100 -25.05 17.99 -17.27
C GLY D 100 -25.73 17.37 -16.06
N PRO D 101 -26.05 18.20 -15.06
CA PRO D 101 -26.50 17.71 -13.76
C PRO D 101 -27.74 16.82 -13.81
N SER D 102 -28.64 17.10 -14.74
CA SER D 102 -29.92 16.41 -14.79
C SER D 102 -29.96 15.31 -15.83
N TYR D 103 -28.80 14.90 -16.32
CA TYR D 103 -28.75 13.84 -17.32
C TYR D 103 -29.29 12.53 -16.79
N CYS D 104 -30.13 11.89 -17.59
CA CYS D 104 -30.67 10.59 -17.26
C CYS D 104 -30.68 9.70 -18.50
N SER D 105 -30.24 8.46 -18.36
CA SER D 105 -30.18 7.55 -19.49
C SER D 105 -31.56 7.15 -20.00
N PHE D 106 -32.60 7.38 -19.21
CA PHE D 106 -33.94 6.91 -19.59
C PHE D 106 -34.92 8.05 -19.91
N GLY D 107 -34.44 9.29 -19.94
CA GLY D 107 -35.28 10.42 -20.33
C GLY D 107 -34.71 11.75 -19.88
N GLN E 5 30.21 -20.56 -34.57
CA GLN E 5 30.38 -20.28 -33.12
C GLN E 5 29.72 -21.39 -32.29
N ASP E 6 30.54 -22.20 -31.61
CA ASP E 6 29.97 -23.32 -30.86
C ASP E 6 30.41 -23.49 -29.41
N CYS E 7 29.65 -24.35 -28.73
CA CYS E 7 29.58 -24.43 -27.29
C CYS E 7 29.71 -25.90 -26.87
N PRO E 8 30.89 -26.27 -26.36
CA PRO E 8 31.21 -27.66 -26.04
C PRO E 8 30.21 -28.27 -25.07
N GLU E 9 29.82 -29.52 -25.28
CA GLU E 9 28.84 -30.15 -24.41
C GLU E 9 29.34 -30.23 -22.98
N CYS E 10 28.40 -30.31 -22.05
CA CYS E 10 28.69 -30.35 -20.62
C CYS E 10 29.40 -31.66 -20.30
N THR E 11 30.62 -31.57 -19.78
CA THR E 11 31.46 -32.76 -19.62
C THR E 11 32.56 -32.58 -18.56
N LEU E 12 33.10 -33.69 -18.08
CA LEU E 12 34.13 -33.68 -17.04
C LEU E 12 35.43 -33.06 -17.51
N GLN E 13 36.03 -32.20 -16.71
CA GLN E 13 37.31 -31.62 -17.05
C GLN E 13 38.20 -31.32 -15.85
N GLU E 14 39.32 -30.69 -16.11
CA GLU E 14 40.39 -30.63 -15.14
C GLU E 14 40.48 -29.26 -14.50
N ASN E 15 40.28 -29.23 -13.19
CA ASN E 15 40.34 -27.98 -12.44
C ASN E 15 41.76 -27.45 -12.37
N PRO E 16 41.98 -26.24 -12.90
CA PRO E 16 43.33 -25.66 -12.90
C PRO E 16 43.91 -25.45 -11.51
N LEU E 17 43.11 -24.94 -10.57
CA LEU E 17 43.52 -24.91 -9.17
C LEU E 17 43.54 -26.37 -8.71
N PHE E 18 43.54 -26.56 -7.40
CA PHE E 18 43.21 -27.86 -6.81
C PHE E 18 43.81 -29.10 -7.48
N SER E 19 44.26 -28.98 -8.73
CA SER E 19 44.78 -30.14 -9.45
C SER E 19 46.29 -30.26 -9.31
N GLN E 20 46.74 -31.48 -9.06
CA GLN E 20 48.18 -31.78 -9.04
C GLN E 20 48.45 -32.92 -10.04
N PRO E 21 49.70 -33.01 -10.52
CA PRO E 21 50.10 -34.12 -11.38
C PRO E 21 49.88 -35.46 -10.69
N GLY E 22 49.19 -36.37 -11.37
CA GLY E 22 48.91 -37.68 -10.80
C GLY E 22 47.73 -37.63 -9.83
N ALA E 23 47.32 -36.43 -9.47
CA ALA E 23 46.13 -36.24 -8.63
C ALA E 23 45.29 -35.05 -9.10
N PRO E 24 44.71 -35.16 -10.30
CA PRO E 24 43.85 -34.10 -10.79
C PRO E 24 42.48 -34.15 -10.11
N ILE E 25 41.73 -33.06 -10.12
CA ILE E 25 40.33 -33.17 -9.70
C ILE E 25 39.41 -32.76 -10.83
N LEU E 26 38.36 -33.55 -11.02
CA LEU E 26 37.48 -33.40 -12.17
C LEU E 26 36.20 -32.61 -11.84
N GLN E 27 35.84 -31.74 -12.77
CA GLN E 27 34.78 -30.79 -12.57
C GLN E 27 33.89 -30.71 -13.79
N CYS E 28 32.60 -31.00 -13.61
CA CYS E 28 31.62 -30.81 -14.66
C CYS E 28 31.67 -29.38 -15.18
N MET E 29 31.72 -29.24 -16.50
CA MET E 29 31.65 -27.92 -17.12
C MET E 29 31.36 -28.04 -18.61
N GLY E 30 30.67 -27.06 -19.17
CA GLY E 30 30.21 -27.17 -20.53
C GLY E 30 29.02 -26.30 -20.90
N CYS E 31 28.17 -26.83 -21.76
CA CYS E 31 27.05 -26.08 -22.27
C CYS E 31 25.80 -26.92 -22.19
N CYS E 32 24.67 -26.25 -21.99
CA CYS E 32 23.38 -26.90 -21.91
C CYS E 32 22.34 -26.05 -22.63
N PHE E 33 21.25 -26.67 -23.04
CA PHE E 33 20.24 -25.94 -23.78
C PHE E 33 19.30 -25.19 -22.85
N SER E 34 19.06 -23.91 -23.19
CA SER E 34 18.06 -23.11 -22.49
C SER E 34 17.34 -22.21 -23.48
N ARG E 35 16.08 -21.90 -23.19
CA ARG E 35 15.30 -21.01 -24.06
C ARG E 35 14.30 -20.14 -23.27
N ALA E 36 13.66 -19.21 -23.98
CA ALA E 36 12.60 -18.39 -23.40
C ALA E 36 11.50 -18.16 -24.42
N TYR E 37 10.29 -17.87 -23.92
CA TYR E 37 9.14 -17.69 -24.78
C TYR E 37 7.97 -17.16 -23.97
N PRO E 38 6.99 -16.55 -24.64
CA PRO E 38 5.89 -16.00 -23.86
C PRO E 38 5.15 -17.05 -23.09
N THR E 39 4.75 -16.71 -21.86
CA THR E 39 4.00 -17.62 -21.02
C THR E 39 2.61 -17.87 -21.60
N PRO E 40 2.31 -19.14 -21.91
CA PRO E 40 0.97 -19.46 -22.45
C PRO E 40 -0.13 -19.16 -21.45
N LEU E 41 -1.28 -18.72 -21.91
CA LEU E 41 -2.36 -18.33 -21.00
C LEU E 41 -2.71 -19.41 -19.99
N ARG E 42 -2.76 -20.66 -20.43
CA ARG E 42 -3.08 -21.77 -19.56
C ARG E 42 -2.20 -21.70 -18.32
N SER E 43 -0.92 -21.37 -18.50
CA SER E 43 0.00 -21.27 -17.38
C SER E 43 -0.37 -20.08 -16.51
N LYS E 44 -0.66 -18.95 -17.14
CA LYS E 44 -1.02 -17.75 -16.41
C LYS E 44 -2.15 -18.01 -15.42
N LYS E 45 -3.09 -18.87 -15.80
CA LYS E 45 -4.19 -19.23 -14.91
C LYS E 45 -3.69 -19.75 -13.58
N THR E 46 -2.50 -20.37 -13.59
CA THR E 46 -1.99 -21.07 -12.40
C THR E 46 -1.05 -20.21 -11.55
N MET E 47 -0.73 -19.00 -12.01
CA MET E 47 0.24 -18.16 -11.32
C MET E 47 -0.45 -17.09 -10.48
N LEU E 48 -0.05 -16.95 -9.22
CA LEU E 48 -0.56 -15.88 -8.38
C LEU E 48 0.18 -14.59 -8.66
N VAL E 49 1.41 -14.73 -9.15
CA VAL E 49 2.20 -13.58 -9.53
C VAL E 49 2.51 -13.70 -11.01
N GLN E 50 1.83 -12.93 -11.84
CA GLN E 50 1.97 -13.09 -13.27
C GLN E 50 3.40 -12.88 -13.74
N LYS E 51 3.85 -13.76 -14.62
CA LYS E 51 5.07 -13.56 -15.37
C LYS E 51 4.74 -13.87 -16.82
N ASN E 52 4.91 -12.88 -17.69
CA ASN E 52 4.54 -13.03 -19.10
C ASN E 52 5.60 -13.72 -19.92
N VAL E 53 6.79 -13.83 -19.36
CA VAL E 53 7.84 -14.54 -20.02
C VAL E 53 8.15 -15.81 -19.25
N THR E 54 8.39 -16.88 -19.99
CA THR E 54 8.73 -18.15 -19.39
C THR E 54 10.10 -18.60 -19.85
N SER E 55 10.91 -19.07 -18.92
CA SER E 55 12.25 -19.45 -19.24
C SER E 55 12.49 -20.90 -18.83
N GLU E 56 12.86 -21.73 -19.80
CA GLU E 56 13.25 -23.11 -19.54
C GLU E 56 14.76 -23.20 -19.60
N SER E 57 15.39 -23.62 -18.50
CA SER E 57 16.83 -23.80 -18.58
C SER E 57 17.34 -25.06 -17.92
N THR E 58 18.58 -25.36 -18.24
CA THR E 58 19.26 -26.48 -17.66
C THR E 58 20.74 -26.12 -17.58
N CYS E 59 21.43 -26.64 -16.57
CA CYS E 59 22.79 -26.23 -16.27
C CYS E 59 23.67 -27.49 -16.16
N CYS E 60 24.97 -27.28 -16.28
CA CYS E 60 25.94 -28.36 -16.30
C CYS E 60 26.35 -28.69 -14.89
N VAL E 61 25.87 -29.80 -14.36
CA VAL E 61 26.18 -30.14 -12.96
C VAL E 61 26.62 -31.59 -12.77
N ALA E 62 27.38 -31.83 -11.71
CA ALA E 62 27.82 -33.15 -11.33
C ALA E 62 26.66 -34.07 -10.98
N LYS E 63 26.55 -35.18 -11.69
CA LYS E 63 25.56 -36.20 -11.38
C LYS E 63 26.03 -37.06 -10.21
N SER E 64 27.34 -37.10 -10.01
CA SER E 64 27.92 -37.80 -8.87
C SER E 64 29.33 -37.29 -8.66
N TYR E 65 29.85 -37.48 -7.46
CA TYR E 65 31.18 -37.01 -7.14
C TYR E 65 31.72 -37.70 -5.90
N ASN E 66 33.03 -37.59 -5.68
CA ASN E 66 33.63 -38.08 -4.46
C ASN E 66 34.25 -36.93 -3.69
N ARG E 67 34.09 -36.94 -2.39
CA ARG E 67 34.64 -35.88 -1.54
C ARG E 67 36.10 -36.21 -1.24
N VAL E 68 36.99 -35.25 -1.50
CA VAL E 68 38.40 -35.45 -1.16
C VAL E 68 38.96 -34.23 -0.45
N THR E 69 40.10 -34.41 0.21
CA THR E 69 40.83 -33.30 0.82
C THR E 69 42.18 -33.18 0.12
N VAL E 70 42.52 -31.97 -0.32
CA VAL E 70 43.73 -31.76 -1.09
C VAL E 70 44.51 -30.53 -0.63
N MET E 71 45.61 -30.28 -1.32
CA MET E 71 46.42 -29.06 -1.14
C MET E 71 46.93 -28.82 0.28
N GLY E 72 46.06 -28.46 1.22
CA GLY E 72 46.49 -28.46 2.63
C GLY E 72 45.37 -28.75 3.61
N GLY E 73 44.13 -28.60 3.16
CA GLY E 73 42.98 -28.92 4.00
C GLY E 73 41.66 -28.74 3.27
N PHE E 74 41.74 -28.43 1.98
CA PHE E 74 40.55 -28.03 1.24
C PHE E 74 39.63 -29.18 0.90
N LYS E 75 38.43 -29.14 1.48
CA LYS E 75 37.39 -30.09 1.12
C LYS E 75 36.85 -29.69 -0.25
N VAL E 76 37.09 -30.52 -1.25
CA VAL E 76 36.54 -30.26 -2.57
C VAL E 76 35.84 -31.50 -3.04
N GLU E 77 34.97 -31.35 -4.03
CA GLU E 77 34.43 -32.53 -4.68
C GLU E 77 35.23 -32.83 -5.94
N ASN E 78 35.39 -34.13 -6.21
CA ASN E 78 36.08 -34.64 -7.37
C ASN E 78 34.98 -35.26 -8.22
N HIS E 79 34.58 -34.58 -9.30
CA HIS E 79 33.36 -34.96 -10.01
C HIS E 79 33.52 -36.19 -10.88
N THR E 80 32.65 -37.17 -10.68
CA THR E 80 32.77 -38.41 -11.41
C THR E 80 31.81 -38.53 -12.60
N ALA E 81 30.79 -37.67 -12.66
CA ALA E 81 29.87 -37.67 -13.81
C ALA E 81 29.09 -36.35 -13.92
N CYS E 82 28.67 -36.03 -15.15
CA CYS E 82 28.10 -34.73 -15.48
C CYS E 82 26.82 -34.87 -16.28
N HIS E 83 25.82 -34.04 -15.99
CA HIS E 83 24.65 -33.95 -16.87
C HIS E 83 24.02 -32.57 -16.80
N CYS E 84 23.09 -32.31 -17.71
CA CYS E 84 22.42 -31.02 -17.77
C CYS E 84 21.13 -31.16 -16.99
N SER E 85 21.05 -30.44 -15.88
CA SER E 85 19.96 -30.61 -14.96
C SER E 85 19.56 -29.29 -14.33
N THR E 86 18.75 -29.37 -13.29
CA THR E 86 18.12 -28.20 -12.71
C THR E 86 19.10 -27.09 -12.36
N CYS E 87 18.81 -25.88 -12.85
CA CYS E 87 19.55 -24.69 -12.46
C CYS E 87 19.02 -24.17 -11.13
N TYR E 88 19.94 -23.97 -10.19
CA TYR E 88 19.62 -23.45 -8.87
C TYR E 88 19.99 -21.97 -8.77
N TYR E 89 21.06 -21.56 -9.45
CA TYR E 89 21.69 -20.25 -9.22
C TYR E 89 21.62 -19.27 -10.38
N HIS E 90 20.67 -19.47 -11.29
CA HIS E 90 20.61 -18.64 -12.49
C HIS E 90 19.66 -17.46 -12.35
N LYS E 91 19.06 -17.29 -11.17
CA LYS E 91 18.05 -16.26 -10.99
C LYS E 91 18.61 -14.98 -10.40
N SER E 92 17.97 -13.87 -10.75
CA SER E 92 18.32 -12.57 -10.24
C SER E 92 19.24 -12.67 -9.04
N ASN F 1 27.47 -19.41 -24.90
CA ASN F 1 28.31 -19.01 -26.06
C ASN F 1 27.51 -18.93 -27.38
N SER F 2 26.41 -19.68 -27.50
CA SER F 2 25.51 -19.49 -28.65
C SER F 2 24.04 -19.37 -28.26
N CYS F 3 23.61 -18.16 -27.95
CA CYS F 3 22.23 -17.91 -27.55
C CYS F 3 21.72 -16.89 -28.52
N GLU F 4 20.80 -17.27 -29.41
CA GLU F 4 20.40 -16.33 -30.45
C GLU F 4 18.91 -16.19 -30.63
N LEU F 5 18.54 -15.03 -31.18
CA LEU F 5 17.19 -14.77 -31.59
C LEU F 5 16.80 -15.86 -32.57
N THR F 6 15.62 -16.43 -32.37
CA THR F 6 15.13 -17.44 -33.29
C THR F 6 13.63 -17.33 -33.41
N ASN F 7 13.12 -17.53 -34.61
CA ASN F 7 11.69 -17.46 -34.84
C ASN F 7 11.01 -18.57 -34.11
N ILE F 8 9.91 -18.28 -33.46
CA ILE F 8 9.09 -19.34 -32.91
C ILE F 8 7.63 -19.07 -33.20
N THR F 9 6.80 -20.03 -32.85
CA THR F 9 5.38 -19.94 -33.06
C THR F 9 4.74 -20.05 -31.70
N ILE F 10 3.80 -19.16 -31.39
CA ILE F 10 3.15 -19.22 -30.10
C ILE F 10 1.65 -19.35 -30.24
N ALA F 11 1.01 -19.67 -29.13
CA ALA F 11 -0.40 -19.99 -29.13
C ALA F 11 -1.15 -19.04 -28.22
N ILE F 12 -2.06 -18.28 -28.81
CA ILE F 12 -2.90 -17.38 -28.06
C ILE F 12 -4.24 -18.06 -27.84
N GLU F 13 -4.52 -18.39 -26.60
CA GLU F 13 -5.71 -19.16 -26.24
C GLU F 13 -6.89 -18.26 -25.99
N LYS F 14 -7.91 -18.34 -26.85
CA LYS F 14 -9.16 -17.66 -26.53
C LYS F 14 -10.05 -18.65 -25.80
N GLU F 15 -10.19 -18.44 -24.50
CA GLU F 15 -10.82 -19.45 -23.65
C GLU F 15 -12.32 -19.57 -23.89
N GLU F 16 -12.98 -18.44 -24.20
CA GLU F 16 -14.41 -18.45 -24.41
C GLU F 16 -14.79 -19.07 -25.76
N CYS F 17 -13.87 -19.06 -26.72
CA CYS F 17 -14.17 -19.61 -28.04
C CYS F 17 -13.61 -21.00 -28.28
N ARG F 18 -12.99 -21.59 -27.24
CA ARG F 18 -12.52 -22.97 -27.31
C ARG F 18 -11.56 -23.24 -28.46
N PHE F 19 -10.75 -22.25 -28.80
CA PHE F 19 -9.70 -22.45 -29.78
C PHE F 19 -8.52 -21.54 -29.49
N CYS F 20 -7.44 -21.75 -30.24
CA CYS F 20 -6.24 -20.95 -30.08
C CYS F 20 -5.85 -20.47 -31.46
N ILE F 21 -5.03 -19.43 -31.54
CA ILE F 21 -4.50 -19.01 -32.82
C ILE F 21 -2.98 -18.98 -32.75
N SER F 22 -2.33 -19.21 -33.87
CA SER F 22 -0.88 -19.32 -33.93
C SER F 22 -0.28 -18.04 -34.47
N ILE F 23 0.84 -17.62 -33.90
CA ILE F 23 1.51 -16.43 -34.37
C ILE F 23 3.01 -16.65 -34.39
N ASN F 24 3.65 -16.33 -35.51
CA ASN F 24 5.11 -16.33 -35.54
C ASN F 24 5.60 -15.07 -34.85
N THR F 25 6.64 -15.23 -34.04
CA THR F 25 7.30 -14.08 -33.41
C THR F 25 8.76 -14.41 -33.23
N THR F 26 9.45 -13.65 -32.40
CA THR F 26 10.88 -13.85 -32.22
C THR F 26 11.28 -13.99 -30.75
N TRP F 27 11.94 -15.09 -30.40
CA TRP F 27 12.37 -15.28 -29.02
C TRP F 27 13.78 -15.86 -28.90
N CYS F 28 14.16 -16.30 -27.70
CA CYS F 28 15.52 -16.75 -27.45
C CYS F 28 15.64 -18.26 -27.34
N ALA F 29 16.69 -18.82 -27.93
CA ALA F 29 17.02 -20.22 -27.71
C ALA F 29 18.51 -20.45 -27.99
N GLY F 30 19.07 -21.45 -27.34
CA GLY F 30 20.49 -21.75 -27.53
C GLY F 30 21.21 -22.43 -26.39
N TYR F 31 22.52 -22.22 -26.36
CA TYR F 31 23.40 -22.90 -25.42
C TYR F 31 24.23 -21.90 -24.66
N CYS F 32 24.33 -22.09 -23.35
CA CYS F 32 25.10 -21.20 -22.51
C CYS F 32 26.08 -22.05 -21.73
N TYR F 33 27.15 -21.43 -21.25
CA TYR F 33 28.24 -22.15 -20.60
C TYR F 33 28.19 -22.03 -19.08
N THR F 34 28.19 -23.18 -18.41
CA THR F 34 28.19 -23.18 -16.96
C THR F 34 29.26 -24.11 -16.40
N ARG F 35 29.69 -23.80 -15.18
CA ARG F 35 30.57 -24.66 -14.41
C ARG F 35 29.85 -25.12 -13.15
N ASP F 36 30.18 -26.28 -12.64
CA ASP F 36 29.70 -26.68 -11.34
C ASP F 36 30.87 -26.67 -10.37
N LEU F 37 30.85 -25.72 -9.45
CA LEU F 37 31.98 -25.48 -8.57
C LEU F 37 32.42 -26.72 -7.79
N VAL F 38 33.73 -26.89 -7.72
CA VAL F 38 34.34 -27.98 -7.00
C VAL F 38 34.52 -27.63 -5.52
N TYR F 39 34.91 -26.39 -5.25
CA TYR F 39 35.09 -25.93 -3.87
C TYR F 39 33.86 -25.16 -3.37
N LYS F 40 33.15 -25.72 -2.39
CA LYS F 40 31.83 -25.21 -2.02
C LYS F 40 31.85 -24.12 -0.93
N ASP F 41 32.77 -23.16 -1.04
CA ASP F 41 32.81 -22.01 -0.15
C ASP F 41 31.51 -21.21 -0.20
N PRO F 42 30.96 -20.84 0.98
CA PRO F 42 29.67 -20.16 1.06
C PRO F 42 29.73 -18.76 0.43
N ALA F 43 30.91 -18.18 0.37
CA ALA F 43 31.10 -16.88 -0.27
C ALA F 43 31.38 -16.97 -1.78
N ARG F 44 31.53 -18.18 -2.30
CA ARG F 44 31.47 -18.44 -3.75
C ARG F 44 32.24 -17.39 -4.58
N PRO F 45 31.67 -16.91 -5.72
CA PRO F 45 30.31 -17.03 -6.30
C PRO F 45 29.91 -18.29 -7.06
N LYS F 46 28.66 -18.69 -6.84
CA LYS F 46 27.97 -19.69 -7.62
C LYS F 46 26.98 -18.96 -8.52
N ILE F 47 27.31 -18.84 -9.80
CA ILE F 47 26.42 -18.16 -10.73
C ILE F 47 26.23 -18.98 -11.98
N GLN F 48 24.98 -19.10 -12.42
CA GLN F 48 24.70 -19.78 -13.67
C GLN F 48 23.92 -18.88 -14.61
N LYS F 49 24.28 -18.94 -15.88
CA LYS F 49 23.63 -18.15 -16.89
C LYS F 49 22.70 -19.04 -17.71
N THR F 50 21.68 -18.43 -18.28
CA THR F 50 20.74 -19.16 -19.10
C THR F 50 20.50 -18.28 -20.31
N CYS F 51 19.84 -18.82 -21.33
CA CYS F 51 19.60 -18.05 -22.53
C CYS F 51 18.23 -17.39 -22.42
N THR F 52 18.22 -16.07 -22.31
CA THR F 52 16.95 -15.35 -22.16
C THR F 52 17.00 -13.96 -22.83
N PHE F 53 15.90 -13.21 -22.73
CA PHE F 53 15.78 -11.92 -23.40
C PHE F 53 16.63 -10.83 -22.73
N LYS F 54 17.39 -10.08 -23.52
CA LYS F 54 18.12 -8.92 -22.98
C LYS F 54 17.27 -7.67 -23.10
N GLU F 55 16.44 -7.64 -24.13
CA GLU F 55 15.45 -6.59 -24.28
C GLU F 55 14.21 -7.20 -24.92
N LEU F 56 13.06 -6.58 -24.67
CA LEU F 56 11.83 -6.99 -25.33
C LEU F 56 10.90 -5.80 -25.53
N VAL F 57 9.95 -5.97 -26.45
CA VAL F 57 8.88 -5.00 -26.63
C VAL F 57 7.59 -5.78 -26.64
N TYR F 58 6.47 -5.13 -26.30
CA TYR F 58 5.19 -5.79 -26.39
C TYR F 58 4.52 -5.47 -27.72
N GLU F 59 3.79 -6.45 -28.28
CA GLU F 59 3.02 -6.25 -29.48
C GLU F 59 1.58 -6.67 -29.23
N THR F 60 0.65 -6.10 -29.95
CA THR F 60 -0.75 -6.36 -29.71
C THR F 60 -1.39 -6.91 -30.95
N VAL F 61 -2.33 -7.82 -30.77
CA VAL F 61 -2.85 -8.58 -31.88
C VAL F 61 -4.35 -8.84 -31.71
N ARG F 62 -5.05 -8.81 -32.84
CA ARG F 62 -6.49 -9.02 -32.88
C ARG F 62 -6.80 -10.51 -32.84
N VAL F 63 -7.63 -10.91 -31.90
CA VAL F 63 -7.98 -12.31 -31.74
C VAL F 63 -9.43 -12.54 -32.10
N PRO F 64 -9.68 -13.32 -33.16
CA PRO F 64 -11.03 -13.58 -33.62
C PRO F 64 -11.90 -14.12 -32.50
N GLY F 65 -13.17 -13.74 -32.50
CA GLY F 65 -14.15 -14.35 -31.63
C GLY F 65 -14.92 -15.39 -32.42
N CYS F 66 -15.89 -16.02 -31.76
CA CYS F 66 -16.76 -16.98 -32.41
C CYS F 66 -18.18 -16.44 -32.29
N ALA F 67 -19.16 -17.20 -32.77
CA ALA F 67 -20.54 -16.81 -32.57
C ALA F 67 -20.76 -16.59 -31.08
N HIS F 68 -21.41 -15.48 -30.74
CA HIS F 68 -21.74 -15.15 -29.34
C HIS F 68 -20.53 -14.76 -28.48
N HIS F 69 -19.44 -14.35 -29.12
CA HIS F 69 -18.35 -13.70 -28.38
C HIS F 69 -17.58 -12.74 -29.29
N ALA F 70 -17.39 -11.52 -28.79
CA ALA F 70 -16.69 -10.49 -29.56
C ALA F 70 -15.24 -10.87 -29.75
N ASP F 71 -14.68 -10.47 -30.88
CA ASP F 71 -13.24 -10.59 -31.07
C ASP F 71 -12.60 -9.80 -29.93
N SER F 72 -11.30 -9.96 -29.72
CA SER F 72 -10.62 -9.25 -28.64
C SER F 72 -9.16 -8.96 -28.97
N LEU F 73 -8.47 -8.34 -28.02
CA LEU F 73 -7.09 -7.95 -28.21
C LEU F 73 -6.21 -8.64 -27.18
N TYR F 74 -5.07 -9.14 -27.62
CA TYR F 74 -4.14 -9.77 -26.72
C TYR F 74 -2.76 -9.18 -26.91
N THR F 75 -2.12 -8.83 -25.80
CA THR F 75 -0.81 -8.19 -25.85
C THR F 75 0.23 -9.14 -25.31
N TYR F 76 1.28 -9.37 -26.10
CA TYR F 76 2.28 -10.37 -25.76
C TYR F 76 3.67 -9.84 -26.01
N PRO F 77 4.63 -10.32 -25.23
CA PRO F 77 6.00 -9.82 -25.30
C PRO F 77 6.74 -10.39 -26.50
N VAL F 78 7.70 -9.63 -27.02
CA VAL F 78 8.50 -10.05 -28.15
C VAL F 78 9.93 -9.63 -27.90
N ALA F 79 10.88 -10.50 -28.27
CA ALA F 79 12.25 -10.29 -27.86
C ALA F 79 13.03 -9.53 -28.92
N THR F 80 13.70 -8.48 -28.48
CA THR F 80 14.52 -7.65 -29.35
C THR F 80 15.95 -8.17 -29.37
N GLN F 81 16.49 -8.42 -28.18
CA GLN F 81 17.88 -8.80 -28.01
C GLN F 81 17.96 -10.04 -27.12
N CYS F 82 18.90 -10.93 -27.39
CA CYS F 82 19.03 -12.16 -26.61
C CYS F 82 20.43 -12.27 -26.03
N HIS F 83 20.55 -12.81 -24.81
CA HIS F 83 21.87 -13.09 -24.25
C HIS F 83 21.90 -14.21 -23.22
N CYS F 84 23.13 -14.60 -22.87
CA CYS F 84 23.38 -15.55 -21.80
C CYS F 84 23.57 -14.76 -20.51
N GLY F 85 22.57 -14.80 -19.65
CA GLY F 85 22.64 -14.05 -18.40
C GLY F 85 21.72 -14.61 -17.33
N LYS F 86 21.48 -13.81 -16.30
CA LYS F 86 20.61 -14.22 -15.23
C LYS F 86 19.17 -14.17 -15.71
N CYS F 87 18.39 -15.16 -15.28
CA CYS F 87 16.96 -15.17 -15.56
C CYS F 87 16.27 -14.17 -14.64
N ASP F 88 15.69 -13.11 -15.18
CA ASP F 88 15.11 -12.07 -14.35
C ASP F 88 13.71 -12.42 -13.84
N SER F 89 13.61 -12.67 -12.55
CA SER F 89 12.42 -13.24 -11.96
C SER F 89 11.32 -12.22 -11.66
N ASP F 90 11.60 -10.93 -11.82
CA ASP F 90 10.57 -9.90 -11.76
C ASP F 90 9.62 -10.09 -12.95
N SER F 91 10.22 -10.24 -14.13
CA SER F 91 9.46 -10.43 -15.36
C SER F 91 9.18 -11.88 -15.73
N THR F 92 10.08 -12.78 -15.35
CA THR F 92 10.11 -14.11 -15.93
C THR F 92 9.85 -15.25 -14.94
N ASP F 93 9.17 -16.29 -15.43
CA ASP F 93 9.03 -17.55 -14.72
C ASP F 93 10.24 -18.42 -15.00
N CYS F 94 11.13 -18.56 -14.01
CA CYS F 94 12.39 -19.27 -14.17
C CYS F 94 12.25 -20.73 -13.76
N THR F 95 12.14 -21.62 -14.74
CA THR F 95 11.88 -23.01 -14.44
C THR F 95 12.71 -23.96 -15.30
N VAL F 96 12.53 -25.26 -15.09
CA VAL F 96 13.15 -26.27 -15.90
C VAL F 96 12.36 -26.43 -17.19
N ARG F 97 11.08 -26.76 -17.08
CA ARG F 97 10.22 -26.82 -18.25
C ARG F 97 8.91 -26.06 -18.04
N GLY F 98 8.49 -25.33 -19.06
CA GLY F 98 7.15 -24.77 -19.08
C GLY F 98 6.29 -25.64 -19.98
N LEU F 99 5.05 -25.23 -20.23
CA LEU F 99 4.18 -26.01 -21.10
C LEU F 99 4.60 -25.91 -22.55
N GLY F 100 5.59 -25.05 -22.84
CA GLY F 100 6.01 -24.83 -24.21
C GLY F 100 5.25 -23.69 -24.87
N PRO F 101 5.90 -22.98 -25.81
CA PRO F 101 5.37 -21.73 -26.35
C PRO F 101 4.06 -21.89 -27.11
N SER F 102 3.88 -23.04 -27.76
CA SER F 102 2.73 -23.26 -28.61
C SER F 102 1.66 -24.11 -27.95
N TYR F 103 1.72 -24.21 -26.63
CA TYR F 103 0.72 -25.03 -25.93
C TYR F 103 -0.68 -24.43 -26.08
N CYS F 104 -1.65 -25.30 -26.35
CA CYS F 104 -3.05 -24.89 -26.44
C CYS F 104 -3.95 -25.94 -25.79
N SER F 105 -4.87 -25.50 -24.95
CA SER F 105 -5.75 -26.43 -24.23
C SER F 105 -6.71 -27.16 -25.15
N PHE F 106 -6.88 -26.68 -26.38
CA PHE F 106 -7.87 -27.26 -27.28
C PHE F 106 -7.28 -27.94 -28.51
N GLY F 107 -5.95 -27.98 -28.59
CA GLY F 107 -5.27 -28.67 -29.68
C GLY F 107 -3.79 -28.36 -29.74
N CYS G 2 -41.54 -12.18 30.92
CA CYS G 2 -41.55 -11.09 29.90
C CYS G 2 -41.61 -11.62 28.48
N HIS G 3 -41.95 -10.73 27.54
CA HIS G 3 -42.10 -11.13 26.14
C HIS G 3 -42.41 -9.95 25.20
N HIS G 4 -42.25 -10.19 23.90
CA HIS G 4 -42.53 -9.18 22.86
C HIS G 4 -42.73 -9.85 21.50
N ARG G 5 -43.29 -9.10 20.55
CA ARG G 5 -43.59 -9.64 19.22
C ARG G 5 -42.36 -10.24 18.55
N ILE G 6 -41.41 -9.39 18.16
CA ILE G 6 -40.20 -9.88 17.51
C ILE G 6 -39.09 -10.14 18.54
N CYS G 7 -38.66 -9.09 19.22
CA CYS G 7 -37.47 -9.13 20.07
C CYS G 7 -37.61 -10.07 21.28
N HIS G 8 -36.56 -10.83 21.54
CA HIS G 8 -36.47 -11.59 22.79
C HIS G 8 -36.37 -10.58 23.92
N CYS G 9 -36.91 -10.92 25.09
CA CYS G 9 -36.91 -10.01 26.20
C CYS G 9 -36.58 -10.68 27.53
N SER G 10 -35.81 -9.99 28.35
CA SER G 10 -35.62 -10.38 29.75
C SER G 10 -35.31 -9.16 30.62
N ASN G 11 -36.09 -8.99 31.69
CA ASN G 11 -35.86 -7.93 32.66
C ASN G 11 -35.65 -6.56 32.01
N ARG G 12 -36.61 -6.16 31.18
CA ARG G 12 -36.58 -4.85 30.53
C ARG G 12 -35.29 -4.67 29.72
N VAL G 13 -34.72 -5.78 29.30
CA VAL G 13 -33.61 -5.79 28.34
C VAL G 13 -34.09 -6.43 27.05
N PHE G 14 -34.02 -5.71 25.95
CA PHE G 14 -34.59 -6.22 24.70
C PHE G 14 -33.55 -6.50 23.60
N LEU G 15 -33.66 -7.69 23.01
CA LEU G 15 -32.73 -8.17 21.99
C LEU G 15 -33.46 -8.48 20.69
N CYS G 16 -33.32 -7.62 19.68
CA CYS G 16 -33.93 -7.87 18.38
C CYS G 16 -32.88 -8.51 17.46
N GLN G 17 -33.11 -9.77 17.09
CA GLN G 17 -32.10 -10.52 16.34
C GLN G 17 -32.59 -11.12 15.01
N GLU G 18 -31.63 -11.66 14.26
CA GLU G 18 -31.85 -12.27 12.96
C GLU G 18 -32.44 -11.33 11.92
N SER G 19 -32.94 -11.92 10.83
CA SER G 19 -33.23 -11.17 9.62
C SER G 19 -34.68 -10.71 9.52
N LYS G 20 -35.54 -11.20 10.40
CA LYS G 20 -36.94 -10.79 10.36
C LYS G 20 -37.11 -9.38 10.90
N VAL G 21 -36.04 -8.84 11.46
CA VAL G 21 -36.04 -7.46 11.91
C VAL G 21 -35.57 -6.57 10.79
N THR G 22 -36.50 -5.90 10.12
CA THR G 22 -36.14 -5.02 9.01
C THR G 22 -36.18 -3.56 9.42
N GLU G 23 -36.78 -3.29 10.58
CA GLU G 23 -36.87 -1.94 11.11
C GLU G 23 -37.08 -2.01 12.61
N ILE G 24 -36.81 -0.90 13.29
CA ILE G 24 -36.89 -0.87 14.75
C ILE G 24 -38.35 -0.83 15.21
N PRO G 25 -38.79 -1.91 15.89
CA PRO G 25 -40.17 -2.03 16.34
C PRO G 25 -40.65 -0.80 17.12
N SER G 26 -41.81 -0.26 16.74
CA SER G 26 -42.34 0.93 17.39
C SER G 26 -43.03 0.61 18.73
N ASP G 27 -43.35 -0.65 18.95
CA ASP G 27 -44.05 -1.06 20.18
C ASP G 27 -43.10 -1.41 21.32
N LEU G 28 -41.84 -1.03 21.18
CA LEU G 28 -40.86 -1.25 22.25
C LEU G 28 -41.22 -0.42 23.47
N PRO G 29 -41.34 -1.07 24.64
CA PRO G 29 -41.58 -0.43 25.93
C PRO G 29 -40.64 0.75 26.19
N ARG G 30 -41.19 1.86 26.71
CA ARG G 30 -40.37 3.04 26.98
C ARG G 30 -39.68 2.92 28.34
N ASN G 31 -39.91 1.80 29.02
CA ASN G 31 -39.23 1.54 30.29
C ASN G 31 -38.02 0.61 30.08
N ALA G 32 -37.62 0.43 28.83
CA ALA G 32 -36.49 -0.43 28.51
C ALA G 32 -35.20 0.11 29.10
N ILE G 33 -34.49 -0.78 29.80
CA ILE G 33 -33.17 -0.50 30.33
C ILE G 33 -32.09 -0.53 29.23
N GLU G 34 -32.20 -1.52 28.34
CA GLU G 34 -31.16 -1.80 27.36
C GLU G 34 -31.78 -2.23 26.04
N LEU G 35 -31.22 -1.74 24.93
CA LEU G 35 -31.66 -2.17 23.60
C LEU G 35 -30.50 -2.72 22.75
N ARG G 36 -30.65 -3.94 22.25
CA ARG G 36 -29.66 -4.55 21.37
C ARG G 36 -30.25 -4.94 20.01
N PHE G 37 -29.61 -4.47 18.94
CA PHE G 37 -29.97 -4.87 17.59
C PHE G 37 -28.84 -5.64 16.93
N VAL G 38 -29.05 -6.95 16.78
CA VAL G 38 -27.99 -7.88 16.40
C VAL G 38 -28.39 -8.72 15.19
N LEU G 39 -27.51 -8.74 14.18
CA LEU G 39 -27.74 -9.57 13.00
C LEU G 39 -29.04 -9.21 12.31
N THR G 40 -29.34 -7.93 12.23
CA THR G 40 -30.59 -7.50 11.59
C THR G 40 -30.35 -7.11 10.15
N LYS G 41 -31.30 -7.42 9.28
CA LYS G 41 -31.33 -6.80 7.97
C LYS G 41 -32.06 -5.48 8.16
N LEU G 42 -31.29 -4.44 8.46
CA LEU G 42 -31.80 -3.14 8.82
C LEU G 42 -31.05 -2.17 7.95
N ARG G 43 -31.71 -1.59 6.96
CA ARG G 43 -31.00 -0.72 6.04
C ARG G 43 -30.83 0.69 6.61
N VAL G 44 -31.76 1.12 7.46
CA VAL G 44 -31.68 2.46 8.05
C VAL G 44 -32.18 2.49 9.50
N ILE G 45 -31.56 3.37 10.29
CA ILE G 45 -32.04 3.64 11.65
C ILE G 45 -32.65 5.03 11.65
N GLN G 46 -33.97 5.08 11.76
CA GLN G 46 -34.74 6.27 11.39
C GLN G 46 -34.67 7.40 12.41
N LYS G 47 -34.97 8.61 11.96
CA LYS G 47 -34.92 9.80 12.79
C LYS G 47 -35.66 9.60 14.11
N GLY G 48 -35.06 10.06 15.20
CA GLY G 48 -35.67 9.96 16.53
C GLY G 48 -36.14 8.55 16.86
N ALA G 49 -35.43 7.57 16.33
CA ALA G 49 -35.79 6.17 16.53
C ALA G 49 -35.77 5.75 18.00
N PHE G 50 -34.82 6.26 18.77
CA PHE G 50 -34.70 5.88 20.19
C PHE G 50 -35.17 6.97 21.13
N SER G 51 -35.55 8.12 20.57
CA SER G 51 -36.00 9.25 21.38
C SER G 51 -37.13 8.83 22.30
N GLY G 52 -36.97 9.12 23.59
CA GLY G 52 -38.07 8.97 24.55
C GLY G 52 -38.06 7.70 25.40
N PHE G 53 -36.90 7.12 25.64
CA PHE G 53 -36.76 6.08 26.65
C PHE G 53 -35.97 6.68 27.81
N GLY G 54 -36.68 7.08 28.87
CA GLY G 54 -36.02 7.73 30.00
C GLY G 54 -35.30 6.74 30.89
N ASP G 55 -35.53 5.46 30.64
CA ASP G 55 -34.92 4.41 31.45
C ASP G 55 -33.68 3.82 30.79
N LEU G 56 -33.36 4.27 29.58
CA LEU G 56 -32.43 3.55 28.71
C LEU G 56 -30.96 3.82 29.02
N GLU G 57 -30.27 2.76 29.47
CA GLU G 57 -28.86 2.88 29.85
C GLU G 57 -27.88 2.51 28.74
N LYS G 58 -28.18 1.44 27.99
CA LYS G 58 -27.25 0.93 26.98
C LYS G 58 -27.91 0.70 25.62
N ILE G 59 -27.20 1.05 24.55
CA ILE G 59 -27.66 0.71 23.20
C ILE G 59 -26.58 0.00 22.38
N GLU G 60 -26.84 -1.27 22.04
CA GLU G 60 -25.92 -2.08 21.21
C GLU G 60 -26.44 -2.29 19.80
N ILE G 61 -25.73 -1.75 18.82
CA ILE G 61 -26.02 -2.03 17.43
C ILE G 61 -24.83 -2.73 16.78
N SER G 62 -24.95 -4.03 16.56
CA SER G 62 -23.79 -4.78 16.11
C SER G 62 -24.09 -5.92 15.14
N GLN G 63 -23.23 -6.04 14.13
CA GLN G 63 -23.28 -7.08 13.12
C GLN G 63 -24.50 -6.95 12.21
N ASN G 64 -24.59 -5.80 11.56
CA ASN G 64 -25.66 -5.51 10.61
C ASN G 64 -25.07 -5.16 9.24
N ASP G 65 -25.16 -6.12 8.32
CA ASP G 65 -24.48 -6.01 7.03
C ASP G 65 -25.15 -5.04 6.06
N VAL G 66 -26.46 -4.84 6.22
CA VAL G 66 -27.21 -4.02 5.28
C VAL G 66 -27.48 -2.61 5.80
N LEU G 67 -26.96 -2.28 6.97
CA LEU G 67 -27.16 -0.96 7.55
C LEU G 67 -26.28 0.10 6.89
N GLU G 68 -26.89 1.06 6.21
CA GLU G 68 -26.15 2.08 5.48
C GLU G 68 -26.20 3.49 6.12
N VAL G 69 -27.21 3.75 6.95
CA VAL G 69 -27.38 5.11 7.52
C VAL G 69 -27.94 5.20 8.93
N ILE G 70 -27.45 6.19 9.67
CA ILE G 70 -28.05 6.58 10.94
C ILE G 70 -28.57 8.00 10.84
N GLU G 71 -29.89 8.13 10.90
CA GLU G 71 -30.58 9.41 10.70
C GLU G 71 -30.26 10.44 11.79
N ALA G 72 -30.70 11.68 11.57
CA ALA G 72 -30.54 12.75 12.57
C ALA G 72 -31.35 12.49 13.83
N ASP G 73 -30.90 13.06 14.93
CA ASP G 73 -31.64 13.02 16.19
C ASP G 73 -32.01 11.60 16.55
N VAL G 74 -31.11 10.66 16.29
CA VAL G 74 -31.39 9.27 16.60
C VAL G 74 -31.09 8.98 18.06
N PHE G 75 -29.96 9.49 18.54
CA PHE G 75 -29.67 9.41 19.96
C PHE G 75 -29.87 10.77 20.59
N SER G 76 -31.05 10.98 21.16
CA SER G 76 -31.44 12.25 21.76
C SER G 76 -32.55 12.01 22.79
N ASN G 77 -32.65 12.88 23.78
CA ASN G 77 -33.62 12.67 24.86
C ASN G 77 -33.49 11.24 25.39
N LEU G 78 -32.33 10.99 26.01
CA LEU G 78 -32.02 9.72 26.66
C LEU G 78 -31.16 10.06 27.86
N PRO G 79 -31.74 10.73 28.86
CA PRO G 79 -30.95 11.25 29.97
C PRO G 79 -30.18 10.18 30.74
N LYS G 80 -30.55 8.91 30.58
CA LYS G 80 -29.90 7.84 31.34
C LYS G 80 -28.87 7.03 30.56
N LEU G 81 -28.61 7.41 29.30
CA LEU G 81 -27.73 6.63 28.42
C LEU G 81 -26.27 6.90 28.72
N HIS G 82 -25.56 5.90 29.23
CA HIS G 82 -24.14 6.06 29.49
C HIS G 82 -23.30 5.36 28.43
N GLU G 83 -23.93 4.47 27.66
CA GLU G 83 -23.17 3.60 26.77
C GLU G 83 -23.82 3.31 25.40
N ILE G 84 -23.15 3.76 24.34
CA ILE G 84 -23.56 3.47 22.96
C ILE G 84 -22.51 2.63 22.24
N ARG G 85 -22.93 1.51 21.65
CA ARG G 85 -21.99 0.57 21.05
C ARG G 85 -22.35 0.17 19.62
N ILE G 86 -21.59 0.68 18.65
CA ILE G 86 -21.82 0.44 17.23
C ILE G 86 -20.67 -0.38 16.63
N GLU G 87 -20.94 -1.66 16.37
CA GLU G 87 -19.89 -2.62 16.02
C GLU G 87 -20.21 -3.39 14.75
N LYS G 88 -19.23 -3.51 13.86
CA LYS G 88 -19.34 -4.45 12.75
C LYS G 88 -20.56 -4.15 11.89
N ALA G 89 -20.57 -2.97 11.30
CA ALA G 89 -21.55 -2.64 10.28
C ALA G 89 -20.73 -2.23 9.07
N ASN G 90 -20.56 -3.17 8.14
CA ASN G 90 -19.61 -3.00 7.05
C ASN G 90 -20.11 -2.09 5.94
N ASN G 91 -21.42 -1.90 5.85
CA ASN G 91 -21.96 -1.06 4.80
C ASN G 91 -22.42 0.32 5.27
N LEU G 92 -22.18 0.60 6.55
CA LEU G 92 -22.58 1.86 7.13
C LEU G 92 -21.52 2.93 6.86
N LEU G 93 -21.76 3.77 5.86
CA LEU G 93 -20.81 4.80 5.47
C LEU G 93 -21.18 6.18 6.00
N TYR G 94 -22.45 6.36 6.35
CA TYR G 94 -22.98 7.69 6.67
C TYR G 94 -23.68 7.78 8.03
N ILE G 95 -23.06 8.50 8.95
CA ILE G 95 -23.74 8.91 10.17
C ILE G 95 -24.06 10.41 10.15
N ASN G 96 -25.35 10.68 10.05
CA ASN G 96 -25.89 12.02 10.05
C ASN G 96 -25.27 12.87 11.15
N PRO G 97 -24.81 14.09 10.81
CA PRO G 97 -24.19 14.96 11.80
C PRO G 97 -25.16 15.37 12.92
N GLU G 98 -26.45 15.12 12.73
CA GLU G 98 -27.44 15.42 13.76
C GLU G 98 -27.87 14.17 14.53
N ALA G 99 -27.13 13.08 14.36
CA ALA G 99 -27.51 11.79 14.96
C ALA G 99 -27.24 11.79 16.46
N PHE G 100 -26.19 12.48 16.86
CA PHE G 100 -25.81 12.52 18.25
C PHE G 100 -26.16 13.85 18.88
N GLN G 101 -27.20 13.80 19.70
CA GLN G 101 -27.73 14.97 20.37
C GLN G 101 -27.26 14.97 21.81
N ASN G 102 -27.77 15.91 22.58
CA ASN G 102 -27.47 16.01 23.99
C ASN G 102 -27.71 14.68 24.71
N LEU G 103 -26.67 14.17 25.37
CA LEU G 103 -26.76 12.94 26.14
C LEU G 103 -25.95 13.11 27.42
N PRO G 104 -26.54 13.76 28.44
CA PRO G 104 -25.76 14.22 29.57
C PRO G 104 -24.95 13.12 30.27
N ASN G 105 -25.39 11.87 30.16
CA ASN G 105 -24.82 10.78 30.95
C ASN G 105 -23.88 9.82 30.19
N LEU G 106 -23.50 10.18 28.96
CA LEU G 106 -22.73 9.27 28.12
C LEU G 106 -21.31 9.06 28.64
N GLN G 107 -20.96 7.81 28.96
CA GLN G 107 -19.58 7.46 29.37
C GLN G 107 -18.74 6.86 28.23
N TYR G 108 -19.40 6.10 27.36
CA TYR G 108 -18.72 5.23 26.43
C TYR G 108 -19.42 5.27 25.07
N LEU G 109 -18.77 5.87 24.07
CA LEU G 109 -19.23 5.76 22.69
C LEU G 109 -18.25 4.90 21.88
N LEU G 110 -18.72 3.76 21.42
CA LEU G 110 -17.88 2.79 20.72
C LEU G 110 -18.31 2.63 19.27
N ILE G 111 -17.45 3.04 18.35
CA ILE G 111 -17.66 2.72 16.94
C ILE G 111 -16.46 1.94 16.41
N SER G 112 -16.70 0.67 16.08
CA SER G 112 -15.61 -0.21 15.72
C SER G 112 -15.99 -1.15 14.56
N ASN G 113 -15.06 -1.28 13.62
CA ASN G 113 -15.27 -2.14 12.45
C ASN G 113 -16.49 -1.71 11.63
N THR G 114 -16.45 -0.49 11.10
CA THR G 114 -17.55 0.03 10.30
C THR G 114 -17.05 0.71 9.02
N GLY G 115 -17.98 1.03 8.14
CA GLY G 115 -17.65 1.72 6.90
C GLY G 115 -17.45 3.23 7.00
N ILE G 116 -17.85 3.84 8.12
CA ILE G 116 -17.88 5.30 8.19
C ILE G 116 -16.61 5.96 7.63
N LYS G 117 -16.81 7.04 6.88
CA LYS G 117 -15.71 7.74 6.23
C LYS G 117 -15.21 8.92 7.05
N HIS G 118 -15.98 9.29 8.05
CA HIS G 118 -15.65 10.44 8.89
C HIS G 118 -15.94 10.14 10.35
N LEU G 119 -15.16 10.76 11.24
CA LEU G 119 -15.47 10.74 12.67
C LEU G 119 -16.93 11.15 12.87
N PRO G 120 -17.60 10.60 13.90
CA PRO G 120 -18.97 11.02 14.15
C PRO G 120 -19.00 12.43 14.71
N ASP G 121 -20.10 13.15 14.50
CA ASP G 121 -20.15 14.54 14.95
C ASP G 121 -20.58 14.59 16.41
N VAL G 122 -19.71 15.08 17.29
CA VAL G 122 -19.96 14.96 18.73
C VAL G 122 -20.31 16.27 19.44
N HIS G 123 -20.27 17.40 18.73
CA HIS G 123 -20.32 18.71 19.39
C HIS G 123 -21.64 19.02 20.11
N LYS G 124 -22.66 18.19 19.92
CA LYS G 124 -23.94 18.39 20.59
C LYS G 124 -24.20 17.41 21.74
N ILE G 125 -23.19 16.68 22.18
CA ILE G 125 -23.37 15.62 23.19
C ILE G 125 -23.35 16.18 24.61
N HIS G 126 -22.39 17.07 24.84
CA HIS G 126 -22.31 17.82 26.08
C HIS G 126 -22.60 16.90 27.26
N SER G 127 -21.66 16.00 27.54
CA SER G 127 -21.85 15.02 28.60
C SER G 127 -21.25 15.54 29.91
N LEU G 128 -21.90 15.18 31.01
CA LEU G 128 -21.43 15.60 32.32
C LEU G 128 -20.35 14.65 32.79
N GLN G 129 -20.42 13.41 32.31
CA GLN G 129 -19.43 12.40 32.65
C GLN G 129 -18.15 12.53 31.83
N LYS G 130 -17.06 11.96 32.35
CA LYS G 130 -15.87 11.68 31.54
C LYS G 130 -16.28 10.72 30.45
N VAL G 131 -15.78 10.94 29.23
CA VAL G 131 -16.14 10.06 28.12
C VAL G 131 -14.97 9.30 27.53
N LEU G 132 -15.17 8.01 27.30
CA LEU G 132 -14.25 7.22 26.50
C LEU G 132 -14.85 7.11 25.12
N LEU G 133 -14.20 7.78 24.17
CA LEU G 133 -14.56 7.69 22.77
C LEU G 133 -13.59 6.71 22.09
N ASP G 134 -14.14 5.57 21.69
CA ASP G 134 -13.36 4.43 21.21
C ASP G 134 -13.73 4.14 19.75
N ILE G 135 -12.89 4.60 18.84
CA ILE G 135 -13.18 4.51 17.41
C ILE G 135 -12.01 3.82 16.73
N GLN G 136 -12.28 2.61 16.25
CA GLN G 136 -11.22 1.67 15.90
C GLN G 136 -11.64 0.73 14.78
N ASP G 137 -10.66 0.37 13.95
CA ASP G 137 -10.91 -0.56 12.87
C ASP G 137 -11.95 0.00 11.91
N ASN G 138 -11.90 1.30 11.66
CA ASN G 138 -12.67 1.91 10.58
C ASN G 138 -11.68 2.48 9.59
N ILE G 139 -11.45 1.74 8.51
CA ILE G 139 -10.37 2.02 7.57
C ILE G 139 -10.66 3.20 6.63
N ASN G 140 -11.93 3.55 6.47
CA ASN G 140 -12.32 4.66 5.58
C ASN G 140 -12.21 6.06 6.21
N ILE G 141 -11.91 6.10 7.50
CA ILE G 141 -11.72 7.39 8.16
C ILE G 141 -10.30 7.84 7.90
N HIS G 142 -10.12 8.90 7.10
CA HIS G 142 -8.77 9.31 6.72
C HIS G 142 -8.28 10.60 7.37
N THR G 143 -9.17 11.35 7.99
CA THR G 143 -8.78 12.68 8.45
C THR G 143 -9.53 13.14 9.69
N ILE G 144 -8.85 13.97 10.47
CA ILE G 144 -9.43 14.57 11.66
C ILE G 144 -9.46 16.08 11.52
N GLU G 145 -10.66 16.63 11.37
CA GLU G 145 -10.84 18.05 11.12
C GLU G 145 -10.47 18.91 12.32
N ARG G 146 -10.54 20.23 12.13
CA ARG G 146 -10.43 21.20 13.23
C ARG G 146 -11.65 21.08 14.14
N ASN G 147 -11.40 21.08 15.45
CA ASN G 147 -12.49 21.03 16.42
C ASN G 147 -13.33 19.76 16.31
N SER G 148 -12.68 18.62 16.19
CA SER G 148 -13.43 17.39 15.98
C SER G 148 -14.09 16.88 17.25
N PHE G 149 -13.61 17.33 18.41
CA PHE G 149 -14.06 16.77 19.69
C PHE G 149 -14.62 17.76 20.71
N VAL G 150 -14.75 19.03 20.34
CA VAL G 150 -15.27 20.00 21.30
C VAL G 150 -16.77 19.80 21.53
N GLY G 151 -17.21 20.00 22.77
CA GLY G 151 -18.61 19.82 23.11
C GLY G 151 -19.01 18.39 23.39
N LEU G 152 -18.06 17.47 23.26
CA LEU G 152 -18.31 16.07 23.56
C LEU G 152 -18.63 15.94 25.04
N SER G 153 -17.89 16.69 25.85
CA SER G 153 -18.08 16.63 27.30
C SER G 153 -17.45 17.82 28.06
N PHE G 154 -18.10 18.20 29.16
CA PHE G 154 -17.57 19.23 30.06
C PHE G 154 -16.47 18.63 30.92
N GLU G 155 -16.54 17.32 31.10
CA GLU G 155 -15.48 16.55 31.76
C GLU G 155 -14.36 16.20 30.79
N SER G 156 -13.21 15.79 31.34
CA SER G 156 -12.07 15.33 30.55
C SER G 156 -12.42 14.12 29.71
N VAL G 157 -11.57 13.84 28.73
CA VAL G 157 -11.90 12.97 27.61
C VAL G 157 -10.77 11.98 27.29
N ILE G 158 -11.14 10.75 26.93
CA ILE G 158 -10.19 9.75 26.46
C ILE G 158 -10.47 9.41 25.02
N LEU G 159 -9.47 9.66 24.17
CA LEU G 159 -9.68 9.50 22.73
C LEU G 159 -8.85 8.37 22.15
N TRP G 160 -9.54 7.31 21.78
CA TRP G 160 -8.91 6.18 21.13
C TRP G 160 -9.32 6.14 19.67
N LEU G 161 -8.39 6.58 18.82
CA LEU G 161 -8.63 6.71 17.38
C LEU G 161 -7.75 5.73 16.61
N ASN G 162 -7.18 4.78 17.33
CA ASN G 162 -6.19 3.85 16.77
C ASN G 162 -6.79 2.87 15.76
N LYS G 163 -5.91 2.29 14.94
CA LYS G 163 -6.30 1.29 13.94
C LYS G 163 -7.38 1.82 12.99
N ASN G 164 -7.21 3.06 12.56
CA ASN G 164 -8.09 3.62 11.55
C ASN G 164 -7.36 3.85 10.23
N GLY G 165 -7.83 4.75 9.38
CA GLY G 165 -7.12 5.06 8.15
C GLY G 165 -6.58 6.48 8.18
N ILE G 166 -6.44 7.01 9.37
CA ILE G 166 -6.09 8.41 9.53
C ILE G 166 -4.73 8.72 8.91
N GLN G 167 -4.71 9.55 7.88
CA GLN G 167 -3.47 10.05 7.32
C GLN G 167 -3.32 11.56 7.52
N GLU G 168 -4.38 12.20 8.02
CA GLU G 168 -4.47 13.66 8.09
C GLU G 168 -5.03 14.21 9.41
N ILE G 169 -4.22 14.97 10.15
CA ILE G 169 -4.69 15.68 11.33
C ILE G 169 -4.50 17.22 11.23
N HIS G 170 -5.60 17.96 11.11
CA HIS G 170 -5.54 19.42 11.00
C HIS G 170 -5.15 20.10 12.30
N ASN G 171 -4.69 21.34 12.21
CA ASN G 171 -4.42 22.14 13.42
C ASN G 171 -5.68 22.37 14.22
N SER G 172 -5.53 22.41 15.55
CA SER G 172 -6.67 22.61 16.43
C SER G 172 -7.73 21.54 16.23
N ALA G 173 -7.29 20.29 16.05
CA ALA G 173 -8.22 19.18 15.93
C ALA G 173 -8.75 18.83 17.31
N PHE G 174 -7.96 19.14 18.33
CA PHE G 174 -8.30 18.77 19.71
C PHE G 174 -8.61 19.99 20.58
N ASN G 175 -8.83 21.13 19.92
CA ASN G 175 -9.12 22.39 20.62
C ASN G 175 -10.47 22.37 21.33
N GLY G 176 -10.47 22.87 22.57
CA GLY G 176 -11.69 22.96 23.38
C GLY G 176 -11.99 21.65 24.08
N THR G 177 -10.93 20.94 24.42
CA THR G 177 -11.04 19.57 24.85
C THR G 177 -10.05 19.34 25.98
N GLN G 178 -10.52 18.69 27.05
CA GLN G 178 -9.62 18.21 28.08
C GLN G 178 -9.24 16.78 27.74
N LEU G 179 -8.02 16.60 27.23
CA LEU G 179 -7.55 15.29 26.80
C LEU G 179 -6.81 14.59 27.90
N ASP G 180 -7.35 13.50 28.39
CA ASP G 180 -6.58 12.70 29.32
C ASP G 180 -5.55 11.91 28.52
N GLU G 181 -6.05 11.30 27.45
CA GLU G 181 -5.35 10.24 26.76
C GLU G 181 -5.68 10.30 25.27
N LEU G 182 -4.66 10.09 24.44
CA LEU G 182 -4.83 10.09 22.99
C LEU G 182 -4.07 8.94 22.38
N ASN G 183 -4.78 8.02 21.74
CA ASN G 183 -4.14 6.91 21.09
C ASN G 183 -4.33 6.97 19.57
N LEU G 184 -3.25 7.28 18.87
CA LEU G 184 -3.29 7.43 17.41
C LEU G 184 -2.58 6.26 16.73
N SER G 185 -2.22 5.26 17.52
CA SER G 185 -1.37 4.18 17.09
C SER G 185 -2.00 3.35 15.99
N ASP G 186 -1.13 2.69 15.23
CA ASP G 186 -1.54 1.81 14.13
C ASP G 186 -2.35 2.51 13.04
N ASN G 187 -2.13 3.81 12.86
CA ASN G 187 -2.56 4.48 11.65
C ASN G 187 -1.28 4.64 10.85
N ASN G 188 -1.07 3.70 9.93
CA ASN G 188 0.27 3.52 9.34
C ASN G 188 0.65 4.65 8.39
N ASN G 189 -0.34 5.24 7.75
CA ASN G 189 -0.09 6.29 6.78
C ASN G 189 -0.01 7.70 7.35
N LEU G 190 -0.01 7.82 8.67
CA LEU G 190 0.01 9.14 9.33
C LEU G 190 1.44 9.67 9.43
N GLU G 191 1.75 10.69 8.65
CA GLU G 191 3.12 11.15 8.53
C GLU G 191 3.46 12.29 9.47
N GLU G 192 2.53 13.19 9.72
CA GLU G 192 2.83 14.43 10.42
C GLU G 192 1.76 14.91 11.41
N LEU G 193 2.21 15.28 12.59
CA LEU G 193 1.39 16.06 13.52
C LEU G 193 1.71 17.54 13.39
N PRO G 194 0.76 18.31 12.82
CA PRO G 194 0.95 19.75 12.69
C PRO G 194 1.40 20.33 14.02
N ASN G 195 2.12 21.44 13.99
CA ASN G 195 2.65 21.99 15.23
C ASN G 195 1.56 22.50 16.18
N ASP G 196 0.34 22.64 15.66
CA ASP G 196 -0.77 23.16 16.47
C ASP G 196 -1.86 22.15 16.83
N VAL G 197 -1.57 20.85 16.74
CA VAL G 197 -2.58 19.84 17.08
C VAL G 197 -3.21 20.12 18.44
N PHE G 198 -2.36 20.44 19.40
CA PHE G 198 -2.76 20.50 20.80
C PHE G 198 -3.12 21.91 21.25
N HIS G 199 -3.35 22.79 20.29
CA HIS G 199 -3.80 24.14 20.55
C HIS G 199 -5.18 24.14 21.18
N GLY G 200 -5.33 24.86 22.28
CA GLY G 200 -6.62 24.99 22.94
C GLY G 200 -7.10 23.65 23.48
N ALA G 201 -6.15 22.74 23.68
CA ALA G 201 -6.45 21.47 24.29
C ALA G 201 -5.68 21.39 25.58
N SER G 202 -6.30 20.86 26.62
CA SER G 202 -5.58 20.58 27.84
C SER G 202 -5.02 19.17 27.65
N GLY G 203 -3.83 18.91 28.19
CA GLY G 203 -3.20 17.60 28.01
C GLY G 203 -2.66 17.46 26.61
N PRO G 204 -2.45 16.22 26.13
CA PRO G 204 -2.70 14.88 26.70
C PRO G 204 -1.71 14.49 27.79
N VAL G 205 -2.17 13.65 28.72
CA VAL G 205 -1.31 13.14 29.78
C VAL G 205 -0.66 11.84 29.30
N ILE G 206 -1.42 11.09 28.50
CA ILE G 206 -0.94 9.88 27.85
C ILE G 206 -1.14 9.99 26.33
N LEU G 207 -0.06 9.72 25.59
CA LEU G 207 -0.08 9.82 24.12
C LEU G 207 0.55 8.59 23.53
N ASP G 208 -0.20 7.91 22.67
CA ASP G 208 0.34 6.77 21.94
C ASP G 208 0.32 7.04 20.43
N ILE G 209 1.53 7.10 19.87
CA ILE G 209 1.73 7.22 18.43
C ILE G 209 2.46 5.99 17.86
N SER G 210 2.33 4.86 18.55
CA SER G 210 3.01 3.67 18.08
C SER G 210 2.58 3.29 16.67
N ARG G 211 3.54 2.76 15.91
CA ARG G 211 3.31 2.23 14.57
C ARG G 211 2.63 3.24 13.64
N THR G 212 3.19 4.45 13.62
CA THR G 212 2.82 5.49 12.68
C THR G 212 4.12 6.04 12.10
N ARG G 213 4.03 6.72 10.96
CA ARG G 213 5.20 7.30 10.33
C ARG G 213 5.45 8.72 10.80
N ILE G 214 4.80 9.11 11.88
CA ILE G 214 4.97 10.45 12.40
C ILE G 214 6.45 10.79 12.52
N HIS G 215 6.84 11.89 11.91
CA HIS G 215 8.23 12.31 11.84
C HIS G 215 8.68 13.12 13.05
N SER G 216 7.77 13.88 13.66
CA SER G 216 8.17 14.80 14.74
C SER G 216 7.05 15.09 15.74
N LEU G 217 7.44 15.33 16.99
CA LEU G 217 6.49 15.74 18.02
C LEU G 217 6.36 17.26 18.07
N PRO G 218 5.16 17.75 18.39
CA PRO G 218 4.85 19.18 18.55
C PRO G 218 5.63 19.85 19.67
N SER G 219 6.01 21.11 19.47
CA SER G 219 6.90 21.81 20.40
C SER G 219 6.18 22.34 21.64
N TYR G 220 4.86 22.47 21.55
CA TYR G 220 4.07 22.87 22.70
C TYR G 220 2.79 22.03 22.74
N GLY G 221 2.22 21.88 23.92
CA GLY G 221 1.01 21.08 24.10
C GLY G 221 1.31 19.82 24.86
N LEU G 222 2.60 19.57 25.10
CA LEU G 222 3.03 18.37 25.82
C LEU G 222 3.58 18.68 27.21
N GLU G 223 3.33 19.89 27.70
CA GLU G 223 3.80 20.24 29.04
C GLU G 223 3.17 19.33 30.11
N ASN G 224 2.04 18.70 29.77
CA ASN G 224 1.34 17.82 30.70
C ASN G 224 1.52 16.32 30.43
N LEU G 225 2.47 15.97 29.58
CA LEU G 225 2.64 14.58 29.17
C LEU G 225 3.39 13.77 30.23
N LYS G 226 2.74 12.74 30.75
CA LYS G 226 3.36 11.87 31.74
C LYS G 226 3.89 10.60 31.07
N LYS G 227 3.11 10.09 30.11
CA LYS G 227 3.41 8.81 29.49
C LYS G 227 3.36 8.84 27.96
N LEU G 228 4.48 8.50 27.34
CA LEU G 228 4.62 8.50 25.88
C LEU G 228 4.93 7.09 25.36
N ARG G 229 4.04 6.57 24.52
CA ARG G 229 4.25 5.28 23.90
C ARG G 229 4.43 5.46 22.39
N ALA G 230 5.68 5.27 21.93
CA ALA G 230 5.97 5.31 20.51
C ALA G 230 6.75 4.06 20.11
N ARG G 231 6.01 3.01 19.82
CA ARG G 231 6.63 1.74 19.53
C ARG G 231 6.73 1.65 18.02
N SER G 232 7.87 1.17 17.53
CA SER G 232 8.03 0.98 16.10
C SER G 232 7.51 2.24 15.44
N THR G 233 8.01 3.38 15.92
CA THR G 233 7.72 4.65 15.28
C THR G 233 9.01 5.11 14.67
N TYR G 234 9.26 4.67 13.45
CA TYR G 234 10.63 4.63 12.96
C TYR G 234 11.19 5.95 12.50
N ASN G 235 10.42 6.76 11.77
CA ASN G 235 10.99 8.04 11.33
C ASN G 235 10.81 9.19 12.33
N LEU G 236 10.38 8.86 13.55
CA LEU G 236 10.45 9.82 14.66
C LEU G 236 11.82 9.71 15.31
N LYS G 237 12.73 10.60 14.93
CA LYS G 237 14.15 10.40 15.25
C LYS G 237 14.70 11.34 16.32
N LYS G 238 14.36 12.62 16.25
CA LYS G 238 14.68 13.51 17.36
C LYS G 238 13.66 13.28 18.48
N LEU G 239 13.33 14.34 19.22
CA LEU G 239 12.37 14.29 20.31
C LEU G 239 12.58 15.56 21.10
N PRO G 240 11.50 16.15 21.63
CA PRO G 240 11.68 17.30 22.49
C PRO G 240 12.68 17.02 23.61
N THR G 241 13.30 18.07 24.14
CA THR G 241 14.24 17.93 25.24
C THR G 241 13.46 17.78 26.53
N LEU G 242 14.07 17.16 27.53
CA LEU G 242 13.40 16.96 28.81
C LEU G 242 12.75 18.26 29.30
N GLU G 243 13.43 19.38 29.09
CA GLU G 243 12.93 20.66 29.57
C GLU G 243 11.57 20.98 28.94
N LYS G 244 11.31 20.47 27.74
CA LYS G 244 10.01 20.66 27.09
C LYS G 244 8.98 19.61 27.53
N LEU G 245 9.44 18.43 27.91
CA LEU G 245 8.53 17.42 28.44
C LEU G 245 8.72 17.33 29.94
N VAL G 246 8.06 18.24 30.64
CA VAL G 246 8.36 18.46 32.05
C VAL G 246 7.71 17.41 32.92
N ALA G 247 6.59 16.88 32.48
CA ALA G 247 5.81 15.95 33.29
C ALA G 247 6.12 14.48 33.01
N LEU G 248 6.86 14.20 31.94
CA LEU G 248 7.07 12.82 31.49
C LEU G 248 7.67 11.92 32.57
N MET G 249 6.96 10.84 32.91
CA MET G 249 7.48 9.86 33.87
C MET G 249 7.81 8.55 33.19
N GLU G 250 7.20 8.30 32.03
CA GLU G 250 7.31 6.99 31.39
C GLU G 250 7.29 7.06 29.86
N ALA G 251 8.27 6.41 29.23
CA ALA G 251 8.41 6.42 27.78
C ALA G 251 8.77 5.04 27.26
N SER G 252 7.94 4.49 26.39
CA SER G 252 8.31 3.27 25.70
C SER G 252 8.49 3.57 24.21
N LEU G 253 9.76 3.67 23.84
CA LEU G 253 10.16 4.23 22.56
C LEU G 253 10.68 3.18 21.58
N THR G 254 11.29 3.66 20.49
CA THR G 254 11.84 2.78 19.48
C THR G 254 13.38 2.76 19.51
N TYR G 255 14.00 3.93 19.44
CA TYR G 255 15.45 4.02 19.42
C TYR G 255 16.08 4.16 20.81
N PRO G 256 16.84 3.15 21.24
CA PRO G 256 17.47 3.10 22.57
C PRO G 256 18.26 4.36 22.93
N SER G 257 18.81 5.05 21.94
CA SER G 257 19.61 6.23 22.21
C SER G 257 18.74 7.32 22.84
N HIS G 258 17.45 7.27 22.52
CA HIS G 258 16.48 8.14 23.18
C HIS G 258 16.47 7.88 24.69
N CYS G 259 16.29 6.62 25.07
CA CYS G 259 16.25 6.25 26.48
C CYS G 259 17.51 6.67 27.23
N CYS G 260 18.65 6.57 26.58
CA CYS G 260 19.89 6.99 27.20
C CYS G 260 19.86 8.50 27.45
N ALA G 261 19.38 9.25 26.46
CA ALA G 261 19.21 10.68 26.63
C ALA G 261 18.45 10.95 27.91
N PHE G 262 17.37 10.20 28.14
CA PHE G 262 16.54 10.41 29.33
C PHE G 262 17.23 9.99 30.61
N ALA G 263 17.91 8.85 30.62
CA ALA G 263 18.57 8.38 31.82
C ALA G 263 19.71 9.32 32.23
N ASN G 264 20.30 9.99 31.25
CA ASN G 264 21.45 10.86 31.52
C ASN G 264 21.10 12.28 31.95
N TRP G 265 19.84 12.69 31.82
CA TRP G 265 19.47 14.07 32.20
C TRP G 265 18.49 14.20 33.40
N ARG G 266 18.83 13.50 34.49
CA ARG G 266 18.42 13.84 35.87
C ARG G 266 17.12 14.64 36.11
N ARG G 267 17.23 15.37 37.24
CA ARG G 267 16.34 16.44 37.70
C ARG G 267 14.83 16.22 37.79
N GLN G 268 14.11 17.30 37.49
CA GLN G 268 12.71 17.51 37.87
C GLN G 268 12.55 17.41 39.40
N ILE G 269 11.33 17.23 39.90
CA ILE G 269 11.07 17.28 41.35
C ILE G 269 9.57 17.39 41.65
N SER G 270 9.05 16.84 42.75
CA SER G 270 9.65 15.77 43.58
C SER G 270 8.98 15.70 44.97
N GLU G 271 8.99 14.50 45.56
CA GLU G 271 8.46 14.25 46.91
C GLU G 271 7.17 15.00 47.28
N LEU G 272 7.14 15.51 48.52
CA LEU G 272 5.94 16.14 49.09
C LEU G 272 4.73 15.22 49.11
N HIS G 273 3.59 15.71 48.61
CA HIS G 273 2.34 14.96 48.62
C HIS G 273 1.79 14.83 50.05
N PRO G 274 0.48 14.53 50.18
CA PRO G 274 -0.11 14.34 51.50
C PRO G 274 0.48 13.12 52.21
N ILE G 275 1.81 13.08 52.28
CA ILE G 275 2.54 11.93 52.81
C ILE G 275 1.98 10.60 52.28
N CYS G 276 2.30 10.33 51.02
CA CYS G 276 1.97 9.06 50.38
C CYS G 276 2.90 7.95 50.91
N ASN G 277 4.03 8.36 51.50
CA ASN G 277 4.96 7.40 52.10
C ASN G 277 4.61 7.14 53.56
N LYS G 278 3.32 7.30 53.87
CA LYS G 278 2.76 7.08 55.19
C LYS G 278 3.31 5.83 55.89
N SER G 279 3.47 5.93 57.21
CA SER G 279 3.92 4.82 58.03
C SER G 279 5.00 4.01 57.32
N THR G 315 -2.40 -9.63 41.74
CA THR G 315 -1.63 -9.27 42.93
C THR G 315 -0.18 -8.96 42.58
N GLU G 316 0.11 -7.70 42.27
CA GLU G 316 1.47 -7.29 41.95
C GLU G 316 1.91 -6.10 42.81
N PHE G 317 1.74 -4.89 42.27
CA PHE G 317 2.05 -3.65 42.99
C PHE G 317 1.24 -2.52 42.36
N ASP G 318 0.35 -1.89 43.12
CA ASP G 318 -0.47 -0.80 42.57
C ASP G 318 -0.12 0.58 43.14
N TYS G 319 -0.88 1.60 42.73
CA TYS G 319 -0.35 2.95 42.76
CB TYS G 319 -1.16 3.93 41.89
CG TYS G 319 -2.65 3.92 42.05
CD1 TYS G 319 -3.45 4.62 41.16
CD2 TYS G 319 -3.27 3.23 43.08
CE1 TYS G 319 -4.83 4.63 41.28
CE2 TYS G 319 -4.65 3.23 43.21
CZ TYS G 319 -5.42 3.93 42.31
OH TYS G 319 -6.79 3.94 42.42
S TYS G 319 -7.22 2.61 43.23
O1 TYS G 319 -6.53 1.42 42.63
O2 TYS G 319 -8.73 2.44 43.12
O3 TYS G 319 -6.80 2.76 44.67
C TYS G 319 -0.01 3.57 44.11
O TYS G 319 -0.53 3.22 45.18
N ASP G 320 0.90 4.53 43.97
CA ASP G 320 1.62 5.20 45.02
C ASP G 320 1.89 6.58 44.47
N LEU G 321 1.19 7.60 44.94
CA LEU G 321 1.50 8.95 44.49
C LEU G 321 2.37 9.66 45.53
N CYS G 322 3.66 9.36 45.49
CA CYS G 322 4.62 10.03 46.37
C CYS G 322 5.58 10.91 45.56
N ASN G 323 5.56 10.79 44.24
CA ASN G 323 6.67 11.22 43.40
C ASN G 323 7.96 10.61 43.95
N GLU G 324 7.99 9.28 44.01
CA GLU G 324 9.13 8.57 44.58
C GLU G 324 10.34 8.60 43.65
N VAL G 325 10.08 8.64 42.33
CA VAL G 325 11.13 8.30 41.35
C VAL G 325 11.64 9.51 40.56
N VAL G 326 12.97 9.57 40.37
CA VAL G 326 13.58 10.70 39.68
C VAL G 326 13.64 10.57 38.15
N ASP G 327 14.23 9.50 37.63
CA ASP G 327 14.43 9.41 36.17
C ASP G 327 13.25 8.74 35.46
N VAL G 328 12.91 9.28 34.30
CA VAL G 328 11.90 8.69 33.44
C VAL G 328 12.16 7.20 33.26
N THR G 329 11.13 6.39 33.44
CA THR G 329 11.23 4.98 33.11
C THR G 329 11.16 4.87 31.59
N CYS G 330 12.20 4.30 30.99
CA CYS G 330 12.33 4.31 29.54
C CYS G 330 12.71 2.95 28.97
N SER G 331 12.12 2.62 27.83
CA SER G 331 12.47 1.40 27.10
C SER G 331 12.36 1.68 25.60
N PRO G 332 13.20 1.00 24.79
CA PRO G 332 14.15 -0.03 25.19
C PRO G 332 15.38 0.55 25.90
N LYS G 333 15.76 -0.06 27.02
CA LYS G 333 16.98 0.34 27.71
C LYS G 333 18.17 -0.25 26.96
N PRO G 334 19.21 0.57 26.75
CA PRO G 334 20.29 0.13 25.90
C PRO G 334 21.28 -0.83 26.54
N ASP G 335 20.79 -1.76 27.36
CA ASP G 335 21.62 -2.91 27.66
C ASP G 335 20.86 -4.21 27.48
N ALA G 336 20.92 -4.71 26.26
CA ALA G 336 20.61 -6.09 25.98
C ALA G 336 21.98 -6.73 25.88
N PHE G 337 22.70 -6.38 24.81
CA PHE G 337 24.09 -6.75 24.65
C PHE G 337 24.98 -5.51 24.44
N ASN G 338 24.40 -4.32 24.48
CA ASN G 338 25.13 -3.10 24.12
C ASN G 338 24.45 -1.79 24.52
N PRO G 339 25.26 -0.76 24.83
CA PRO G 339 24.79 0.55 25.24
C PRO G 339 24.58 1.46 24.04
N CYS G 340 24.30 2.72 24.28
CA CYS G 340 24.09 3.67 23.21
C CYS G 340 25.40 4.38 22.85
N GLU G 341 25.78 5.38 23.63
CA GLU G 341 26.84 6.30 23.23
C GLU G 341 26.69 6.50 21.73
N ASP G 342 25.45 6.66 21.29
CA ASP G 342 25.11 6.77 19.88
C ASP G 342 24.71 8.20 19.51
N ILE G 343 24.47 8.43 18.22
CA ILE G 343 24.12 9.75 17.72
C ILE G 343 22.90 10.29 18.45
N CYS H 2 -27.84 24.00 -39.75
CA CYS H 2 -26.98 22.80 -39.96
C CYS H 2 -27.62 21.52 -39.44
N HIS H 3 -27.04 20.38 -39.84
CA HIS H 3 -27.60 19.08 -39.46
C HIS H 3 -26.78 17.90 -39.97
N HIS H 4 -27.04 16.72 -39.43
CA HIS H 4 -26.36 15.48 -39.82
C HIS H 4 -27.16 14.25 -39.38
N ARG H 5 -26.87 13.11 -39.99
CA ARG H 5 -27.59 11.86 -39.69
C ARG H 5 -27.63 11.58 -38.19
N ILE H 6 -26.49 11.22 -37.61
CA ILE H 6 -26.44 10.91 -36.19
C ILE H 6 -26.08 12.12 -35.34
N CYS H 7 -24.88 12.65 -35.56
CA CYS H 7 -24.32 13.70 -34.71
C CYS H 7 -25.10 15.01 -34.76
N HIS H 8 -25.33 15.59 -33.59
CA HIS H 8 -25.84 16.95 -33.53
C HIS H 8 -24.77 17.84 -34.16
N CYS H 9 -25.18 18.96 -34.73
CA CYS H 9 -24.23 19.86 -35.39
C CYS H 9 -24.60 21.32 -35.13
N SER H 10 -23.58 22.15 -35.00
CA SER H 10 -23.77 23.59 -35.03
C SER H 10 -22.46 24.27 -35.46
N ASN H 11 -22.55 25.14 -36.46
CA ASN H 11 -21.40 25.90 -36.92
C ASN H 11 -20.15 25.05 -37.15
N ARG H 12 -20.30 23.98 -37.93
CA ARG H 12 -19.17 23.13 -38.30
C ARG H 12 -18.50 22.54 -37.06
N VAL H 13 -19.28 22.45 -35.98
CA VAL H 13 -18.88 21.76 -34.76
C VAL H 13 -19.78 20.55 -34.60
N PHE H 14 -19.21 19.35 -34.57
CA PHE H 14 -20.04 18.14 -34.57
C PHE H 14 -19.93 17.32 -33.29
N LEU H 15 -21.08 16.96 -32.74
CA LEU H 15 -21.16 16.20 -31.50
C LEU H 15 -21.90 14.89 -31.71
N CYS H 16 -21.19 13.78 -31.64
CA CYS H 16 -21.80 12.47 -31.77
C CYS H 16 -22.01 11.86 -30.38
N GLN H 17 -23.27 11.73 -29.96
CA GLN H 17 -23.54 11.35 -28.58
C GLN H 17 -24.39 10.09 -28.44
N GLU H 18 -24.53 9.65 -27.19
CA GLU H 18 -25.28 8.46 -26.80
C GLU H 18 -24.80 7.15 -27.43
N SER H 19 -25.65 6.15 -27.38
CA SER H 19 -25.24 4.78 -27.61
C SER H 19 -25.47 4.30 -29.04
N LYS H 20 -26.20 5.09 -29.82
CA LYS H 20 -26.46 4.72 -31.21
C LYS H 20 -25.21 4.92 -32.06
N VAL H 21 -24.21 5.58 -31.50
CA VAL H 21 -22.95 5.77 -32.20
C VAL H 21 -22.04 4.59 -31.90
N THR H 22 -21.92 3.65 -32.82
CA THR H 22 -21.09 2.48 -32.60
C THR H 22 -19.77 2.58 -33.36
N GLU H 23 -19.67 3.57 -34.24
CA GLU H 23 -18.45 3.80 -34.98
C GLU H 23 -18.47 5.22 -35.51
N ILE H 24 -17.32 5.70 -35.96
CA ILE H 24 -17.18 7.08 -36.39
C ILE H 24 -17.75 7.28 -37.78
N PRO H 25 -18.85 8.05 -37.88
CA PRO H 25 -19.54 8.29 -39.15
C PRO H 25 -18.61 8.73 -40.27
N SER H 26 -18.67 8.03 -41.41
CA SER H 26 -17.78 8.32 -42.52
C SER H 26 -18.24 9.53 -43.33
N ASP H 27 -19.48 9.96 -43.11
CA ASP H 27 -20.05 11.07 -43.85
C ASP H 27 -19.82 12.43 -43.18
N LEU H 28 -18.94 12.46 -42.19
CA LEU H 28 -18.60 13.72 -41.51
C LEU H 28 -17.87 14.70 -42.43
N PRO H 29 -18.42 15.91 -42.58
CA PRO H 29 -17.88 16.99 -43.40
C PRO H 29 -16.39 17.20 -43.16
N ARG H 30 -15.61 17.38 -44.23
CA ARG H 30 -14.16 17.58 -44.07
C ARG H 30 -13.84 19.04 -43.77
N ASN H 31 -14.88 19.86 -43.62
CA ASN H 31 -14.71 21.24 -43.21
C ASN H 31 -15.03 21.45 -41.73
N ALA H 32 -15.10 20.34 -40.98
CA ALA H 32 -15.40 20.39 -39.55
C ALA H 32 -14.29 21.08 -38.75
N ILE H 33 -14.70 22.03 -37.91
CA ILE H 33 -13.81 22.75 -37.02
C ILE H 33 -13.46 21.93 -35.78
N GLU H 34 -14.46 21.20 -35.27
CA GLU H 34 -14.35 20.50 -34.01
C GLU H 34 -15.14 19.19 -34.03
N LEU H 35 -14.54 18.12 -33.54
CA LEU H 35 -15.26 16.84 -33.39
C LEU H 35 -15.28 16.35 -31.94
N ARG H 36 -16.48 16.01 -31.45
CA ARG H 36 -16.64 15.49 -30.08
C ARG H 36 -17.40 14.18 -30.07
N PHE H 37 -16.78 13.15 -29.51
CA PHE H 37 -17.44 11.87 -29.32
C PHE H 37 -17.68 11.61 -27.84
N VAL H 38 -18.95 11.64 -27.45
CA VAL H 38 -19.34 11.64 -26.06
C VAL H 38 -20.37 10.56 -25.77
N LEU H 39 -20.12 9.76 -24.73
CA LEU H 39 -21.07 8.74 -24.30
C LEU H 39 -21.39 7.74 -25.42
N THR H 40 -20.39 7.40 -26.22
CA THR H 40 -20.61 6.45 -27.30
C THR H 40 -20.26 5.04 -26.88
N LYS H 41 -21.04 4.07 -27.38
CA LYS H 41 -20.61 2.68 -27.34
C LYS H 41 -19.74 2.50 -28.57
N LEU H 42 -18.44 2.76 -28.40
CA LEU H 42 -17.50 2.77 -29.50
C LEU H 42 -16.37 1.87 -29.06
N ARG H 43 -16.26 0.68 -29.61
CA ARG H 43 -15.25 -0.25 -29.11
C ARG H 43 -13.87 0.11 -29.65
N VAL H 44 -13.83 0.66 -30.86
CA VAL H 44 -12.55 1.01 -31.49
C VAL H 44 -12.62 2.31 -32.28
N ILE H 45 -11.49 3.01 -32.33
CA ILE H 45 -11.34 4.16 -33.19
C ILE H 45 -10.36 3.77 -34.30
N GLN H 46 -10.88 3.62 -35.51
CA GLN H 46 -10.18 2.89 -36.58
C GLN H 46 -9.07 3.70 -37.24
N LYS H 47 -8.15 2.97 -37.88
CA LYS H 47 -6.98 3.57 -38.52
C LYS H 47 -7.37 4.76 -39.40
N GLY H 48 -6.59 5.83 -39.32
CA GLY H 48 -6.81 7.01 -40.14
C GLY H 48 -8.20 7.59 -40.00
N ALA H 49 -8.85 7.31 -38.87
CA ALA H 49 -10.24 7.70 -38.69
C ALA H 49 -10.46 9.20 -38.90
N PHE H 50 -9.53 10.03 -38.43
CA PHE H 50 -9.71 11.48 -38.53
C PHE H 50 -8.85 12.10 -39.62
N SER H 51 -8.03 11.28 -40.27
CA SER H 51 -7.15 11.79 -41.33
C SER H 51 -7.95 12.56 -42.36
N GLY H 52 -7.49 13.77 -42.68
CA GLY H 52 -8.03 14.50 -43.82
C GLY H 52 -9.04 15.60 -43.56
N PHE H 53 -9.12 16.09 -42.32
CA PHE H 53 -9.89 17.29 -42.02
C PHE H 53 -8.92 18.45 -41.85
N GLY H 54 -8.73 19.25 -42.89
CA GLY H 54 -7.75 20.33 -42.84
C GLY H 54 -8.27 21.52 -42.06
N ASP H 55 -9.53 21.45 -41.65
CA ASP H 55 -10.17 22.54 -40.90
C ASP H 55 -10.24 22.26 -39.40
N LEU H 56 -9.73 21.11 -38.98
CA LEU H 56 -10.03 20.57 -37.66
C LEU H 56 -9.12 21.10 -36.55
N GLU H 57 -9.69 21.86 -35.63
CA GLU H 57 -8.93 22.45 -34.54
C GLU H 57 -8.89 21.60 -33.26
N LYS H 58 -10.05 21.04 -32.88
CA LYS H 58 -10.18 20.33 -31.60
C LYS H 58 -10.82 18.95 -31.77
N ILE H 59 -10.30 17.98 -31.03
CA ILE H 59 -10.93 16.65 -30.97
C ILE H 59 -11.15 16.19 -29.53
N GLU H 60 -12.41 16.05 -29.15
CA GLU H 60 -12.76 15.58 -27.81
C GLU H 60 -13.29 14.16 -27.90
N ILE H 61 -12.64 13.24 -27.19
CA ILE H 61 -13.18 11.90 -27.00
C ILE H 61 -13.32 11.63 -25.51
N SER H 62 -14.54 11.61 -25.01
CA SER H 62 -14.74 11.54 -23.57
C SER H 62 -15.99 10.77 -23.12
N GLN H 63 -15.79 9.98 -22.07
CA GLN H 63 -16.84 9.17 -21.44
C GLN H 63 -17.34 8.05 -22.31
N ASN H 64 -16.41 7.20 -22.75
CA ASN H 64 -16.73 6.04 -23.56
C ASN H 64 -16.29 4.77 -22.83
N ASP H 65 -17.27 4.03 -22.31
CA ASP H 65 -16.98 2.90 -21.42
C ASP H 65 -16.50 1.65 -22.15
N VAL H 66 -16.87 1.52 -23.41
CA VAL H 66 -16.55 0.32 -24.17
C VAL H 66 -15.36 0.51 -25.12
N LEU H 67 -14.76 1.69 -25.11
CA LEU H 67 -13.64 1.96 -26.00
C LEU H 67 -12.37 1.26 -25.51
N GLU H 68 -11.86 0.33 -26.31
CA GLU H 68 -10.68 -0.44 -25.90
C GLU H 68 -9.39 -0.07 -26.66
N VAL H 69 -9.51 0.49 -27.86
CA VAL H 69 -8.32 0.77 -28.69
C VAL H 69 -8.37 2.01 -29.57
N ILE H 70 -7.20 2.63 -29.74
CA ILE H 70 -7.02 3.65 -30.76
C ILE H 70 -5.97 3.17 -31.77
N GLU H 71 -6.41 3.00 -33.01
CA GLU H 71 -5.60 2.40 -34.07
C GLU H 71 -4.44 3.30 -34.49
N ALA H 72 -3.62 2.81 -35.41
CA ALA H 72 -2.48 3.57 -35.91
C ALA H 72 -2.93 4.70 -36.83
N ASP H 73 -2.11 5.74 -36.89
CA ASP H 73 -2.34 6.84 -37.83
C ASP H 73 -3.76 7.39 -37.66
N VAL H 74 -4.22 7.47 -36.42
CA VAL H 74 -5.57 7.99 -36.18
C VAL H 74 -5.56 9.52 -36.13
N PHE H 75 -4.54 10.08 -35.51
CA PHE H 75 -4.35 11.53 -35.54
C PHE H 75 -3.18 11.85 -36.46
N SER H 76 -3.49 12.09 -37.73
CA SER H 76 -2.48 12.36 -38.75
C SER H 76 -3.10 13.20 -39.85
N ASN H 77 -2.28 14.00 -40.52
CA ASN H 77 -2.78 14.91 -41.55
C ASN H 77 -3.94 15.75 -41.00
N LEU H 78 -3.63 16.56 -39.99
CA LEU H 78 -4.57 17.50 -39.40
C LEU H 78 -3.80 18.77 -39.05
N PRO H 79 -3.34 19.49 -40.08
CA PRO H 79 -2.40 20.59 -39.86
C PRO H 79 -2.95 21.67 -38.92
N LYS H 80 -4.26 21.67 -38.67
CA LYS H 80 -4.87 22.73 -37.86
C LYS H 80 -5.28 22.29 -36.44
N LEU H 81 -4.85 21.10 -36.04
CA LEU H 81 -5.23 20.57 -34.74
C LEU H 81 -4.29 21.07 -33.65
N HIS H 82 -4.83 21.87 -32.73
CA HIS H 82 -4.01 22.36 -31.63
C HIS H 82 -4.35 21.61 -30.34
N GLU H 83 -5.50 20.94 -30.32
CA GLU H 83 -6.02 20.37 -29.08
C GLU H 83 -6.66 18.98 -29.24
N ILE H 84 -6.10 18.00 -28.54
CA ILE H 84 -6.69 16.66 -28.44
C ILE H 84 -7.02 16.33 -26.99
N ARG H 85 -8.25 15.87 -26.75
CA ARG H 85 -8.71 15.64 -25.37
C ARG H 85 -9.35 14.26 -25.20
N ILE H 86 -8.64 13.36 -24.51
CA ILE H 86 -9.11 11.99 -24.28
C ILE H 86 -9.36 11.78 -22.78
N GLU H 87 -10.63 11.74 -22.40
CA GLU H 87 -11.04 11.79 -21.00
C GLU H 87 -11.99 10.65 -20.65
N LYS H 88 -11.74 9.97 -19.55
CA LYS H 88 -12.74 9.06 -19.02
C LYS H 88 -13.10 7.96 -20.01
N ALA H 89 -12.11 7.18 -20.39
CA ALA H 89 -12.35 5.93 -21.09
C ALA H 89 -11.76 4.83 -20.22
N ASN H 90 -12.61 4.16 -19.44
CA ASN H 90 -12.11 3.26 -18.41
C ASN H 90 -11.62 1.92 -18.94
N ASN H 91 -12.06 1.55 -20.14
CA ASN H 91 -11.63 0.27 -20.72
C ASN H 91 -10.60 0.39 -21.83
N LEU H 92 -10.07 1.60 -22.01
CA LEU H 92 -9.08 1.84 -23.04
C LEU H 92 -7.70 1.53 -22.48
N LEU H 93 -7.14 0.39 -22.86
CA LEU H 93 -5.83 -0.01 -22.33
C LEU H 93 -4.74 0.15 -23.38
N TYR H 94 -5.13 0.24 -24.65
CA TYR H 94 -4.15 0.23 -25.73
C TYR H 94 -4.25 1.41 -26.69
N ILE H 95 -3.22 2.24 -26.69
CA ILE H 95 -3.06 3.24 -27.74
C ILE H 95 -1.86 2.90 -28.63
N ASN H 96 -2.19 2.53 -29.86
CA ASN H 96 -1.24 2.20 -30.90
C ASN H 96 -0.10 3.20 -31.00
N PRO H 97 1.15 2.70 -30.99
CA PRO H 97 2.29 3.60 -31.03
C PRO H 97 2.33 4.44 -32.31
N GLU H 98 1.49 4.08 -33.27
CA GLU H 98 1.42 4.82 -34.54
C GLU H 98 0.18 5.71 -34.61
N ALA H 99 -0.52 5.84 -33.48
CA ALA H 99 -1.74 6.65 -33.43
C ALA H 99 -1.42 8.13 -33.62
N PHE H 100 -0.38 8.59 -32.96
CA PHE H 100 -0.03 9.99 -33.02
C PHE H 100 1.03 10.25 -34.06
N GLN H 101 0.58 10.87 -35.14
CA GLN H 101 1.43 11.22 -36.26
C GLN H 101 1.76 12.70 -36.21
N ASN H 102 2.47 13.16 -37.23
CA ASN H 102 2.85 14.56 -37.33
C ASN H 102 1.66 15.49 -37.16
N LEU H 103 1.73 16.40 -36.20
CA LEU H 103 0.65 17.36 -35.95
C LEU H 103 1.22 18.73 -35.63
N PRO H 104 1.68 19.46 -36.66
CA PRO H 104 2.54 20.63 -36.47
C PRO H 104 1.95 21.69 -35.53
N ASN H 105 0.64 21.64 -35.32
CA ASN H 105 0.00 22.71 -34.56
C ASN H 105 -0.54 22.32 -33.18
N LEU H 106 -0.11 21.17 -32.67
CA LEU H 106 -0.62 20.67 -31.39
C LEU H 106 -0.15 21.51 -30.21
N GLN H 107 -1.09 22.05 -29.44
CA GLN H 107 -0.75 22.76 -28.22
C GLN H 107 -0.99 21.93 -26.95
N TYR H 108 -2.03 21.11 -26.97
CA TYR H 108 -2.54 20.51 -25.75
C TYR H 108 -2.97 19.09 -26.07
N LEU H 109 -2.30 18.13 -25.43
CA LEU H 109 -2.73 16.73 -25.50
C LEU H 109 -3.10 16.28 -24.09
N LEU H 110 -4.36 15.93 -23.91
CA LEU H 110 -4.87 15.61 -22.59
C LEU H 110 -5.31 14.15 -22.57
N ILE H 111 -4.71 13.35 -21.71
CA ILE H 111 -5.21 12.01 -21.49
C ILE H 111 -5.42 11.83 -20.01
N SER H 112 -6.68 11.70 -19.61
CA SER H 112 -7.00 11.72 -18.20
C SER H 112 -8.11 10.75 -17.85
N ASN H 113 -7.91 10.03 -16.75
CA ASN H 113 -8.85 9.04 -16.29
C ASN H 113 -9.08 7.95 -17.33
N THR H 114 -8.02 7.22 -17.67
CA THR H 114 -8.14 6.12 -18.64
C THR H 114 -7.45 4.84 -18.18
N GLY H 115 -7.68 3.75 -18.92
CA GLY H 115 -7.04 2.49 -18.63
C GLY H 115 -5.57 2.39 -19.06
N ILE H 116 -5.14 3.26 -19.98
CA ILE H 116 -3.84 3.06 -20.62
C ILE H 116 -2.75 2.63 -19.64
N LYS H 117 -1.95 1.67 -20.08
CA LYS H 117 -0.90 1.07 -19.26
C LYS H 117 0.45 1.71 -19.54
N HIS H 118 0.51 2.51 -20.61
CA HIS H 118 1.76 3.17 -20.97
C HIS H 118 1.51 4.59 -21.46
N LEU H 119 2.50 5.47 -21.28
CA LEU H 119 2.46 6.80 -21.85
C LEU H 119 2.19 6.64 -23.34
N PRO H 120 1.57 7.65 -23.97
CA PRO H 120 1.36 7.57 -25.41
C PRO H 120 2.67 7.79 -26.13
N ASP H 121 2.81 7.29 -27.35
CA ASP H 121 4.05 7.44 -28.10
C ASP H 121 4.05 8.77 -28.85
N VAL H 122 4.94 9.67 -28.47
CA VAL H 122 4.84 11.04 -28.98
C VAL H 122 5.94 11.46 -29.96
N HIS H 123 6.84 10.54 -30.31
CA HIS H 123 8.04 10.92 -31.05
C HIS H 123 7.79 11.33 -32.51
N LYS H 124 6.57 11.13 -33.00
CA LYS H 124 6.23 11.49 -34.39
C LYS H 124 5.36 12.75 -34.50
N ILE H 125 5.16 13.47 -33.38
CA ILE H 125 4.24 14.62 -33.37
C ILE H 125 4.91 15.88 -33.94
N HIS H 126 6.14 16.15 -33.50
CA HIS H 126 6.96 17.22 -34.08
C HIS H 126 6.20 18.54 -34.24
N SER H 127 5.67 19.04 -33.13
CA SER H 127 4.85 20.25 -33.14
C SER H 127 5.74 21.48 -33.16
N LEU H 128 5.26 22.51 -33.85
CA LEU H 128 5.96 23.78 -33.93
C LEU H 128 5.62 24.65 -32.72
N GLN H 129 4.51 24.32 -32.06
CA GLN H 129 4.05 25.04 -30.89
C GLN H 129 4.60 24.46 -29.59
N LYS H 130 4.58 25.28 -28.54
CA LYS H 130 4.81 24.82 -27.18
C LYS H 130 3.69 23.87 -26.81
N VAL H 131 4.03 22.72 -26.23
CA VAL H 131 3.01 21.72 -25.93
C VAL H 131 2.83 21.47 -24.45
N LEU H 132 1.56 21.52 -24.02
CA LEU H 132 1.19 21.06 -22.70
C LEU H 132 0.71 19.64 -22.83
N LEU H 133 1.51 18.72 -22.29
CA LEU H 133 1.12 17.31 -22.24
C LEU H 133 0.58 17.05 -20.85
N ASP H 134 -0.72 16.73 -20.77
CA ASP H 134 -1.41 16.62 -19.49
C ASP H 134 -1.97 15.21 -19.35
N ILE H 135 -1.30 14.38 -18.56
CA ILE H 135 -1.64 12.97 -18.45
C ILE H 135 -1.81 12.67 -16.98
N GLN H 136 -3.03 12.38 -16.58
CA GLN H 136 -3.40 12.41 -15.18
C GLN H 136 -4.50 11.41 -14.85
N ASP H 137 -4.46 10.88 -13.65
CA ASP H 137 -5.48 9.94 -13.16
C ASP H 137 -5.54 8.70 -14.03
N ASN H 138 -4.39 8.28 -14.52
CA ASN H 138 -4.28 7.00 -15.22
C ASN H 138 -3.46 6.06 -14.37
N ILE H 139 -4.13 5.20 -13.61
CA ILE H 139 -3.47 4.48 -12.55
C ILE H 139 -2.61 3.32 -13.06
N ASN H 140 -2.91 2.83 -14.25
CA ASN H 140 -2.17 1.69 -14.79
C ASN H 140 -0.86 2.07 -15.48
N ILE H 141 -0.53 3.35 -15.50
CA ILE H 141 0.76 3.77 -16.06
C ILE H 141 1.82 3.73 -14.99
N HIS H 142 2.71 2.73 -15.03
CA HIS H 142 3.66 2.56 -13.93
C HIS H 142 5.07 3.05 -14.20
N THR H 143 5.44 3.25 -15.46
CA THR H 143 6.84 3.55 -15.74
C THR H 143 7.03 4.51 -16.90
N ILE H 144 8.11 5.29 -16.83
CA ILE H 144 8.46 6.22 -17.88
C ILE H 144 9.79 5.82 -18.50
N GLU H 145 9.73 5.37 -19.75
CA GLU H 145 10.90 4.83 -20.44
C GLU H 145 11.94 5.89 -20.77
N ARG H 146 13.05 5.44 -21.35
CA ARG H 146 14.07 6.33 -21.89
C ARG H 146 13.51 7.04 -23.11
N ASN H 147 13.80 8.32 -23.25
CA ASN H 147 13.36 9.06 -24.42
C ASN H 147 11.84 9.03 -24.61
N SER H 148 11.08 9.19 -23.53
CA SER H 148 9.62 9.09 -23.64
C SER H 148 8.99 10.34 -24.26
N PHE H 149 9.74 11.44 -24.33
CA PHE H 149 9.17 12.70 -24.78
C PHE H 149 9.87 13.39 -25.95
N VAL H 150 10.95 12.83 -26.47
CA VAL H 150 11.66 13.47 -27.57
C VAL H 150 10.83 13.48 -28.85
N GLY H 151 10.86 14.60 -29.57
CA GLY H 151 10.16 14.71 -30.83
C GLY H 151 8.69 15.08 -30.69
N LEU H 152 8.26 15.28 -29.45
CA LEU H 152 6.93 15.79 -29.16
C LEU H 152 6.81 17.21 -29.71
N SER H 153 7.90 17.98 -29.61
CA SER H 153 7.90 19.35 -30.09
C SER H 153 9.29 19.98 -30.23
N PHE H 154 9.46 20.83 -31.25
CA PHE H 154 10.71 21.59 -31.43
C PHE H 154 10.73 22.72 -30.41
N GLU H 155 9.55 23.10 -29.95
CA GLU H 155 9.40 24.10 -28.91
C GLU H 155 9.47 23.45 -27.54
N SER H 156 9.74 24.26 -26.52
CA SER H 156 9.76 23.78 -25.13
C SER H 156 8.42 23.19 -24.75
N VAL H 157 8.44 22.43 -23.66
CA VAL H 157 7.37 21.50 -23.30
C VAL H 157 6.98 21.59 -21.81
N ILE H 158 5.69 21.44 -21.53
CA ILE H 158 5.22 21.32 -20.14
C ILE H 158 4.67 19.93 -19.92
N LEU H 159 5.23 19.23 -18.95
CA LEU H 159 4.85 17.85 -18.74
C LEU H 159 4.19 17.65 -17.39
N TRP H 160 2.89 17.38 -17.43
CA TRP H 160 2.17 17.07 -16.21
C TRP H 160 1.87 15.59 -16.22
N LEU H 161 2.57 14.82 -15.39
CA LEU H 161 2.38 13.37 -15.31
C LEU H 161 1.81 12.97 -13.94
N ASN H 162 1.25 13.94 -13.25
CA ASN H 162 0.82 13.78 -11.87
C ASN H 162 -0.42 12.88 -11.70
N LYS H 163 -0.58 12.33 -10.50
CA LYS H 163 -1.73 11.47 -10.15
C LYS H 163 -1.84 10.29 -11.10
N ASN H 164 -0.70 9.66 -11.36
CA ASN H 164 -0.70 8.42 -12.12
C ASN H 164 -0.29 7.28 -11.21
N GLY H 165 0.16 6.17 -11.79
CA GLY H 165 0.68 5.06 -11.00
C GLY H 165 2.18 4.93 -11.15
N ILE H 166 2.82 5.99 -11.60
CA ILE H 166 4.24 5.94 -11.92
C ILE H 166 5.06 5.53 -10.71
N GLN H 167 5.75 4.40 -10.83
CA GLN H 167 6.71 4.00 -9.80
C GLN H 167 8.14 3.97 -10.34
N GLU H 168 8.28 4.07 -11.65
CA GLU H 168 9.57 3.83 -12.31
C GLU H 168 9.94 4.88 -13.37
N ILE H 169 11.06 5.57 -13.16
CA ILE H 169 11.55 6.54 -14.15
C ILE H 169 12.99 6.23 -14.59
N HIS H 170 13.14 5.79 -15.83
CA HIS H 170 14.46 5.40 -16.34
C HIS H 170 15.37 6.61 -16.60
N ASN H 171 16.67 6.36 -16.66
CA ASN H 171 17.63 7.41 -17.00
C ASN H 171 17.33 7.95 -18.40
N SER H 172 17.52 9.25 -18.59
CA SER H 172 17.29 9.85 -19.89
C SER H 172 15.84 9.71 -20.36
N ALA H 173 14.90 9.74 -19.42
CA ALA H 173 13.48 9.67 -19.77
C ALA H 173 13.04 10.99 -20.38
N PHE H 174 13.79 12.05 -20.09
CA PHE H 174 13.45 13.39 -20.59
C PHE H 174 14.48 13.90 -21.59
N ASN H 175 15.31 13.01 -22.11
CA ASN H 175 16.39 13.41 -23.02
C ASN H 175 15.84 13.85 -24.36
N GLY H 176 16.43 14.93 -24.90
CA GLY H 176 16.03 15.47 -26.20
C GLY H 176 14.79 16.34 -26.09
N THR H 177 14.68 17.07 -24.98
CA THR H 177 13.45 17.76 -24.65
C THR H 177 13.77 19.08 -23.97
N GLN H 178 13.09 20.14 -24.36
CA GLN H 178 13.12 21.38 -23.60
C GLN H 178 11.99 21.40 -22.57
N LEU H 179 12.35 21.20 -21.31
CA LEU H 179 11.36 21.08 -20.24
C LEU H 179 11.16 22.39 -19.52
N ASP H 180 9.99 22.99 -19.68
CA ASP H 180 9.70 24.18 -18.89
C ASP H 180 9.35 23.72 -17.48
N GLU H 181 8.51 22.71 -17.42
CA GLU H 181 7.82 22.37 -16.22
C GLU H 181 7.56 20.87 -16.20
N LEU H 182 7.77 20.27 -15.04
CA LEU H 182 7.55 18.84 -14.85
C LEU H 182 6.85 18.65 -13.53
N ASN H 183 5.64 18.08 -13.57
CA ASN H 183 4.91 17.77 -12.35
C ASN H 183 4.72 16.25 -12.22
N LEU H 184 5.41 15.69 -11.23
CA LEU H 184 5.36 14.26 -10.97
C LEU H 184 4.59 13.95 -9.70
N SER H 185 4.00 14.99 -9.13
CA SER H 185 3.35 14.89 -7.82
C SER H 185 2.22 13.86 -7.81
N ASP H 186 1.92 13.40 -6.60
CA ASP H 186 0.84 12.43 -6.35
C ASP H 186 1.01 11.09 -7.04
N ASN H 187 2.24 10.73 -7.38
CA ASN H 187 2.55 9.35 -7.70
C ASN H 187 3.17 8.79 -6.42
N ASN H 188 2.37 8.09 -5.64
CA ASN H 188 2.72 7.83 -4.25
C ASN H 188 3.80 6.78 -4.10
N ASN H 189 3.85 5.86 -5.05
CA ASN H 189 4.80 4.76 -5.00
C ASN H 189 6.14 5.09 -5.64
N LEU H 190 6.36 6.34 -6.00
CA LEU H 190 7.60 6.70 -6.70
C LEU H 190 8.70 6.95 -5.69
N GLU H 191 9.69 6.06 -5.65
CA GLU H 191 10.72 6.11 -4.62
C GLU H 191 11.99 6.84 -5.06
N GLU H 192 12.38 6.69 -6.32
CA GLU H 192 13.70 7.18 -6.72
C GLU H 192 13.82 7.81 -8.11
N LEU H 193 14.35 9.02 -8.14
CA LEU H 193 14.80 9.62 -9.39
C LEU H 193 16.26 9.23 -9.64
N PRO H 194 16.49 8.44 -10.70
CA PRO H 194 17.84 8.07 -11.11
C PRO H 194 18.68 9.34 -11.29
N ASN H 195 20.00 9.23 -11.16
CA ASN H 195 20.85 10.41 -11.23
C ASN H 195 20.93 11.02 -12.63
N ASP H 196 20.45 10.28 -13.63
CA ASP H 196 20.46 10.76 -15.02
C ASP H 196 19.09 11.09 -15.64
N VAL H 197 18.06 11.33 -14.83
CA VAL H 197 16.74 11.70 -15.37
C VAL H 197 16.85 12.86 -16.33
N PHE H 198 17.57 13.89 -15.90
CA PHE H 198 17.59 15.14 -16.63
C PHE H 198 18.75 15.24 -17.63
N HIS H 199 19.29 14.10 -18.01
CA HIS H 199 20.32 14.04 -19.03
C HIS H 199 19.72 14.46 -20.38
N GLY H 200 20.44 15.30 -21.12
CA GLY H 200 20.03 15.69 -22.46
C GLY H 200 18.68 16.40 -22.47
N ALA H 201 18.32 16.93 -21.33
CA ALA H 201 17.09 17.70 -21.20
C ALA H 201 17.48 19.11 -20.78
N SER H 202 16.80 20.09 -21.33
CA SER H 202 16.99 21.46 -20.89
C SER H 202 15.93 21.73 -19.84
N GLY H 203 16.29 22.45 -18.79
CA GLY H 203 15.38 22.63 -17.65
C GLY H 203 15.35 21.36 -16.84
N PRO H 204 14.31 21.15 -16.02
CA PRO H 204 13.11 21.94 -15.82
C PRO H 204 13.35 23.28 -15.13
N VAL H 205 12.42 24.20 -15.31
CA VAL H 205 12.46 25.49 -14.63
C VAL H 205 11.52 25.44 -13.45
N ILE H 206 10.52 24.57 -13.56
CA ILE H 206 9.60 24.29 -12.47
C ILE H 206 9.48 22.79 -12.30
N LEU H 207 9.66 22.31 -11.07
CA LEU H 207 9.56 20.89 -10.77
C LEU H 207 8.69 20.65 -9.54
N ASP H 208 7.70 19.79 -9.69
CA ASP H 208 6.82 19.42 -8.59
C ASP H 208 6.90 17.92 -8.35
N ILE H 209 7.44 17.57 -7.18
CA ILE H 209 7.50 16.18 -6.74
C ILE H 209 6.70 15.96 -5.46
N SER H 210 5.78 16.89 -5.18
CA SER H 210 4.91 16.80 -4.01
C SER H 210 4.22 15.45 -3.90
N ARG H 211 4.12 14.97 -2.66
CA ARG H 211 3.40 13.74 -2.34
C ARG H 211 3.91 12.50 -3.07
N THR H 212 5.23 12.39 -3.13
CA THR H 212 5.92 11.20 -3.61
C THR H 212 6.87 10.73 -2.52
N ARG H 213 7.34 9.50 -2.62
CA ARG H 213 8.34 8.97 -1.68
C ARG H 213 9.76 9.19 -2.21
N ILE H 214 9.92 10.03 -3.20
CA ILE H 214 11.26 10.33 -3.70
C ILE H 214 12.24 10.63 -2.56
N HIS H 215 13.34 9.89 -2.52
CA HIS H 215 14.32 10.02 -1.45
C HIS H 215 15.33 11.14 -1.71
N SER H 216 15.73 11.36 -2.96
CA SER H 216 16.81 12.31 -3.26
C SER H 216 16.68 13.02 -4.60
N LEU H 217 17.12 14.27 -4.65
CA LEU H 217 17.17 15.03 -5.90
C LEU H 217 18.48 14.76 -6.66
N PRO H 218 18.42 14.76 -8.00
CA PRO H 218 19.58 14.59 -8.89
C PRO H 218 20.61 15.71 -8.74
N SER H 219 21.88 15.35 -8.90
CA SER H 219 22.99 16.27 -8.66
C SER H 219 23.23 17.24 -9.82
N TYR H 220 22.75 16.89 -11.00
CA TYR H 220 22.87 17.76 -12.17
C TYR H 220 21.57 17.71 -12.95
N GLY H 221 21.30 18.78 -13.69
CA GLY H 221 20.06 18.89 -14.45
C GLY H 221 19.14 19.93 -13.86
N LEU H 222 19.49 20.44 -12.68
CA LEU H 222 18.67 21.45 -12.01
C LEU H 222 19.33 22.82 -12.01
N GLU H 223 20.37 23.00 -12.82
CA GLU H 223 21.02 24.32 -12.91
C GLU H 223 20.03 25.39 -13.38
N ASN H 224 18.89 24.97 -13.94
CA ASN H 224 17.90 25.93 -14.41
C ASN H 224 16.64 26.04 -13.55
N LEU H 225 16.63 25.38 -12.40
CA LEU H 225 15.42 25.29 -11.57
C LEU H 225 15.11 26.60 -10.85
N LYS H 226 13.99 27.22 -11.20
CA LYS H 226 13.55 28.44 -10.53
C LYS H 226 12.55 28.16 -9.42
N LYS H 227 11.75 27.12 -9.60
CA LYS H 227 10.67 26.82 -8.67
C LYS H 227 10.55 25.34 -8.36
N LEU H 228 10.67 25.03 -7.07
CA LEU H 228 10.61 23.66 -6.55
C LEU H 228 9.43 23.51 -5.58
N ARG H 229 8.56 22.56 -5.91
CA ARG H 229 7.41 22.28 -5.06
C ARG H 229 7.49 20.85 -4.59
N ALA H 230 7.77 20.67 -3.30
CA ALA H 230 7.81 19.36 -2.71
C ALA H 230 7.05 19.37 -1.40
N ARG H 231 5.75 19.17 -1.49
CA ARG H 231 4.88 19.21 -0.35
C ARG H 231 4.66 17.80 0.14
N SER H 232 4.71 17.60 1.45
CA SER H 232 4.46 16.28 1.99
C SER H 232 5.29 15.29 1.20
N THR H 233 6.56 15.63 1.01
CA THR H 233 7.54 14.74 0.41
C THR H 233 8.44 14.31 1.55
N TYR H 234 8.07 13.22 2.22
CA TYR H 234 8.60 12.97 3.55
C TYR H 234 9.98 12.38 3.64
N ASN H 235 10.31 11.42 2.78
CA ASN H 235 11.65 10.88 2.88
C ASN H 235 12.63 11.57 1.94
N LEU H 236 12.29 12.76 1.47
CA LEU H 236 13.28 13.65 0.85
C LEU H 236 13.85 14.54 1.95
N LYS H 237 15.03 14.17 2.45
CA LYS H 237 15.56 14.78 3.66
C LYS H 237 16.72 15.75 3.46
N LYS H 238 17.67 15.42 2.59
CA LYS H 238 18.76 16.36 2.31
C LYS H 238 18.33 17.48 1.34
N LEU H 239 18.70 17.36 0.07
CA LEU H 239 18.57 18.46 -0.89
C LEU H 239 19.95 18.93 -1.30
N PRO H 240 20.08 19.36 -2.57
CA PRO H 240 21.26 20.01 -3.11
C PRO H 240 21.55 21.35 -2.44
N THR H 241 22.81 21.76 -2.44
CA THR H 241 23.21 23.02 -1.83
C THR H 241 22.84 24.14 -2.79
N LEU H 242 22.63 25.34 -2.24
CA LEU H 242 22.30 26.50 -3.06
C LEU H 242 23.23 26.62 -4.26
N GLU H 243 24.51 26.30 -4.08
CA GLU H 243 25.47 26.44 -5.17
C GLU H 243 25.08 25.54 -6.34
N LYS H 244 24.40 24.43 -6.07
CA LYS H 244 23.96 23.53 -7.13
C LYS H 244 22.62 23.96 -7.75
N LEU H 245 21.75 24.58 -6.96
CA LEU H 245 20.51 25.14 -7.47
C LEU H 245 20.70 26.62 -7.64
N VAL H 246 21.27 27.03 -8.77
CA VAL H 246 21.72 28.39 -8.95
C VAL H 246 20.57 29.31 -9.27
N ALA H 247 19.55 28.76 -9.92
CA ALA H 247 18.43 29.56 -10.43
C ALA H 247 17.26 29.66 -9.46
N LEU H 248 17.22 28.79 -8.45
CA LEU H 248 16.05 28.70 -7.57
C LEU H 248 15.63 30.06 -7.01
N MET H 249 14.36 30.44 -7.19
CA MET H 249 13.82 31.64 -6.56
C MET H 249 12.71 31.29 -5.59
N GLU H 250 12.16 30.09 -5.68
CA GLU H 250 10.98 29.76 -4.90
C GLU H 250 10.87 28.27 -4.58
N ALA H 251 10.64 27.97 -3.30
CA ALA H 251 10.55 26.58 -2.86
C ALA H 251 9.44 26.43 -1.83
N SER H 252 8.51 25.54 -2.10
CA SER H 252 7.53 25.19 -1.09
C SER H 252 7.76 23.74 -0.72
N LEU H 253 8.31 23.55 0.48
CA LEU H 253 8.91 22.30 0.88
C LEU H 253 8.14 21.62 2.01
N THR H 254 8.76 20.64 2.64
CA THR H 254 8.11 19.91 3.72
C THR H 254 8.74 20.20 5.09
N TYR H 255 10.06 20.02 5.18
CA TYR H 255 10.81 20.23 6.42
C TYR H 255 11.34 21.66 6.56
N PRO H 256 10.81 22.42 7.53
CA PRO H 256 11.17 23.82 7.77
C PRO H 256 12.67 24.08 7.84
N SER H 257 13.44 23.10 8.30
CA SER H 257 14.88 23.29 8.45
C SER H 257 15.50 23.58 7.09
N HIS H 258 14.88 23.02 6.06
CA HIS H 258 15.29 23.28 4.68
C HIS H 258 15.18 24.77 4.37
N CYS H 259 14.04 25.35 4.71
CA CYS H 259 13.77 26.76 4.44
C CYS H 259 14.75 27.65 5.18
N CYS H 260 15.20 27.20 6.34
CA CYS H 260 16.14 27.97 7.09
C CYS H 260 17.52 27.90 6.44
N ALA H 261 17.88 26.73 5.96
CA ALA H 261 19.10 26.59 5.17
C ALA H 261 19.13 27.64 4.05
N PHE H 262 17.98 27.84 3.40
CA PHE H 262 17.92 28.78 2.28
C PHE H 262 17.97 30.24 2.74
N ALA H 263 17.22 30.58 3.78
CA ALA H 263 17.22 31.94 4.28
C ALA H 263 18.59 32.35 4.79
N ASN H 264 19.37 31.38 5.27
CA ASN H 264 20.67 31.67 5.87
C ASN H 264 21.83 31.77 4.87
N TRP H 265 21.63 31.33 3.62
CA TRP H 265 22.71 31.43 2.63
C TRP H 265 22.40 32.35 1.42
N ARG H 266 22.29 33.63 1.70
CA ARG H 266 22.53 34.71 0.72
C ARG H 266 22.53 34.32 -0.77
N ARG H 267 23.73 34.16 -1.36
CA ARG H 267 23.92 34.06 -2.83
C ARG H 267 24.02 35.48 -3.46
N GLN H 268 23.61 35.59 -4.72
CA GLN H 268 23.42 36.88 -5.43
C GLN H 268 24.59 37.88 -5.47
N ILE H 269 25.41 37.84 -6.53
CA ILE H 269 26.13 39.06 -6.96
C ILE H 269 26.00 39.33 -8.48
N SER H 270 27.00 38.93 -9.26
CA SER H 270 27.02 39.21 -10.70
C SER H 270 26.30 40.54 -11.00
N GLU H 271 26.40 41.50 -10.09
CA GLU H 271 25.56 42.70 -10.16
C GLU H 271 24.20 42.28 -10.71
N LEU H 272 23.75 42.94 -11.78
CA LEU H 272 22.71 42.37 -12.66
C LEU H 272 22.09 43.36 -13.65
N HIS H 273 21.38 42.80 -14.63
CA HIS H 273 20.91 43.53 -15.82
C HIS H 273 19.88 42.66 -16.52
N PRO H 274 19.26 43.15 -17.63
CA PRO H 274 19.10 44.50 -18.15
C PRO H 274 17.67 45.05 -18.00
N ILE H 275 17.54 46.37 -18.07
CA ILE H 275 16.30 47.05 -18.45
C ILE H 275 14.97 46.49 -17.89
N CYS H 276 14.73 46.73 -16.61
CA CYS H 276 13.39 46.66 -16.00
C CYS H 276 12.98 48.13 -15.82
N ASN H 277 13.57 48.95 -16.69
CA ASN H 277 13.74 50.39 -16.47
C ASN H 277 12.60 51.22 -15.87
N LYS H 278 11.36 50.78 -16.03
CA LYS H 278 10.22 51.63 -15.68
C LYS H 278 10.08 52.78 -16.67
N SER H 279 9.80 53.98 -16.16
CA SER H 279 9.54 55.14 -17.02
C SER H 279 9.11 54.68 -18.41
N THR H 315 -2.29 39.88 -0.22
CA THR H 315 -1.10 40.72 -0.27
C THR H 315 -0.02 40.06 -1.15
N GLU H 316 -0.13 40.25 -2.46
CA GLU H 316 0.83 39.67 -3.41
C GLU H 316 1.09 40.59 -4.62
N PHE H 317 1.75 40.06 -5.64
CA PHE H 317 2.30 40.88 -6.72
C PHE H 317 1.74 40.61 -8.11
N ASP H 318 2.31 41.32 -9.08
CA ASP H 318 2.14 41.04 -10.50
C ASP H 318 3.47 41.26 -11.22
N TYS H 319 3.41 41.29 -12.54
CA TYS H 319 4.61 41.37 -13.36
CB TYS H 319 4.27 41.97 -14.71
CG TYS H 319 3.74 40.95 -15.63
CD1 TYS H 319 4.16 39.62 -15.57
CD2 TYS H 319 2.80 41.32 -16.56
CE1 TYS H 319 3.66 38.70 -16.43
CE2 TYS H 319 2.31 40.44 -17.39
CZ TYS H 319 2.72 39.14 -17.35
OH TYS H 319 2.12 38.35 -18.27
S TYS H 319 1.26 39.22 -19.17
O1 TYS H 319 -0.03 39.49 -18.42
O2 TYS H 319 0.99 38.58 -20.51
O3 TYS H 319 2.02 40.52 -19.34
C TYS H 319 5.74 42.18 -12.78
O TYS H 319 5.57 43.34 -12.37
N ASP H 320 6.92 41.55 -12.75
CA ASP H 320 8.15 42.24 -12.42
C ASP H 320 9.35 41.35 -12.71
N LEU H 321 10.02 41.54 -13.84
CA LEU H 321 11.32 40.91 -14.01
C LEU H 321 12.43 41.94 -13.83
N CYS H 322 12.76 42.23 -12.58
CA CYS H 322 13.87 43.13 -12.28
C CYS H 322 14.98 42.38 -11.54
N ASN H 323 14.74 41.11 -11.21
CA ASN H 323 15.54 40.44 -10.19
C ASN H 323 15.61 41.34 -8.96
N GLU H 324 14.45 41.72 -8.43
CA GLU H 324 14.39 42.64 -7.31
C GLU H 324 14.87 41.94 -6.07
N VAL H 325 14.87 40.62 -6.12
CA VAL H 325 14.51 39.86 -4.95
C VAL H 325 15.43 38.88 -4.25
N VAL H 326 15.53 39.18 -2.98
CA VAL H 326 15.27 38.23 -1.91
C VAL H 326 15.71 36.79 -2.11
N ASP H 327 16.63 36.41 -1.24
CA ASP H 327 16.77 35.06 -0.82
C ASP H 327 15.54 34.32 -1.35
N VAL H 328 15.76 33.07 -1.71
CA VAL H 328 14.68 32.20 -2.11
C VAL H 328 13.46 32.35 -1.21
N THR H 329 12.29 32.58 -1.81
CA THR H 329 11.05 32.52 -1.05
C THR H 329 10.81 31.07 -0.68
N CYS H 330 10.72 30.77 0.61
CA CYS H 330 10.63 29.38 1.05
C CYS H 330 9.52 29.17 2.08
N SER H 331 8.90 28.00 2.02
CA SER H 331 7.90 27.62 2.99
C SER H 331 7.94 26.12 3.16
N PRO H 332 7.61 25.62 4.35
CA PRO H 332 7.17 26.38 5.52
C PRO H 332 8.30 27.17 6.16
N LYS H 333 8.05 28.44 6.47
CA LYS H 333 9.02 29.23 7.23
C LYS H 333 8.93 28.83 8.69
N PRO H 334 10.09 28.61 9.33
CA PRO H 334 10.09 28.09 10.70
C PRO H 334 9.55 29.12 11.68
N ASP H 335 8.41 29.69 11.32
CA ASP H 335 7.73 30.75 12.08
C ASP H 335 7.48 30.42 13.55
N ALA H 336 6.64 29.42 13.81
CA ALA H 336 6.21 29.16 15.18
C ALA H 336 7.41 28.84 16.08
N PHE H 337 7.89 29.87 16.76
CA PHE H 337 9.08 29.77 17.61
C PHE H 337 10.21 29.04 16.88
N ASN H 338 11.10 28.42 17.64
CA ASN H 338 12.16 27.57 17.08
C ASN H 338 13.21 28.30 16.25
N PRO H 339 14.46 27.82 16.31
CA PRO H 339 15.55 28.32 15.49
C PRO H 339 15.58 27.58 14.17
N CYS H 340 16.68 27.73 13.45
CA CYS H 340 16.94 26.95 12.26
C CYS H 340 18.34 26.39 12.34
N GLU H 341 18.76 25.67 11.30
CA GLU H 341 20.14 25.19 11.21
C GLU H 341 20.54 24.41 12.45
N ASP H 342 19.56 23.84 13.15
CA ASP H 342 19.79 23.16 14.43
C ASP H 342 20.52 24.08 15.41
N ILE H 343 21.40 23.48 16.23
CA ILE H 343 22.17 24.24 17.22
C ILE H 343 23.60 24.44 16.76
N CYS I 2 8.83 -48.04 -23.09
CA CYS I 2 8.08 -47.88 -21.80
C CYS I 2 6.68 -47.33 -22.01
N HIS I 3 5.86 -47.38 -20.97
CA HIS I 3 4.48 -46.93 -21.06
C HIS I 3 3.69 -47.08 -19.75
N HIS I 4 2.54 -46.41 -19.68
CA HIS I 4 1.66 -46.45 -18.51
C HIS I 4 0.25 -46.03 -18.89
N ARG I 5 -0.71 -46.30 -18.00
CA ARG I 5 -2.13 -45.99 -18.26
C ARG I 5 -2.34 -44.52 -18.58
N ILE I 6 -2.14 -43.65 -17.59
CA ILE I 6 -2.32 -42.22 -17.80
C ILE I 6 -1.00 -41.52 -18.16
N CYS I 7 -0.04 -41.57 -17.25
CA CYS I 7 1.19 -40.78 -17.38
C CYS I 7 2.05 -41.22 -18.56
N HIS I 8 2.59 -40.24 -19.29
CA HIS I 8 3.62 -40.51 -20.26
C HIS I 8 4.82 -41.02 -19.47
N CYS I 9 5.65 -41.84 -20.12
CA CYS I 9 6.82 -42.39 -19.45
C CYS I 9 8.01 -42.44 -20.39
N SER I 10 9.19 -42.22 -19.83
CA SER I 10 10.44 -42.52 -20.52
C SER I 10 11.57 -42.76 -19.54
N ASN I 11 12.21 -43.92 -19.63
CA ASN I 11 13.37 -44.24 -18.81
C ASN I 11 13.10 -44.08 -17.30
N ARG I 12 11.99 -44.64 -16.84
CA ARG I 12 11.62 -44.64 -15.42
C ARG I 12 11.39 -43.21 -14.91
N VAL I 13 11.10 -42.30 -15.84
CA VAL I 13 10.70 -40.93 -15.54
C VAL I 13 9.25 -40.75 -15.95
N PHE I 14 8.38 -40.42 -15.01
CA PHE I 14 6.95 -40.43 -15.29
C PHE I 14 6.30 -39.04 -15.23
N LEU I 15 5.58 -38.70 -16.27
CA LEU I 15 4.94 -37.39 -16.40
C LEU I 15 3.43 -37.52 -16.51
N CYS I 16 2.72 -37.11 -15.47
CA CYS I 16 1.26 -37.17 -15.48
C CYS I 16 0.72 -35.77 -15.81
N GLN I 17 0.10 -35.62 -16.98
CA GLN I 17 -0.29 -34.30 -17.46
C GLN I 17 -1.77 -34.14 -17.78
N GLU I 18 -2.16 -32.90 -18.04
CA GLU I 18 -3.52 -32.51 -18.37
C GLU I 18 -4.55 -32.77 -17.28
N SER I 19 -5.82 -32.77 -17.69
CA SER I 19 -6.92 -32.69 -16.76
C SER I 19 -7.55 -34.03 -16.44
N LYS I 20 -7.13 -35.08 -17.12
CA LYS I 20 -7.67 -36.42 -16.85
C LYS I 20 -7.05 -37.00 -15.58
N VAL I 21 -5.99 -36.37 -15.10
CA VAL I 21 -5.35 -36.76 -13.86
C VAL I 21 -6.04 -36.07 -12.70
N THR I 22 -6.90 -36.78 -11.98
CA THR I 22 -7.60 -36.19 -10.85
C THR I 22 -7.04 -36.66 -9.52
N GLU I 23 -6.15 -37.65 -9.59
CA GLU I 23 -5.49 -38.17 -8.40
C GLU I 23 -4.24 -38.93 -8.79
N ILE I 24 -3.32 -39.09 -7.85
CA ILE I 24 -2.04 -39.72 -8.12
C ILE I 24 -2.19 -41.22 -8.33
N PRO I 25 -1.93 -41.70 -9.57
CA PRO I 25 -2.09 -43.10 -9.92
C PRO I 25 -1.38 -44.06 -8.96
N SER I 26 -2.11 -45.04 -8.45
CA SER I 26 -1.55 -45.98 -7.48
C SER I 26 -0.70 -47.05 -8.15
N ASP I 27 -0.79 -47.17 -9.47
CA ASP I 27 -0.04 -48.19 -10.20
C ASP I 27 1.32 -47.69 -10.69
N LEU I 28 1.78 -46.56 -10.17
CA LEU I 28 3.09 -46.04 -10.53
C LEU I 28 4.20 -46.96 -10.01
N PRO I 29 5.09 -47.40 -10.91
CA PRO I 29 6.26 -48.23 -10.61
C PRO I 29 7.08 -47.69 -9.45
N ARG I 30 7.49 -48.55 -8.52
CA ARG I 30 8.24 -48.10 -7.36
C ARG I 30 9.72 -47.96 -7.71
N ASN I 31 10.06 -48.22 -8.97
CA ASN I 31 11.43 -48.02 -9.44
C ASN I 31 11.56 -46.69 -10.19
N ALA I 32 10.57 -45.82 -10.04
CA ALA I 32 10.58 -44.53 -10.71
C ALA I 32 11.74 -43.66 -10.23
N ILE I 33 12.44 -43.05 -11.18
CA ILE I 33 13.53 -42.13 -10.90
C ILE I 33 13.00 -40.73 -10.59
N GLU I 34 11.96 -40.35 -11.32
CA GLU I 34 11.46 -38.98 -11.31
C GLU I 34 9.94 -38.96 -11.53
N LEU I 35 9.23 -38.20 -10.70
CA LEU I 35 7.78 -38.02 -10.88
C LEU I 35 7.40 -36.55 -11.13
N ARG I 36 6.65 -36.30 -12.19
CA ARG I 36 6.19 -34.96 -12.50
C ARG I 36 4.69 -34.91 -12.64
N PHE I 37 4.05 -34.01 -11.89
CA PHE I 37 2.62 -33.76 -12.04
C PHE I 37 2.41 -32.34 -12.54
N VAL I 38 1.94 -32.26 -13.78
CA VAL I 38 1.87 -31.01 -14.51
C VAL I 38 0.47 -30.78 -15.07
N LEU I 39 -0.07 -29.59 -14.86
CA LEU I 39 -1.37 -29.23 -15.40
C LEU I 39 -2.45 -30.23 -15.03
N THR I 40 -2.44 -30.70 -13.79
CA THR I 40 -3.47 -31.65 -13.37
C THR I 40 -4.60 -30.93 -12.68
N LYS I 41 -5.82 -31.45 -12.83
CA LYS I 41 -6.89 -31.07 -11.93
C LYS I 41 -6.81 -32.02 -10.74
N LEU I 42 -6.05 -31.59 -9.74
CA LEU I 42 -5.71 -32.43 -8.60
C LEU I 42 -6.06 -31.60 -7.39
N ARG I 43 -7.13 -31.94 -6.69
CA ARG I 43 -7.54 -31.11 -5.57
C ARG I 43 -6.71 -31.39 -4.32
N VAL I 44 -6.23 -32.62 -4.18
CA VAL I 44 -5.43 -33.00 -3.01
C VAL I 44 -4.28 -33.95 -3.36
N ILE I 45 -3.21 -33.87 -2.57
CA ILE I 45 -2.14 -34.85 -2.65
C ILE I 45 -2.14 -35.66 -1.36
N GLN I 46 -2.63 -36.90 -1.45
CA GLN I 46 -3.06 -37.65 -0.27
C GLN I 46 -1.89 -38.16 0.59
N LYS I 47 -2.23 -38.51 1.83
CA LYS I 47 -1.25 -38.97 2.82
C LYS I 47 -0.40 -40.12 2.30
N GLY I 48 0.91 -40.04 2.56
CA GLY I 48 1.85 -41.06 2.11
C GLY I 48 1.78 -41.34 0.62
N ALA I 49 1.41 -40.32 -0.15
CA ALA I 49 1.21 -40.51 -1.58
C ALA I 49 2.48 -40.98 -2.29
N PHE I 50 3.63 -40.46 -1.89
CA PHE I 50 4.89 -40.83 -2.54
C PHE I 50 5.76 -41.72 -1.69
N SER I 51 5.25 -42.15 -0.54
CA SER I 51 6.01 -43.03 0.33
C SER I 51 6.33 -44.33 -0.40
N GLY I 52 7.60 -44.72 -0.38
CA GLY I 52 7.98 -46.05 -0.82
C GLY I 52 8.60 -46.19 -2.19
N PHE I 53 9.09 -45.10 -2.76
CA PHE I 53 9.90 -45.20 -3.98
C PHE I 53 11.35 -45.02 -3.59
N GLY I 54 12.08 -46.13 -3.50
CA GLY I 54 13.46 -46.06 -3.06
C GLY I 54 14.40 -45.60 -4.15
N ASP I 55 13.86 -45.46 -5.36
CA ASP I 55 14.66 -45.02 -6.50
C ASP I 55 14.49 -43.52 -6.81
N LEU I 56 13.58 -42.88 -6.09
CA LEU I 56 13.07 -41.58 -6.50
C LEU I 56 14.03 -40.44 -6.19
N GLU I 57 14.43 -39.72 -7.24
CA GLU I 57 15.38 -38.63 -7.09
C GLU I 57 14.74 -37.24 -7.11
N LYS I 58 13.75 -37.06 -7.98
CA LYS I 58 13.13 -35.75 -8.20
C LYS I 58 11.63 -35.81 -8.19
N ILE I 59 10.99 -34.83 -7.55
CA ILE I 59 9.54 -34.70 -7.62
C ILE I 59 9.13 -33.28 -8.01
N GLU I 60 8.54 -33.16 -9.21
CA GLU I 60 8.01 -31.89 -9.71
C GLU I 60 6.48 -31.84 -9.59
N ILE I 61 5.96 -30.89 -8.82
CA ILE I 61 4.52 -30.59 -8.83
C ILE I 61 4.30 -29.13 -9.26
N SER I 62 3.87 -28.94 -10.51
CA SER I 62 3.79 -27.58 -11.06
C SER I 62 2.59 -27.32 -11.97
N GLN I 63 2.05 -26.11 -11.82
CA GLN I 63 0.92 -25.60 -12.60
C GLN I 63 -0.37 -26.39 -12.38
N ASN I 64 -0.79 -26.45 -11.13
CA ASN I 64 -2.05 -27.11 -10.75
C ASN I 64 -2.98 -26.11 -10.07
N ASP I 65 -4.01 -25.70 -10.79
CA ASP I 65 -4.88 -24.61 -10.34
C ASP I 65 -5.87 -25.01 -9.26
N VAL I 66 -6.21 -26.29 -9.20
CA VAL I 66 -7.23 -26.76 -8.26
C VAL I 66 -6.64 -27.43 -7.02
N LEU I 67 -5.32 -27.46 -6.91
CA LEU I 67 -4.68 -28.13 -5.78
C LEU I 67 -4.75 -27.28 -4.51
N GLU I 68 -5.47 -27.76 -3.51
CA GLU I 68 -5.66 -26.97 -2.28
C GLU I 68 -4.87 -27.48 -1.07
N VAL I 69 -4.42 -28.74 -1.08
CA VAL I 69 -3.75 -29.32 0.09
C VAL I 69 -2.70 -30.37 -0.19
N ILE I 70 -1.66 -30.39 0.66
CA ILE I 70 -0.71 -31.49 0.70
C ILE I 70 -0.77 -32.16 2.07
N GLU I 71 -1.19 -33.42 2.07
CA GLU I 71 -1.45 -34.19 3.28
C GLU I 71 -0.19 -34.53 4.07
N ALA I 72 -0.38 -35.06 5.27
CA ALA I 72 0.73 -35.46 6.14
C ALA I 72 1.52 -36.62 5.55
N ASP I 73 2.79 -36.69 5.90
CA ASP I 73 3.63 -37.81 5.52
C ASP I 73 3.59 -38.04 4.02
N VAL I 74 3.53 -36.96 3.26
CA VAL I 74 3.49 -37.09 1.81
C VAL I 74 4.88 -37.30 1.23
N PHE I 75 5.86 -36.55 1.73
CA PHE I 75 7.25 -36.79 1.36
C PHE I 75 7.96 -37.47 2.52
N SER I 76 7.99 -38.81 2.48
CA SER I 76 8.58 -39.62 3.55
C SER I 76 9.03 -40.96 3.00
N ASN I 77 10.07 -41.53 3.58
CA ASN I 77 10.63 -42.79 3.10
C ASN I 77 10.99 -42.66 1.62
N LEU I 78 11.89 -41.72 1.34
CA LEU I 78 12.38 -41.48 0.00
C LEU I 78 13.86 -41.20 0.12
N PRO I 79 14.63 -42.23 0.50
CA PRO I 79 16.03 -42.02 0.85
C PRO I 79 16.87 -41.45 -0.29
N LYS I 80 16.36 -41.45 -1.51
CA LYS I 80 17.15 -40.98 -2.66
C LYS I 80 16.68 -39.62 -3.22
N LEU I 81 15.75 -38.97 -2.54
CA LEU I 81 15.18 -37.72 -3.01
C LEU I 81 16.10 -36.55 -2.67
N HIS I 82 16.65 -35.91 -3.70
CA HIS I 82 17.50 -34.73 -3.46
C HIS I 82 16.78 -33.44 -3.83
N GLU I 83 15.68 -33.56 -4.58
CA GLU I 83 15.02 -32.39 -5.14
C GLU I 83 13.49 -32.47 -5.18
N ILE I 84 12.85 -31.54 -4.47
CA ILE I 84 11.39 -31.37 -4.53
C ILE I 84 11.05 -30.00 -5.08
N ARG I 85 10.16 -29.95 -6.07
CA ARG I 85 9.84 -28.71 -6.75
C ARG I 85 8.34 -28.48 -6.82
N ILE I 86 7.86 -27.48 -6.09
CA ILE I 86 6.45 -27.13 -6.05
C ILE I 86 6.24 -25.70 -6.58
N GLU I 87 5.74 -25.61 -7.81
CA GLU I 87 5.66 -24.34 -8.56
C GLU I 87 4.25 -24.04 -9.04
N LYS I 88 3.83 -22.78 -8.94
CA LYS I 88 2.60 -22.33 -9.58
C LYS I 88 1.39 -23.17 -9.22
N ALA I 89 1.05 -23.20 -7.95
CA ALA I 89 -0.22 -23.73 -7.52
C ALA I 89 -0.90 -22.59 -6.79
N ASN I 90 -1.84 -21.94 -7.47
CA ASN I 90 -2.40 -20.69 -6.97
C ASN I 90 -3.44 -20.89 -5.88
N ASN I 91 -4.07 -22.07 -5.84
CA ASN I 91 -5.08 -22.33 -4.83
C ASN I 91 -4.60 -23.22 -3.68
N LEU I 92 -3.30 -23.42 -3.60
CA LEU I 92 -2.73 -24.22 -2.52
C LEU I 92 -2.39 -23.33 -1.34
N LEU I 93 -3.23 -23.36 -0.31
CA LEU I 93 -3.02 -22.51 0.86
C LEU I 93 -2.44 -23.32 2.02
N TYR I 94 -2.69 -24.63 2.03
CA TYR I 94 -2.37 -25.46 3.19
C TYR I 94 -1.40 -26.60 2.91
N ILE I 95 -0.21 -26.52 3.51
CA ILE I 95 0.69 -27.66 3.56
C ILE I 95 0.81 -28.21 4.97
N ASN I 96 0.27 -29.41 5.14
CA ASN I 96 0.27 -30.13 6.39
C ASN I 96 1.64 -30.16 7.07
N PRO I 97 1.70 -29.77 8.36
CA PRO I 97 2.98 -29.70 9.06
C PRO I 97 3.69 -31.06 9.11
N GLU I 98 2.97 -32.12 8.77
CA GLU I 98 3.54 -33.47 8.75
C GLU I 98 3.85 -33.94 7.33
N ALA I 99 3.77 -33.03 6.36
CA ALA I 99 3.99 -33.41 4.95
C ALA I 99 5.46 -33.70 4.66
N PHE I 100 6.35 -32.96 5.29
CA PHE I 100 7.77 -33.15 5.08
C PHE I 100 8.38 -33.98 6.20
N GLN I 101 8.71 -35.21 5.86
CA GLN I 101 9.28 -36.15 6.80
C GLN I 101 10.77 -36.31 6.51
N ASN I 102 11.41 -37.19 7.24
CA ASN I 102 12.84 -37.44 7.11
C ASN I 102 13.21 -37.73 5.66
N LEU I 103 14.13 -36.93 5.11
CA LEU I 103 14.57 -37.08 3.72
C LEU I 103 16.07 -36.84 3.67
N PRO I 104 16.86 -37.87 4.02
CA PRO I 104 18.29 -37.68 4.30
C PRO I 104 19.08 -37.10 3.14
N ASN I 105 18.53 -37.15 1.93
CA ASN I 105 19.28 -36.74 0.75
C ASN I 105 18.82 -35.43 0.08
N LEU I 106 17.91 -34.69 0.72
CA LEU I 106 17.34 -33.49 0.11
C LEU I 106 18.39 -32.40 -0.13
N GLN I 107 18.50 -31.92 -1.37
CA GLN I 107 19.40 -30.80 -1.66
C GLN I 107 18.64 -29.51 -1.94
N TYR I 108 17.46 -29.65 -2.53
CA TYR I 108 16.76 -28.52 -3.10
C TYR I 108 15.26 -28.64 -2.84
N LEU I 109 14.72 -27.75 -2.00
CA LEU I 109 13.28 -27.65 -1.83
C LEU I 109 12.81 -26.31 -2.37
N LEU I 110 11.96 -26.35 -3.40
CA LEU I 110 11.56 -25.14 -4.10
C LEU I 110 10.07 -24.99 -3.98
N ILE I 111 9.64 -23.90 -3.36
CA ILE I 111 8.24 -23.56 -3.35
C ILE I 111 8.11 -22.14 -3.90
N SER I 112 7.48 -22.03 -5.05
CA SER I 112 7.43 -20.74 -5.73
C SER I 112 6.10 -20.52 -6.43
N ASN I 113 5.57 -19.32 -6.27
CA ASN I 113 4.29 -18.94 -6.86
C ASN I 113 3.17 -19.84 -6.36
N THR I 114 2.86 -19.75 -5.07
CA THR I 114 1.80 -20.55 -4.48
C THR I 114 0.97 -19.74 -3.49
N GLY I 115 -0.16 -20.30 -3.08
CA GLY I 115 -1.04 -19.64 -2.13
C GLY I 115 -0.62 -19.77 -0.67
N ILE I 116 0.32 -20.66 -0.37
CA ILE I 116 0.62 -21.00 1.03
C ILE I 116 0.76 -19.76 1.92
N LYS I 117 0.15 -19.86 3.11
CA LYS I 117 0.09 -18.76 4.05
C LYS I 117 1.22 -18.80 5.07
N HIS I 118 1.94 -19.91 5.12
CA HIS I 118 3.02 -20.08 6.07
C HIS I 118 4.18 -20.79 5.44
N LEU I 119 5.38 -20.55 5.96
CA LEU I 119 6.54 -21.35 5.57
C LEU I 119 6.23 -22.83 5.79
N PRO I 120 6.85 -23.70 5.00
CA PRO I 120 6.58 -25.11 5.20
C PRO I 120 7.29 -25.58 6.46
N ASP I 121 6.74 -26.59 7.14
CA ASP I 121 7.35 -27.07 8.37
C ASP I 121 8.48 -28.02 8.03
N VAL I 122 9.71 -27.67 8.41
CA VAL I 122 10.87 -28.41 7.93
C VAL I 122 11.64 -29.18 9.00
N HIS I 123 11.18 -29.14 10.24
CA HIS I 123 11.99 -29.62 11.37
C HIS I 123 12.23 -31.15 11.38
N LYS I 124 11.46 -31.89 10.58
CA LYS I 124 11.61 -33.35 10.53
C LYS I 124 12.44 -33.86 9.34
N ILE I 125 12.97 -32.95 8.53
CA ILE I 125 13.68 -33.35 7.30
C ILE I 125 15.04 -33.99 7.62
N HIS I 126 15.83 -33.32 8.44
CA HIS I 126 17.12 -33.84 8.88
C HIS I 126 17.97 -34.37 7.72
N SER I 127 18.30 -33.49 6.80
CA SER I 127 19.09 -33.89 5.63
C SER I 127 20.56 -33.96 5.98
N LEU I 128 21.25 -34.90 5.34
CA LEU I 128 22.70 -35.01 5.46
C LEU I 128 23.40 -34.05 4.50
N GLN I 129 22.68 -33.61 3.47
CA GLN I 129 23.25 -32.68 2.49
C GLN I 129 23.00 -31.24 2.86
N LYS I 130 23.84 -30.35 2.31
CA LYS I 130 23.58 -28.91 2.31
C LYS I 130 22.29 -28.65 1.54
N VAL I 131 21.36 -27.89 2.14
CA VAL I 131 20.06 -27.63 1.52
C VAL I 131 19.85 -26.22 1.02
N LEU I 132 19.37 -26.10 -0.21
CA LEU I 132 18.92 -24.81 -0.73
C LEU I 132 17.42 -24.80 -0.59
N LEU I 133 16.95 -23.98 0.33
CA LEU I 133 15.54 -23.77 0.52
C LEU I 133 15.17 -22.47 -0.19
N ASP I 134 14.38 -22.62 -1.25
CA ASP I 134 14.08 -21.52 -2.16
C ASP I 134 12.59 -21.30 -2.17
N ILE I 135 12.15 -20.21 -1.54
CA ILE I 135 10.73 -19.97 -1.34
C ILE I 135 10.45 -18.53 -1.75
N GLN I 136 9.78 -18.38 -2.89
CA GLN I 136 9.70 -17.11 -3.59
C GLN I 136 8.37 -16.94 -4.27
N ASP I 137 7.97 -15.67 -4.40
CA ASP I 137 6.73 -15.31 -5.07
C ASP I 137 5.55 -16.01 -4.41
N ASN I 138 5.58 -16.11 -3.08
CA ASN I 138 4.39 -16.52 -2.32
C ASN I 138 3.93 -15.35 -1.46
N ILE I 139 2.93 -14.62 -1.93
CA ILE I 139 2.58 -13.34 -1.34
C ILE I 139 1.83 -13.45 0.00
N ASN I 140 1.20 -14.59 0.24
CA ASN I 140 0.44 -14.79 1.48
C ASN I 140 1.27 -15.24 2.68
N ILE I 141 2.58 -15.35 2.50
CA ILE I 141 3.46 -15.68 3.60
C ILE I 141 3.90 -14.39 4.26
N HIS I 142 3.37 -14.10 5.46
CA HIS I 142 3.63 -12.80 6.08
C HIS I 142 4.63 -12.83 7.23
N THR I 143 4.91 -14.00 7.78
CA THR I 143 5.70 -14.04 9.00
C THR I 143 6.59 -15.27 9.12
N ILE I 144 7.75 -15.08 9.73
CA ILE I 144 8.68 -16.17 10.00
C ILE I 144 8.79 -16.38 11.50
N GLU I 145 8.33 -17.53 11.97
CA GLU I 145 8.26 -17.82 13.40
C GLU I 145 9.63 -18.08 14.01
N ARG I 146 9.62 -18.29 15.32
CA ARG I 146 10.80 -18.73 16.05
C ARG I 146 11.14 -20.15 15.62
N ASN I 147 12.42 -20.41 15.37
CA ASN I 147 12.86 -21.76 15.00
C ASN I 147 12.25 -22.28 13.71
N SER I 148 12.13 -21.44 12.68
CA SER I 148 11.44 -21.88 11.47
C SER I 148 12.27 -22.84 10.63
N PHE I 149 13.59 -22.87 10.86
CA PHE I 149 14.46 -23.69 10.01
C PHE I 149 15.26 -24.81 10.71
N VAL I 150 15.12 -24.95 12.03
CA VAL I 150 15.93 -25.96 12.73
C VAL I 150 15.54 -27.39 12.35
N GLY I 151 16.54 -28.25 12.17
CA GLY I 151 16.29 -29.63 11.80
C GLY I 151 16.09 -29.85 10.31
N LEU I 152 16.21 -28.78 9.54
CA LEU I 152 16.14 -28.91 8.08
C LEU I 152 17.35 -29.68 7.62
N SER I 153 18.50 -29.43 8.23
CA SER I 153 19.73 -30.13 7.87
C SER I 153 20.86 -30.05 8.89
N PHE I 154 21.60 -31.16 9.03
CA PHE I 154 22.80 -31.20 9.87
C PHE I 154 23.92 -30.42 9.20
N GLU I 155 23.83 -30.30 7.88
CA GLU I 155 24.76 -29.49 7.09
C GLU I 155 24.28 -28.05 7.08
N SER I 156 25.17 -27.13 6.67
CA SER I 156 24.81 -25.73 6.48
C SER I 156 23.71 -25.56 5.42
N VAL I 157 23.10 -24.38 5.44
CA VAL I 157 21.84 -24.10 4.76
C VAL I 157 21.85 -22.77 3.98
N ILE I 158 21.22 -22.77 2.81
CA ILE I 158 21.00 -21.51 2.08
C ILE I 158 19.52 -21.19 2.06
N LEU I 159 19.18 -20.00 2.55
CA LEU I 159 17.78 -19.64 2.68
C LEU I 159 17.40 -18.46 1.80
N TRP I 160 16.61 -18.73 0.76
CA TRP I 160 16.07 -17.69 -0.10
C TRP I 160 14.58 -17.52 0.14
N LEU I 161 14.25 -16.47 0.88
CA LEU I 161 12.89 -16.16 1.26
C LEU I 161 12.42 -14.88 0.59
N ASN I 162 13.05 -14.55 -0.55
CA ASN I 162 12.83 -13.25 -1.18
C ASN I 162 11.55 -13.21 -1.99
N LYS I 163 11.04 -12.01 -2.26
CA LYS I 163 9.83 -11.82 -3.04
C LYS I 163 8.63 -12.55 -2.44
N ASN I 164 8.49 -12.48 -1.13
CA ASN I 164 7.30 -13.04 -0.47
C ASN I 164 6.49 -11.89 0.11
N GLY I 165 5.66 -12.15 1.10
CA GLY I 165 4.89 -11.09 1.75
C GLY I 165 5.35 -10.89 3.18
N ILE I 166 6.59 -11.25 3.45
CA ILE I 166 7.08 -11.27 4.81
C ILE I 166 7.11 -9.86 5.39
N GLN I 167 6.34 -9.63 6.44
CA GLN I 167 6.42 -8.36 7.17
C GLN I 167 6.94 -8.53 8.59
N GLU I 168 7.04 -9.78 9.04
CA GLU I 168 7.31 -10.11 10.44
C GLU I 168 8.36 -11.21 10.62
N ILE I 169 9.48 -10.89 11.27
CA ILE I 169 10.48 -11.91 11.61
C ILE I 169 10.77 -11.98 13.12
N HIS I 170 10.30 -13.04 13.77
CA HIS I 170 10.47 -13.18 15.23
C HIS I 170 11.92 -13.44 15.64
N ASN I 171 12.24 -13.15 16.90
CA ASN I 171 13.56 -13.48 17.45
C ASN I 171 13.82 -14.98 17.36
N SER I 172 15.08 -15.34 17.10
CA SER I 172 15.46 -16.74 17.02
C SER I 172 14.69 -17.47 15.92
N ALA I 173 14.42 -16.79 14.81
CA ALA I 173 13.76 -17.42 13.68
C ALA I 173 14.75 -18.34 12.97
N PHE I 174 16.03 -18.02 13.09
CA PHE I 174 17.08 -18.80 12.43
C PHE I 174 17.93 -19.62 13.41
N ASN I 175 17.45 -19.74 14.65
CA ASN I 175 18.17 -20.46 15.69
C ASN I 175 18.25 -21.96 15.42
N GLY I 176 19.43 -22.53 15.64
CA GLY I 176 19.67 -23.96 15.45
C GLY I 176 20.01 -24.30 14.01
N THR I 177 20.67 -23.36 13.33
CA THR I 177 20.78 -23.39 11.89
C THR I 177 22.14 -22.88 11.49
N GLN I 178 22.81 -23.58 10.58
CA GLN I 178 24.03 -23.06 9.96
C GLN I 178 23.68 -22.32 8.68
N LEU I 179 23.68 -20.99 8.74
CA LEU I 179 23.26 -20.17 7.60
C LEU I 179 24.45 -19.78 6.76
N ASP I 180 24.49 -20.25 5.52
CA ASP I 180 25.49 -19.74 4.59
C ASP I 180 25.02 -18.39 4.09
N GLU I 181 23.76 -18.35 3.69
CA GLU I 181 23.21 -17.26 2.91
C GLU I 181 21.75 -17.05 3.27
N LEU I 182 21.36 -15.80 3.38
CA LEU I 182 19.97 -15.46 3.69
C LEU I 182 19.62 -14.33 2.77
N ASN I 183 18.58 -14.51 1.97
CA ASN I 183 18.11 -13.48 1.09
C ASN I 183 16.67 -13.17 1.44
N LEU I 184 16.49 -11.97 2.00
CA LEU I 184 15.18 -11.48 2.43
C LEU I 184 14.65 -10.38 1.51
N SER I 185 15.38 -10.12 0.42
CA SER I 185 15.10 -8.98 -0.44
C SER I 185 13.72 -9.04 -1.04
N ASP I 186 13.25 -7.88 -1.48
CA ASP I 186 11.97 -7.69 -2.15
C ASP I 186 10.74 -8.10 -1.33
N ASN I 187 10.90 -8.15 -0.02
CA ASN I 187 9.74 -8.16 0.88
C ASN I 187 9.56 -6.70 1.30
N ASN I 188 8.62 -6.02 0.65
CA ASN I 188 8.61 -4.56 0.67
C ASN I 188 8.10 -4.00 1.98
N ASN I 189 7.24 -4.75 2.63
CA ASN I 189 6.64 -4.31 3.88
C ASN I 189 7.45 -4.68 5.12
N LEU I 190 8.64 -5.23 4.94
CA LEU I 190 9.45 -5.66 6.08
C LEU I 190 10.18 -4.46 6.66
N GLU I 191 9.85 -4.11 7.90
CA GLU I 191 10.33 -2.88 8.51
C GLU I 191 11.47 -3.11 9.49
N GLU I 192 11.45 -4.24 10.19
CA GLU I 192 12.40 -4.43 11.29
C GLU I 192 12.91 -5.84 11.47
N LEU I 193 14.23 -5.94 11.61
CA LEU I 193 14.89 -7.16 12.08
C LEU I 193 15.13 -7.06 13.58
N PRO I 194 14.39 -7.87 14.37
CA PRO I 194 14.58 -7.88 15.82
C PRO I 194 16.07 -8.03 16.14
N ASN I 195 16.49 -7.62 17.32
CA ASN I 195 17.91 -7.67 17.66
C ASN I 195 18.41 -9.10 17.91
N ASP I 196 17.49 -10.06 17.99
CA ASP I 196 17.87 -11.46 18.17
C ASP I 196 17.56 -12.41 17.01
N VAL I 197 17.45 -11.89 15.77
CA VAL I 197 17.20 -12.77 14.62
C VAL I 197 18.25 -13.86 14.50
N PHE I 198 19.51 -13.49 14.67
CA PHE I 198 20.60 -14.40 14.41
C PHE I 198 21.09 -15.15 15.65
N HIS I 199 20.29 -15.13 16.71
CA HIS I 199 20.57 -15.89 17.92
C HIS I 199 20.59 -17.39 17.60
N GLY I 200 21.61 -18.08 18.09
CA GLY I 200 21.70 -19.53 17.96
C GLY I 200 21.76 -19.96 16.50
N ALA I 201 22.22 -19.03 15.66
CA ALA I 201 22.43 -19.31 14.27
C ALA I 201 23.89 -19.05 13.99
N SER I 202 24.50 -19.89 13.16
CA SER I 202 25.85 -19.63 12.70
C SER I 202 25.68 -18.86 11.40
N GLY I 203 26.57 -17.91 11.14
CA GLY I 203 26.41 -17.04 9.96
C GLY I 203 25.30 -16.03 10.18
N PRO I 204 24.76 -15.43 9.10
CA PRO I 204 24.97 -15.61 7.66
C PRO I 204 26.30 -15.05 7.15
N VAL I 205 26.81 -15.66 6.09
CA VAL I 205 28.04 -15.22 5.45
C VAL I 205 27.66 -14.27 4.34
N ILE I 206 26.47 -14.50 3.78
CA ILE I 206 25.89 -13.62 2.78
C ILE I 206 24.45 -13.25 3.16
N LEU I 207 24.19 -11.94 3.18
CA LEU I 207 22.89 -11.45 3.57
C LEU I 207 22.44 -10.47 2.53
N ASP I 208 21.21 -10.65 2.07
CA ASP I 208 20.61 -9.73 1.14
C ASP I 208 19.27 -9.21 1.66
N ILE I 209 19.27 -7.92 1.99
CA ILE I 209 18.06 -7.23 2.44
C ILE I 209 17.56 -6.20 1.44
N SER I 210 18.08 -6.23 0.22
CA SER I 210 17.70 -5.26 -0.82
C SER I 210 16.19 -5.08 -0.93
N ARG I 211 15.77 -3.83 -1.16
CA ARG I 211 14.37 -3.48 -1.43
C ARG I 211 13.42 -3.90 -0.32
N THR I 212 13.84 -3.63 0.92
CA THR I 212 13.01 -3.75 2.10
C THR I 212 13.05 -2.42 2.83
N ARG I 213 12.13 -2.23 3.77
CA ARG I 213 12.12 -1.02 4.61
C ARG I 213 12.83 -1.25 5.94
N ILE I 214 13.61 -2.32 6.02
CA ILE I 214 14.38 -2.56 7.23
C ILE I 214 15.11 -1.28 7.63
N HIS I 215 14.96 -0.90 8.90
CA HIS I 215 15.51 0.35 9.42
C HIS I 215 16.93 0.20 9.99
N SER I 216 17.27 -0.99 10.46
CA SER I 216 18.56 -1.19 11.13
C SER I 216 19.05 -2.63 11.07
N LEU I 217 20.37 -2.81 11.14
CA LEU I 217 20.98 -4.12 11.22
C LEU I 217 21.24 -4.52 12.68
N PRO I 218 21.09 -5.82 12.99
CA PRO I 218 21.36 -6.40 14.31
C PRO I 218 22.81 -6.23 14.77
N SER I 219 22.99 -6.04 16.07
CA SER I 219 24.30 -5.70 16.64
C SER I 219 25.21 -6.92 16.81
N TYR I 220 24.63 -8.11 16.85
CA TYR I 220 25.40 -9.34 16.94
C TYR I 220 24.80 -10.41 16.05
N GLY I 221 25.64 -11.32 15.58
CA GLY I 221 25.20 -12.36 14.66
C GLY I 221 25.77 -12.17 13.28
N LEU I 222 26.46 -11.06 13.07
CA LEU I 222 27.04 -10.74 11.76
C LEU I 222 28.57 -10.87 11.78
N GLU I 223 29.12 -11.38 12.87
CA GLU I 223 30.57 -11.48 12.98
C GLU I 223 31.15 -12.30 11.80
N ASN I 224 30.28 -13.08 11.15
CA ASN I 224 30.71 -13.92 10.02
C ASN I 224 30.28 -13.41 8.64
N LEU I 225 29.80 -12.18 8.57
CA LEU I 225 29.28 -11.61 7.32
C LEU I 225 30.38 -11.14 6.36
N LYS I 226 30.49 -11.82 5.23
CA LYS I 226 31.48 -11.48 4.22
C LYS I 226 30.88 -10.55 3.15
N LYS I 227 29.60 -10.74 2.86
CA LYS I 227 28.94 -10.03 1.76
C LYS I 227 27.54 -9.54 2.10
N LEU I 228 27.38 -8.22 2.03
CA LEU I 228 26.13 -7.55 2.34
C LEU I 228 25.57 -6.87 1.10
N ARG I 229 24.36 -7.26 0.73
CA ARG I 229 23.68 -6.64 -0.38
C ARG I 229 22.44 -5.93 0.15
N ALA I 230 22.50 -4.60 0.15
CA ALA I 230 21.36 -3.77 0.50
C ALA I 230 21.13 -2.70 -0.58
N ARG I 231 20.35 -3.07 -1.61
CA ARG I 231 20.11 -2.19 -2.73
C ARG I 231 18.77 -1.53 -2.52
N SER I 232 18.70 -0.22 -2.73
CA SER I 232 17.45 0.49 -2.58
C SER I 232 16.85 0.08 -1.24
N THR I 233 17.67 0.13 -0.20
CA THR I 233 17.19 -0.09 1.15
C THR I 233 17.24 1.26 1.83
N TYR I 234 16.14 1.99 1.74
CA TYR I 234 16.22 3.43 1.90
C TYR I 234 16.21 3.93 3.33
N ASN I 235 15.43 3.32 4.20
CA ASN I 235 15.46 3.78 5.59
C ASN I 235 16.49 3.03 6.44
N LEU I 236 17.36 2.26 5.80
CA LEU I 236 18.55 1.75 6.50
C LEU I 236 19.64 2.79 6.38
N LYS I 237 19.80 3.62 7.42
CA LYS I 237 20.66 4.79 7.31
C LYS I 237 22.00 4.67 8.04
N LYS I 238 22.00 4.16 9.27
CA LYS I 238 23.28 3.90 9.94
C LYS I 238 23.83 2.59 9.40
N LEU I 239 24.52 1.83 10.24
CA LEU I 239 25.11 0.55 9.87
C LEU I 239 26.11 0.27 10.96
N PRO I 240 26.30 -1.01 11.30
CA PRO I 240 27.34 -1.38 12.23
C PRO I 240 28.70 -0.87 11.80
N THR I 241 29.59 -0.63 12.76
CA THR I 241 30.93 -0.18 12.46
C THR I 241 31.70 -1.36 11.91
N LEU I 242 32.79 -1.09 11.20
CA LEU I 242 33.66 -2.15 10.69
C LEU I 242 34.12 -3.11 11.79
N GLU I 243 34.28 -2.60 13.01
CA GLU I 243 34.75 -3.43 14.10
C GLU I 243 33.70 -4.49 14.43
N LYS I 244 32.43 -4.20 14.17
CA LYS I 244 31.38 -5.19 14.39
C LYS I 244 31.19 -6.14 13.20
N LEU I 245 31.45 -5.67 11.99
CA LEU I 245 31.44 -6.53 10.82
C LEU I 245 32.87 -6.88 10.45
N VAL I 246 33.40 -7.91 11.10
CA VAL I 246 34.83 -8.19 11.05
C VAL I 246 35.20 -8.95 9.79
N ALA I 247 34.21 -9.65 9.22
CA ALA I 247 34.45 -10.52 8.08
C ALA I 247 34.07 -9.90 6.72
N LEU I 248 33.42 -8.75 6.74
CA LEU I 248 32.88 -8.14 5.51
C LEU I 248 33.96 -7.85 4.47
N MET I 249 33.82 -8.45 3.28
CA MET I 249 34.72 -8.15 2.17
C MET I 249 34.01 -7.39 1.05
N GLU I 250 32.68 -7.43 1.06
CA GLU I 250 31.92 -6.88 -0.06
C GLU I 250 30.57 -6.36 0.36
N ALA I 251 30.27 -5.13 -0.05
CA ALA I 251 29.00 -4.48 0.26
C ALA I 251 28.48 -3.72 -0.94
N SER I 252 27.28 -4.07 -1.39
CA SER I 252 26.61 -3.26 -2.39
C SER I 252 25.40 -2.60 -1.75
N LEU I 253 25.56 -1.31 -1.47
CA LEU I 253 24.68 -0.57 -0.60
C LEU I 253 23.83 0.45 -1.36
N THR I 254 23.18 1.35 -0.60
CA THR I 254 22.33 2.36 -1.20
C THR I 254 22.94 3.76 -1.11
N TYR I 255 23.36 4.14 0.09
CA TYR I 255 23.91 5.46 0.33
C TYR I 255 25.43 5.50 0.22
N PRO I 256 25.96 6.24 -0.76
CA PRO I 256 27.40 6.33 -1.03
C PRO I 256 28.24 6.66 0.21
N SER I 257 27.69 7.43 1.13
CA SER I 257 28.46 7.84 2.31
C SER I 257 28.87 6.62 3.12
N HIS I 258 28.06 5.57 3.04
CA HIS I 258 28.40 4.30 3.66
C HIS I 258 29.72 3.80 3.08
N CYS I 259 29.81 3.75 1.76
CA CYS I 259 31.01 3.25 1.07
C CYS I 259 32.23 4.10 1.34
N CYS I 260 32.03 5.38 1.60
CA CYS I 260 33.13 6.25 2.00
C CYS I 260 33.59 5.83 3.39
N ALA I 261 32.65 5.62 4.29
CA ALA I 261 32.97 5.13 5.62
C ALA I 261 33.89 3.91 5.53
N PHE I 262 33.51 2.95 4.69
CA PHE I 262 34.28 1.72 4.58
C PHE I 262 35.66 1.96 3.96
N ALA I 263 35.73 2.75 2.89
CA ALA I 263 37.00 2.98 2.22
C ALA I 263 37.97 3.73 3.12
N ASN I 264 37.44 4.49 4.07
CA ASN I 264 38.27 5.31 4.95
C ASN I 264 38.75 4.60 6.21
N TRP I 265 38.16 3.45 6.54
CA TRP I 265 38.64 2.71 7.71
C TRP I 265 39.30 1.38 7.34
N ARG I 266 40.55 1.50 6.91
CA ARG I 266 41.46 0.38 6.76
C ARG I 266 40.98 -0.78 7.60
N ARG I 267 41.09 -0.55 8.91
CA ARG I 267 40.55 -1.40 9.97
C ARG I 267 41.10 -2.82 10.07
N GLN I 268 41.99 -2.95 11.05
CA GLN I 268 42.59 -4.22 11.44
C GLN I 268 43.79 -4.64 10.60
N ILE I 269 44.96 -4.12 10.95
CA ILE I 269 46.19 -4.83 10.67
C ILE I 269 46.09 -6.05 11.59
N SER I 270 47.02 -6.99 11.44
CA SER I 270 47.14 -8.11 12.37
C SER I 270 45.82 -8.79 12.75
N GLU I 271 45.24 -9.57 11.84
CA GLU I 271 44.16 -10.48 12.21
C GLU I 271 43.82 -11.54 11.15
N LEU I 272 43.58 -12.77 11.62
CA LEU I 272 43.12 -13.88 10.79
C LEU I 272 44.22 -14.47 9.86
N HIS I 273 45.29 -13.70 9.67
CA HIS I 273 46.60 -14.22 9.22
C HIS I 273 46.61 -15.18 8.01
N PRO I 274 46.70 -14.60 6.79
CA PRO I 274 46.76 -15.28 5.50
C PRO I 274 48.17 -15.43 4.89
N ILE I 275 48.36 -16.50 4.12
CA ILE I 275 49.41 -16.54 3.10
C ILE I 275 48.86 -17.33 1.92
N CYS I 276 49.56 -17.32 0.78
CA CYS I 276 48.94 -17.85 -0.43
C CYS I 276 49.85 -18.48 -1.49
N ASN I 277 49.31 -18.50 -2.71
CA ASN I 277 49.87 -19.26 -3.82
C ASN I 277 51.24 -18.76 -4.27
N LYS I 278 51.87 -19.51 -5.17
CA LYS I 278 53.18 -19.15 -5.71
C LYS I 278 53.21 -19.33 -7.23
N SER I 279 53.04 -20.56 -7.69
CA SER I 279 53.00 -20.90 -9.11
C SER I 279 54.14 -21.85 -9.46
N THR I 315 38.58 -14.62 -19.02
CA THR I 315 37.31 -14.01 -19.39
C THR I 315 36.43 -13.77 -18.16
N GLU I 316 36.15 -14.83 -17.40
CA GLU I 316 35.49 -14.70 -16.09
C GLU I 316 36.40 -15.26 -14.98
N PHE I 317 36.36 -14.61 -13.81
CA PHE I 317 37.36 -14.84 -12.76
C PHE I 317 37.35 -16.23 -12.11
N ASP I 318 38.51 -16.62 -11.57
CA ASP I 318 38.59 -17.72 -10.61
C ASP I 318 38.45 -17.09 -9.21
N TYS I 319 38.67 -17.86 -8.15
CA TYS I 319 38.23 -17.41 -6.82
CB TYS I 319 37.15 -18.34 -6.27
CG TYS I 319 37.24 -19.76 -6.79
CD1 TYS I 319 36.51 -20.77 -6.21
CD2 TYS I 319 38.05 -20.08 -7.87
CE1 TYS I 319 36.58 -22.08 -6.68
CE2 TYS I 319 38.14 -21.37 -8.35
CZ TYS I 319 37.40 -22.36 -7.74
OH TYS I 319 37.45 -23.66 -8.21
S TYS I 319 35.92 -24.10 -8.41
O1 TYS I 319 35.81 -25.19 -9.46
O2 TYS I 319 35.12 -22.89 -8.87
O3 TYS I 319 35.38 -24.61 -7.10
C TYS I 319 39.32 -17.19 -5.77
O TYS I 319 39.02 -16.87 -4.62
N ASP I 320 40.59 -17.37 -6.15
CA ASP I 320 41.71 -16.87 -5.35
C ASP I 320 41.40 -16.67 -3.87
N LEU I 321 41.77 -17.65 -3.03
CA LEU I 321 41.71 -17.43 -1.59
C LEU I 321 43.11 -17.13 -1.03
N CYS I 322 43.52 -15.86 -1.14
CA CYS I 322 44.81 -15.42 -0.61
C CYS I 322 44.63 -14.42 0.52
N ASN I 323 43.41 -13.90 0.65
CA ASN I 323 43.19 -12.66 1.36
C ASN I 323 44.11 -11.59 0.76
N GLU I 324 44.01 -11.39 -0.55
CA GLU I 324 44.89 -10.45 -1.26
C GLU I 324 44.54 -9.01 -0.93
N VAL I 325 43.33 -8.83 -0.43
CA VAL I 325 42.59 -7.58 -0.60
C VAL I 325 42.26 -6.89 0.73
N VAL I 326 42.66 -5.63 0.88
CA VAL I 326 42.45 -4.92 2.15
C VAL I 326 41.01 -4.43 2.30
N ASP I 327 40.70 -3.31 1.64
CA ASP I 327 39.45 -2.60 1.90
C ASP I 327 38.24 -3.28 1.29
N VAL I 328 37.13 -3.23 2.02
CA VAL I 328 35.85 -3.72 1.55
C VAL I 328 35.55 -3.17 0.16
N THR I 329 35.21 -4.05 -0.77
CA THR I 329 34.73 -3.61 -2.07
C THR I 329 33.31 -3.10 -1.89
N CYS I 330 33.11 -1.82 -2.18
CA CYS I 330 31.84 -1.17 -1.83
C CYS I 330 31.26 -0.40 -2.98
N SER I 331 29.94 -0.45 -3.12
CA SER I 331 29.22 0.34 -4.11
C SER I 331 27.88 0.76 -3.54
N PRO I 332 27.36 1.93 -3.95
CA PRO I 332 27.93 2.84 -4.95
C PRO I 332 29.14 3.60 -4.45
N LYS I 333 30.22 3.62 -5.22
CA LYS I 333 31.38 4.42 -4.86
C LYS I 333 31.08 5.87 -5.20
N PRO I 334 31.43 6.79 -4.28
CA PRO I 334 31.01 8.18 -4.42
C PRO I 334 31.83 8.96 -5.44
N ASP I 335 32.03 8.37 -6.62
CA ASP I 335 32.84 9.01 -7.65
C ASP I 335 32.09 10.15 -8.33
N ALA I 336 30.87 9.87 -8.78
CA ALA I 336 30.06 10.87 -9.48
C ALA I 336 29.79 12.05 -8.56
N PHE I 337 30.13 13.25 -9.02
CA PHE I 337 29.94 14.45 -8.23
C PHE I 337 30.32 14.14 -6.79
N ASN I 338 29.54 14.72 -5.87
CA ASN I 338 29.52 14.33 -4.47
C ASN I 338 30.61 13.34 -4.03
N PRO I 339 31.83 13.86 -3.77
CA PRO I 339 32.84 13.10 -3.04
C PRO I 339 32.31 12.83 -1.64
N CYS I 340 33.16 12.40 -0.71
CA CYS I 340 32.67 12.06 0.62
C CYS I 340 31.82 13.21 1.17
N GLU I 341 31.69 14.27 0.36
CA GLU I 341 30.82 15.41 0.69
C GLU I 341 31.12 15.93 2.09
N ASP I 342 30.05 16.35 2.76
CA ASP I 342 30.04 16.47 4.21
C ASP I 342 28.59 16.29 4.67
N ILE I 343 28.41 15.51 5.74
CA ILE I 343 27.08 14.97 6.09
C ILE I 343 26.21 14.84 4.85
C1 NAG J . -8.61 -16.14 9.22
C2 NAG J . -7.26 -16.67 8.83
C3 NAG J . -6.98 -16.17 7.44
C4 NAG J . -7.88 -17.08 6.64
C5 NAG J . -9.26 -17.01 7.20
C6 NAG J . -10.07 -18.11 6.54
C7 NAG J . -5.43 -15.44 9.63
C8 NAG J . -4.38 -15.21 10.69
N2 NAG J . -6.27 -16.41 9.83
O3 NAG J . -5.63 -16.37 7.09
O4 NAG J . -7.99 -16.70 5.29
O5 NAG J . -9.28 -17.23 8.61
O6 NAG J . -11.41 -17.67 6.53
O7 NAG J . -5.54 -14.77 8.61
C1 NAG K . -18.31 5.35 51.68
C2 NAG K . -18.15 6.18 52.94
C3 NAG K . -18.33 5.30 54.16
C4 NAG K . -19.63 4.57 54.04
C5 NAG K . -19.61 3.78 52.77
C6 NAG K . -20.96 3.10 52.79
C7 NAG K . -16.70 8.11 52.85
C8 NAG K . -15.31 8.68 53.00
N2 NAG K . -16.84 6.79 53.04
O3 NAG K . -18.34 6.03 55.38
O4 NAG K . -19.76 3.63 55.09
O5 NAG K . -19.59 4.74 51.76
O6 NAG K . -21.84 4.18 52.97
O7 NAG K . -17.65 8.84 52.57
C1 NAG L . -12.41 -32.41 26.28
C2 NAG L . -13.02 -33.75 25.87
C3 NAG L . -12.05 -34.83 25.33
C4 NAG L . -10.61 -34.37 25.16
C5 NAG L . -10.35 -33.30 26.18
C6 NAG L . -8.84 -33.09 26.23
C7 NAG L . -14.59 -33.60 27.78
C8 NAG L . -15.33 -34.36 28.84
N2 NAG L . -13.81 -34.33 26.97
O3 NAG L . -12.51 -35.37 24.10
O4 NAG L . -9.76 -35.48 25.43
O5 NAG L . -11.11 -32.21 25.74
O6 NAG L . -8.33 -34.25 26.89
O7 NAG L . -14.71 -32.38 27.71
C1 NAG M . -18.01 -34.05 20.28
C2 NAG M . -17.26 -35.35 20.59
C3 NAG M . -17.03 -35.50 22.10
C4 NAG M . -17.54 -34.20 22.72
C5 NAG M . -19.05 -34.21 22.42
C6 NAG M . -19.83 -33.21 23.27
C7 NAG M . -18.81 -36.16 19.00
C8 NAG M . -19.65 -37.31 18.47
N2 NAG M . -18.08 -36.42 20.08
O3 NAG M . -15.66 -35.69 22.40
O4 NAG M . -17.22 -34.15 24.08
O5 NAG M . -19.23 -33.97 21.02
O6 NAG M . -18.95 -32.31 23.92
O7 NAG M . -18.80 -35.05 18.44
C1 NAG N . -18.22 9.60 -3.82
C2 NAG N . -18.07 9.65 -2.33
C3 NAG N . -17.62 8.29 -1.88
C4 NAG N . -18.88 7.47 -2.08
C5 NAG N . -19.45 7.71 -3.47
C6 NAG N . -20.86 7.16 -3.49
C7 NAG N . -16.04 10.63 -1.50
C8 NAG N . -15.33 11.84 -0.99
N2 NAG N . -17.31 10.77 -1.86
O3 NAG N . -17.32 8.28 -0.50
O4 NAG N . -18.62 6.10 -1.91
O5 NAG N . -19.53 9.07 -3.84
O6 NAG N . -21.17 6.83 -4.82
O7 NAG N . -15.49 9.54 -1.54
C1 NAG O . -0.61 45.05 -31.94
C2 NAG O . 0.41 46.09 -32.34
C3 NAG O . -0.26 47.44 -32.47
C4 NAG O . -1.53 47.39 -33.30
C5 NAG O . -2.39 46.25 -32.83
C6 NAG O . -3.58 46.18 -33.77
C7 NAG O . 2.70 46.00 -31.57
C8 NAG O . 3.66 46.23 -30.44
N2 NAG O . 1.41 46.25 -31.32
O3 NAG O . 0.68 48.30 -33.07
O4 NAG O . -2.28 48.58 -33.11
O5 NAG O . -1.58 45.10 -32.97
O6 NAG O . -3.29 45.15 -34.70
O7 NAG O . 3.12 45.63 -32.67
C1 NAG P . -33.20 28.56 -4.16
C2 NAG P . -33.61 27.28 -3.44
C3 NAG P . -34.58 27.64 -2.33
C4 NAG P . -33.94 28.67 -1.45
C5 NAG P . -33.51 29.88 -2.27
C6 NAG P . -32.94 30.92 -1.31
C7 NAG P . -35.52 25.94 -4.21
C8 NAG P . -36.02 24.90 -5.19
N2 NAG P . -34.22 26.29 -4.32
O3 NAG P . -34.79 26.49 -1.53
O4 NAG P . -34.84 29.05 -0.44
O5 NAG P . -32.58 29.43 -3.23
O6 NAG P . -33.99 31.46 -0.52
O7 NAG P . -36.31 26.42 -3.38
C1 NAG Q . -37.31 22.17 -7.06
C2 NAG Q . -37.07 22.79 -8.41
C3 NAG Q . -38.33 23.48 -8.91
C4 NAG Q . -39.58 23.19 -8.08
C5 NAG Q . -39.50 22.01 -7.10
C6 NAG Q . -40.72 21.10 -7.20
C7 NAG Q . -35.98 24.78 -9.25
C8 NAG Q . -34.84 25.77 -9.13
N2 NAG Q . -36.03 23.77 -8.35
O3 NAG Q . -38.55 23.14 -10.26
O4 NAG Q . -39.94 24.34 -7.34
O5 NAG Q . -38.36 21.27 -7.31
O6 NAG Q . -41.82 21.87 -6.77
O7 NAG Q . -36.83 24.90 -10.15
C1 NAG R . 1.96 -9.07 -18.87
C2 NAG R . 2.13 -7.60 -19.12
C3 NAG R . 1.12 -6.83 -18.32
C4 NAG R . -0.13 -7.15 -19.12
C5 NAG R . -0.25 -8.64 -19.34
C6 NAG R . -1.36 -8.86 -20.36
C7 NAG R . 3.81 -6.43 -17.96
C8 NAG R . 5.24 -5.96 -17.85
N2 NAG R . 3.49 -7.16 -18.99
O3 NAG R . 1.36 -5.43 -18.36
O4 NAG R . -1.29 -6.72 -18.44
O5 NAG R . 0.93 -9.26 -19.82
O6 NAG R . -1.75 -10.21 -20.18
O7 NAG R . 2.96 -6.16 -17.11
C1 NAG S . 39.67 -37.76 -8.73
C2 NAG S . 41.02 -38.05 -8.12
C3 NAG S . 42.00 -38.56 -9.16
C4 NAG S . 41.38 -39.64 -10.04
C5 NAG S . 40.00 -39.21 -10.47
C6 NAG S . 39.40 -40.32 -11.29
C7 NAG S . 41.93 -36.80 -6.27
C8 NAG S . 42.52 -35.50 -5.80
N2 NAG S . 41.58 -36.85 -7.55
O3 NAG S . 43.14 -39.06 -8.49
O4 NAG S . 42.10 -39.79 -11.23
O5 NAG S . 39.27 -39.00 -9.30
O6 NAG S . 38.54 -40.98 -10.39
O7 NAG S . 41.79 -37.74 -5.48
C1 NAG T . 12.14 -15.44 -39.07
C2 NAG T . 12.81 -15.71 -40.41
C3 NAG T . 13.44 -14.41 -40.87
C4 NAG T . 12.54 -13.20 -40.60
C5 NAG T . 11.27 -13.40 -39.76
C6 NAG T . 10.12 -12.87 -40.60
C7 NAG T . 15.05 -16.61 -40.73
C8 NAG T . 15.96 -17.76 -40.42
N2 NAG T . 13.82 -16.72 -40.21
O3 NAG T . 13.70 -14.48 -42.25
O4 NAG T . 13.34 -12.21 -39.97
O5 NAG T . 10.98 -14.73 -39.41
O6 NAG T . 10.06 -11.46 -40.43
O7 NAG T . 15.43 -15.65 -41.44
C1 NAG U . 4.85 -18.28 -39.97
C2 NAG U . 4.13 -17.97 -41.28
C3 NAG U . 4.34 -18.97 -42.40
C4 NAG U . 5.32 -20.12 -42.13
C5 NAG U . 5.83 -20.20 -40.71
C6 NAG U . 7.11 -21.02 -40.66
C7 NAG U . 2.38 -19.30 -40.43
C8 NAG U . 0.91 -19.44 -40.14
N2 NAG U . 2.74 -18.14 -40.99
O3 NAG U . 4.67 -18.30 -43.61
O4 NAG U . 4.69 -21.36 -42.36
O5 NAG U . 6.08 -18.89 -40.26
O6 NAG U . 7.27 -21.58 -39.35
O7 NAG U . 3.21 -20.19 -40.15
C1 NAG V . -10.99 26.74 20.35
C2 NAG V . -11.40 27.26 18.96
C3 NAG V . -12.38 28.40 19.10
C4 NAG V . -13.55 27.85 19.87
C5 NAG V . -13.05 27.42 21.24
C6 NAG V . -14.22 27.02 22.13
C7 NAG V . -10.24 27.58 16.85
C8 NAG V . -8.96 27.99 16.19
N2 NAG V . -10.25 27.64 18.19
O3 NAG V . -12.79 28.81 17.82
O4 NAG V . -14.57 28.82 20.02
O5 NAG V . -12.14 26.34 21.07
O6 NAG V . -14.76 25.80 21.68
O7 NAG V . -11.21 27.21 16.17
C1 NAG W . 19.50 12.06 -26.38
C2 NAG W . 19.64 10.55 -26.63
C3 NAG W . 20.28 10.32 -27.99
C4 NAG W . 19.37 10.97 -29.00
C5 NAG W . 19.30 12.45 -28.68
C6 NAG W . 18.49 13.16 -29.75
C7 NAG W . 20.09 8.74 -25.11
C8 NAG W . 20.99 8.20 -24.04
N2 NAG W . 20.43 9.92 -25.60
O3 NAG W . 20.39 8.94 -28.27
O4 NAG W . 19.89 10.77 -30.31
O5 NAG W . 18.70 12.62 -27.41
O6 NAG W . 17.12 12.86 -29.59
O7 NAG W . 19.10 8.10 -25.49
C1 NAG X . 17.91 -22.80 19.82
C2 NAG X . 16.59 -22.77 20.60
C3 NAG X . 16.56 -23.89 21.62
C4 NAG X . 16.75 -25.19 20.87
C5 NAG X . 18.08 -25.11 20.14
C6 NAG X . 18.35 -26.45 19.48
C7 NAG X . 15.20 -20.97 21.37
C8 NAG X . 15.15 -19.64 22.05
N2 NAG X . 16.41 -21.50 21.25
O3 NAG X . 15.34 -23.90 22.34
O4 NAG X . 16.78 -26.25 21.80
O5 NAG X . 18.05 -24.06 19.19
O6 NAG X . 17.44 -26.65 18.43
O7 NAG X . 14.17 -21.52 20.95
#